data_5W20
# 
_entry.id   5W20 
# 
_audit_conform.dict_name       mmcif_pdbx.dic 
_audit_conform.dict_version    5.387 
_audit_conform.dict_location   http://mmcif.pdb.org/dictionaries/ascii/mmcif_pdbx.dic 
# 
loop_
_database_2.database_id 
_database_2.database_code 
_database_2.pdbx_database_accession 
_database_2.pdbx_DOI 
PDB   5W20         pdb_00005w20 10.2210/pdb5w20/pdb 
WWPDB D_1000228287 ?            ?                   
# 
loop_
_pdbx_audit_revision_history.ordinal 
_pdbx_audit_revision_history.data_content_type 
_pdbx_audit_revision_history.major_revision 
_pdbx_audit_revision_history.minor_revision 
_pdbx_audit_revision_history.revision_date 
1 'Structure model' 1 0 2017-08-23 
2 'Structure model' 1 1 2017-08-30 
3 'Structure model' 1 2 2017-09-13 
4 'Structure model' 1 3 2018-10-24 
5 'Structure model' 1 4 2024-03-13 
# 
_pdbx_audit_revision_details.ordinal             1 
_pdbx_audit_revision_details.revision_ordinal    1 
_pdbx_audit_revision_details.data_content_type   'Structure model' 
_pdbx_audit_revision_details.provider            repository 
_pdbx_audit_revision_details.type                'Initial release' 
_pdbx_audit_revision_details.description         ? 
_pdbx_audit_revision_details.details             ? 
# 
loop_
_pdbx_audit_revision_group.ordinal 
_pdbx_audit_revision_group.revision_ordinal 
_pdbx_audit_revision_group.data_content_type 
_pdbx_audit_revision_group.group 
1 2 'Structure model' 'Database references'  
2 3 'Structure model' 'Database references'  
3 4 'Structure model' 'Data collection'      
4 4 'Structure model' 'Database references'  
5 5 'Structure model' 'Data collection'      
6 5 'Structure model' 'Database references'  
7 5 'Structure model' 'Derived calculations' 
# 
loop_
_pdbx_audit_revision_category.ordinal 
_pdbx_audit_revision_category.revision_ordinal 
_pdbx_audit_revision_category.data_content_type 
_pdbx_audit_revision_category.category 
1  2 'Structure model' citation               
2  2 'Structure model' citation_author        
3  3 'Structure model' citation               
4  4 'Structure model' citation               
5  4 'Structure model' citation_author        
6  5 'Structure model' chem_comp_atom         
7  5 'Structure model' chem_comp_bond         
8  5 'Structure model' database_2             
9  5 'Structure model' pdbx_struct_conn_angle 
10 5 'Structure model' struct_conn            
# 
loop_
_pdbx_audit_revision_item.ordinal 
_pdbx_audit_revision_item.revision_ordinal 
_pdbx_audit_revision_item.data_content_type 
_pdbx_audit_revision_item.item 
1  2 'Structure model' '_citation.journal_abbrev'                    
2  2 'Structure model' '_citation.page_first'                        
3  2 'Structure model' '_citation.page_last'                         
4  2 'Structure model' '_citation.pdbx_database_id_PubMed'           
5  2 'Structure model' '_citation.title'                             
6  2 'Structure model' '_citation_author.name'                       
7  3 'Structure model' '_citation.page_last'                         
8  4 'Structure model' '_citation.journal_volume'                    
9  4 'Structure model' '_citation.page_first'                        
10 4 'Structure model' '_citation.page_last'                         
11 4 'Structure model' '_citation.year'                              
12 4 'Structure model' '_citation_author.name'                       
13 5 'Structure model' '_database_2.pdbx_DOI'                        
14 5 'Structure model' '_database_2.pdbx_database_accession'         
15 5 'Structure model' '_pdbx_struct_conn_angle.ptnr1_auth_asym_id'  
16 5 'Structure model' '_pdbx_struct_conn_angle.ptnr1_auth_seq_id'   
17 5 'Structure model' '_pdbx_struct_conn_angle.ptnr1_label_asym_id' 
18 5 'Structure model' '_pdbx_struct_conn_angle.ptnr1_symmetry'      
19 5 'Structure model' '_pdbx_struct_conn_angle.ptnr2_auth_seq_id'   
20 5 'Structure model' '_pdbx_struct_conn_angle.ptnr2_label_asym_id' 
21 5 'Structure model' '_pdbx_struct_conn_angle.ptnr3_auth_asym_id'  
22 5 'Structure model' '_pdbx_struct_conn_angle.ptnr3_auth_seq_id'   
23 5 'Structure model' '_pdbx_struct_conn_angle.ptnr3_label_asym_id' 
24 5 'Structure model' '_pdbx_struct_conn_angle.ptnr3_symmetry'      
25 5 'Structure model' '_pdbx_struct_conn_angle.value'               
26 5 'Structure model' '_struct_conn.pdbx_dist_value'                
27 5 'Structure model' '_struct_conn.ptnr1_auth_asym_id'             
28 5 'Structure model' '_struct_conn.ptnr1_auth_comp_id'             
29 5 'Structure model' '_struct_conn.ptnr1_auth_seq_id'              
30 5 'Structure model' '_struct_conn.ptnr1_label_asym_id'            
31 5 'Structure model' '_struct_conn.ptnr1_label_atom_id'            
32 5 'Structure model' '_struct_conn.ptnr1_label_comp_id'            
33 5 'Structure model' '_struct_conn.ptnr2_auth_asym_id'             
34 5 'Structure model' '_struct_conn.ptnr2_auth_comp_id'             
35 5 'Structure model' '_struct_conn.ptnr2_auth_seq_id'              
36 5 'Structure model' '_struct_conn.ptnr2_label_asym_id'            
37 5 'Structure model' '_struct_conn.ptnr2_label_atom_id'            
38 5 'Structure model' '_struct_conn.ptnr2_label_comp_id'            
39 5 'Structure model' '_struct_conn.ptnr2_symmetry'                 
# 
_pdbx_database_status.status_code                     REL 
_pdbx_database_status.status_code_sf                  REL 
_pdbx_database_status.status_code_mr                  ? 
_pdbx_database_status.entry_id                        5W20 
_pdbx_database_status.recvd_initial_deposition_date   2017-06-05 
_pdbx_database_status.SG_entry                        N 
_pdbx_database_status.deposit_site                    RCSB 
_pdbx_database_status.process_site                    RCSB 
_pdbx_database_status.status_code_cs                  ? 
_pdbx_database_status.methods_development_category    ? 
_pdbx_database_status.pdb_format_compatible           Y 
_pdbx_database_status.status_code_nmr_data            ? 
# 
_pdbx_database_related.db_name        PDB 
_pdbx_database_related.details        . 
_pdbx_database_related.db_id          5W1Z 
_pdbx_database_related.content_type   unspecified 
# 
loop_
_audit_author.name 
_audit_author.pdbx_ordinal 
_audit_author.identifier_ORCID 
'Pallan, P.S.' 1 ? 
'Egli, M.'     2 ? 
# 
_citation.abstract                  ? 
_citation.abstract_id_CAS           ? 
_citation.book_id_ISBN              ? 
_citation.book_publisher            ? 
_citation.book_publisher_city       ? 
_citation.book_title                ? 
_citation.coordinate_linkage        ? 
_citation.country                   US 
_citation.database_id_Medline       ? 
_citation.details                   ? 
_citation.id                        primary 
_citation.journal_abbrev            'J. Biomol. Struct. Dyn.' 
_citation.journal_id_ASTM           JBSDD6 
_citation.journal_id_CSD            0646 
_citation.journal_id_ISSN           1538-0254 
_citation.journal_full              ? 
_citation.journal_issue             ? 
_citation.journal_volume            36 
_citation.language                  ? 
_citation.page_first                2753 
_citation.page_last                 2772 
_citation.title                     
'Comparative analysis of inosine-substituted duplex DNA by circular dichroism and X-ray crystallography.' 
_citation.year                      2018 
_citation.database_id_CSD           ? 
_citation.pdbx_database_id_DOI      10.1080/07391102.2017.1369164 
_citation.pdbx_database_id_PubMed   28818035 
_citation.unpublished_flag          ? 
# 
loop_
_citation_author.citation_id 
_citation_author.name 
_citation_author.ordinal 
_citation_author.identifier_ORCID 
primary 'Peters, J.P.'     1 ? 
primary 'Kowal, E.A.'      2 ? 
primary 'Pallan, P.S.'     3 ? 
primary 'Egli, M.'         4 ? 
primary 'Maher 3rd., L.J.' 5 ? 
# 
loop_
_entity.id 
_entity.type 
_entity.src_method 
_entity.pdbx_description 
_entity.formula_weight 
_entity.pdbx_number_of_molecules 
_entity.pdbx_ec 
_entity.pdbx_mutation 
_entity.pdbx_fragment 
_entity.details 
1 polymer     syn 
;DNA (5'-D(*CP*CP*AP*IP*IP*CP*CP*TP*GP*G)-3')
;
3015.965 2   ? ? ? ? 
2 non-polymer syn 'MAGNESIUM ION'                                24.305   6   ? ? ? ? 
3 water       nat water                                          18.015   179 ? ? ? ? 
# 
_entity_poly.entity_id                      1 
_entity_poly.type                           polydeoxyribonucleotide 
_entity_poly.nstd_linkage                   no 
_entity_poly.nstd_monomer                   no 
_entity_poly.pdbx_seq_one_letter_code       '(DC)(DC)(DA)(DI)(DI)(DC)(DC)(DT)(DG)(DG)' 
_entity_poly.pdbx_seq_one_letter_code_can   CCAIICCTGG 
_entity_poly.pdbx_strand_id                 A,B 
_entity_poly.pdbx_target_identifier         ? 
# 
loop_
_pdbx_entity_nonpoly.entity_id 
_pdbx_entity_nonpoly.name 
_pdbx_entity_nonpoly.comp_id 
2 'MAGNESIUM ION' MG  
3 water           HOH 
# 
loop_
_entity_poly_seq.entity_id 
_entity_poly_seq.num 
_entity_poly_seq.mon_id 
_entity_poly_seq.hetero 
1 1  DC n 
1 2  DC n 
1 3  DA n 
1 4  DI n 
1 5  DI n 
1 6  DC n 
1 7  DC n 
1 8  DT n 
1 9  DG n 
1 10 DG n 
# 
_pdbx_entity_src_syn.entity_id              1 
_pdbx_entity_src_syn.pdbx_src_id            1 
_pdbx_entity_src_syn.pdbx_alt_source_flag   sample 
_pdbx_entity_src_syn.pdbx_beg_seq_num       1 
_pdbx_entity_src_syn.pdbx_end_seq_num       10 
_pdbx_entity_src_syn.organism_scientific    'synthetic construct' 
_pdbx_entity_src_syn.organism_common_name   ? 
_pdbx_entity_src_syn.ncbi_taxonomy_id       32630 
_pdbx_entity_src_syn.details                ? 
# 
loop_
_chem_comp.id 
_chem_comp.type 
_chem_comp.mon_nstd_flag 
_chem_comp.name 
_chem_comp.pdbx_synonyms 
_chem_comp.formula 
_chem_comp.formula_weight 
DA  'DNA linking' y "2'-DEOXYADENOSINE-5'-MONOPHOSPHATE" ? 'C10 H14 N5 O6 P' 331.222 
DC  'DNA linking' y "2'-DEOXYCYTIDINE-5'-MONOPHOSPHATE"  ? 'C9 H14 N3 O7 P'  307.197 
DG  'DNA linking' y "2'-DEOXYGUANOSINE-5'-MONOPHOSPHATE" ? 'C10 H14 N5 O7 P' 347.221 
DI  'DNA linking' y "2'-DEOXYINOSINE-5'-MONOPHOSPHATE"   ? 'C10 H13 N4 O7 P' 332.207 
DT  'DNA linking' y "THYMIDINE-5'-MONOPHOSPHATE"         ? 'C10 H15 N2 O8 P' 322.208 
HOH non-polymer   . WATER                                ? 'H2 O'            18.015  
MG  non-polymer   . 'MAGNESIUM ION'                      ? 'Mg 2'            24.305  
# 
loop_
_pdbx_poly_seq_scheme.asym_id 
_pdbx_poly_seq_scheme.entity_id 
_pdbx_poly_seq_scheme.seq_id 
_pdbx_poly_seq_scheme.mon_id 
_pdbx_poly_seq_scheme.ndb_seq_num 
_pdbx_poly_seq_scheme.pdb_seq_num 
_pdbx_poly_seq_scheme.auth_seq_num 
_pdbx_poly_seq_scheme.pdb_mon_id 
_pdbx_poly_seq_scheme.auth_mon_id 
_pdbx_poly_seq_scheme.pdb_strand_id 
_pdbx_poly_seq_scheme.pdb_ins_code 
_pdbx_poly_seq_scheme.hetero 
A 1 1  DC 1  1  1  DC DC A . n 
A 1 2  DC 2  2  2  DC DC A . n 
A 1 3  DA 3  3  3  DA DA A . n 
A 1 4  DI 4  4  4  DI DI A . n 
A 1 5  DI 5  5  5  DI DI A . n 
A 1 6  DC 6  6  6  DC DC A . n 
A 1 7  DC 7  7  7  DC DC A . n 
A 1 8  DT 8  8  8  DT DT A . n 
A 1 9  DG 9  9  9  DG DG A . n 
A 1 10 DG 10 10 10 DG DG A . n 
B 1 1  DC 1  1  1  DC DC B . n 
B 1 2  DC 2  2  2  DC DC B . n 
B 1 3  DA 3  3  3  DA DA B . n 
B 1 4  DI 4  4  4  DI DI B . n 
B 1 5  DI 5  5  5  DI DI B . n 
B 1 6  DC 6  6  6  DC DC B . n 
B 1 7  DC 7  7  7  DC DC B . n 
B 1 8  DT 8  8  8  DT DT B . n 
B 1 9  DG 9  9  9  DG DG B . n 
B 1 10 DG 10 10 10 DG DG B . n 
# 
loop_
_pdbx_nonpoly_scheme.asym_id 
_pdbx_nonpoly_scheme.entity_id 
_pdbx_nonpoly_scheme.mon_id 
_pdbx_nonpoly_scheme.ndb_seq_num 
_pdbx_nonpoly_scheme.pdb_seq_num 
_pdbx_nonpoly_scheme.auth_seq_num 
_pdbx_nonpoly_scheme.pdb_mon_id 
_pdbx_nonpoly_scheme.auth_mon_id 
_pdbx_nonpoly_scheme.pdb_strand_id 
_pdbx_nonpoly_scheme.pdb_ins_code 
C 2 MG  1  101 1   MG  MG  A . 
D 2 MG  1  102 3   MG  MG  A . 
E 2 MG  1  103 5   MG  MG  A . 
F 2 MG  1  101 2   MG  MG  B . 
G 2 MG  1  102 4   MG  MG  B . 
H 2 MG  1  103 6   MG  MG  B . 
I 3 HOH 1  201 99  HOH HOH A . 
I 3 HOH 2  202 51  HOH HOH A . 
I 3 HOH 3  203 91  HOH HOH A . 
I 3 HOH 4  204 134 HOH HOH A . 
I 3 HOH 5  205 143 HOH HOH A . 
I 3 HOH 6  206 4   HOH HOH A . 
I 3 HOH 7  207 92  HOH HOH A . 
I 3 HOH 8  208 45  HOH HOH A . 
I 3 HOH 9  209 55  HOH HOH A . 
I 3 HOH 10 210 29  HOH HOH A . 
I 3 HOH 11 211 81  HOH HOH A . 
I 3 HOH 12 212 25  HOH HOH A . 
I 3 HOH 13 213 169 HOH HOH A . 
I 3 HOH 14 214 135 HOH HOH A . 
I 3 HOH 15 215 178 HOH HOH A . 
I 3 HOH 16 216 26  HOH HOH A . 
I 3 HOH 17 217 31  HOH HOH A . 
I 3 HOH 18 218 104 HOH HOH A . 
I 3 HOH 19 219 43  HOH HOH A . 
I 3 HOH 20 220 163 HOH HOH A . 
I 3 HOH 21 221 49  HOH HOH A . 
I 3 HOH 22 222 103 HOH HOH A . 
I 3 HOH 23 223 11  HOH HOH A . 
I 3 HOH 24 224 3   HOH HOH A . 
I 3 HOH 25 225 68  HOH HOH A . 
I 3 HOH 26 226 21  HOH HOH A . 
I 3 HOH 27 227 160 HOH HOH A . 
I 3 HOH 28 228 105 HOH HOH A . 
I 3 HOH 29 229 154 HOH HOH A . 
I 3 HOH 30 230 30  HOH HOH A . 
I 3 HOH 31 231 56  HOH HOH A . 
I 3 HOH 32 232 22  HOH HOH A . 
I 3 HOH 33 233 37  HOH HOH A . 
I 3 HOH 34 234 36  HOH HOH A . 
I 3 HOH 35 235 69  HOH HOH A . 
I 3 HOH 36 236 50  HOH HOH A . 
I 3 HOH 37 237 28  HOH HOH A . 
I 3 HOH 38 238 78  HOH HOH A . 
I 3 HOH 39 239 80  HOH HOH A . 
I 3 HOH 40 240 27  HOH HOH A . 
I 3 HOH 41 241 46  HOH HOH A . 
I 3 HOH 42 242 157 HOH HOH A . 
I 3 HOH 43 243 95  HOH HOH A . 
I 3 HOH 44 244 33  HOH HOH A . 
I 3 HOH 45 245 166 HOH HOH A . 
I 3 HOH 46 246 44  HOH HOH A . 
I 3 HOH 47 247 118 HOH HOH A . 
I 3 HOH 48 248 60  HOH HOH A . 
I 3 HOH 49 249 139 HOH HOH A . 
I 3 HOH 50 250 5   HOH HOH A . 
I 3 HOH 51 251 150 HOH HOH A . 
I 3 HOH 52 252 59  HOH HOH A . 
I 3 HOH 53 253 47  HOH HOH A . 
I 3 HOH 54 254 156 HOH HOH A . 
I 3 HOH 55 255 170 HOH HOH A . 
I 3 HOH 56 256 167 HOH HOH A . 
I 3 HOH 57 257 144 HOH HOH A . 
I 3 HOH 58 258 100 HOH HOH A . 
I 3 HOH 59 259 153 HOH HOH A . 
I 3 HOH 60 260 6   HOH HOH A . 
I 3 HOH 61 261 9   HOH HOH A . 
I 3 HOH 62 262 152 HOH HOH A . 
I 3 HOH 63 263 52  HOH HOH A . 
I 3 HOH 64 264 155 HOH HOH A . 
I 3 HOH 65 265 79  HOH HOH A . 
I 3 HOH 66 266 140 HOH HOH A . 
I 3 HOH 67 267 159 HOH HOH A . 
I 3 HOH 68 268 48  HOH HOH A . 
I 3 HOH 69 269 117 HOH HOH A . 
I 3 HOH 70 270 8   HOH HOH A . 
I 3 HOH 71 271 54  HOH HOH A . 
I 3 HOH 72 272 74  HOH HOH A . 
I 3 HOH 73 273 102 HOH HOH A . 
I 3 HOH 74 274 82  HOH HOH A . 
I 3 HOH 75 275 132 HOH HOH A . 
I 3 HOH 76 276 94  HOH HOH A . 
I 3 HOH 77 277 101 HOH HOH A . 
I 3 HOH 78 278 122 HOH HOH A . 
I 3 HOH 79 279 106 HOH HOH A . 
I 3 HOH 80 280 58  HOH HOH A . 
I 3 HOH 81 281 83  HOH HOH A . 
I 3 HOH 82 282 133 HOH HOH A . 
I 3 HOH 83 283 145 HOH HOH A . 
I 3 HOH 84 284 24  HOH HOH A . 
J 3 HOH 1  201 177 HOH HOH B . 
J 3 HOH 2  202 168 HOH HOH B . 
J 3 HOH 3  203 72  HOH HOH B . 
J 3 HOH 4  204 130 HOH HOH B . 
J 3 HOH 5  205 129 HOH HOH B . 
J 3 HOH 6  206 113 HOH HOH B . 
J 3 HOH 7  207 151 HOH HOH B . 
J 3 HOH 8  208 89  HOH HOH B . 
J 3 HOH 9  209 98  HOH HOH B . 
J 3 HOH 10 210 108 HOH HOH B . 
J 3 HOH 11 211 2   HOH HOH B . 
J 3 HOH 12 212 174 HOH HOH B . 
J 3 HOH 13 213 84  HOH HOH B . 
J 3 HOH 14 214 19  HOH HOH B . 
J 3 HOH 15 215 123 HOH HOH B . 
J 3 HOH 16 216 41  HOH HOH B . 
J 3 HOH 17 217 175 HOH HOH B . 
J 3 HOH 18 218 35  HOH HOH B . 
J 3 HOH 19 219 107 HOH HOH B . 
J 3 HOH 20 220 149 HOH HOH B . 
J 3 HOH 21 221 34  HOH HOH B . 
J 3 HOH 22 222 97  HOH HOH B . 
J 3 HOH 23 223 128 HOH HOH B . 
J 3 HOH 24 224 126 HOH HOH B . 
J 3 HOH 25 225 18  HOH HOH B . 
J 3 HOH 26 226 15  HOH HOH B . 
J 3 HOH 27 227 42  HOH HOH B . 
J 3 HOH 28 228 57  HOH HOH B . 
J 3 HOH 29 229 64  HOH HOH B . 
J 3 HOH 30 230 71  HOH HOH B . 
J 3 HOH 31 231 138 HOH HOH B . 
J 3 HOH 32 232 119 HOH HOH B . 
J 3 HOH 33 233 66  HOH HOH B . 
J 3 HOH 34 234 148 HOH HOH B . 
J 3 HOH 35 235 76  HOH HOH B . 
J 3 HOH 36 236 73  HOH HOH B . 
J 3 HOH 37 237 16  HOH HOH B . 
J 3 HOH 38 238 38  HOH HOH B . 
J 3 HOH 39 239 63  HOH HOH B . 
J 3 HOH 40 240 23  HOH HOH B . 
J 3 HOH 41 241 114 HOH HOH B . 
J 3 HOH 42 242 20  HOH HOH B . 
J 3 HOH 43 243 115 HOH HOH B . 
J 3 HOH 44 244 7   HOH HOH B . 
J 3 HOH 45 245 93  HOH HOH B . 
J 3 HOH 46 246 110 HOH HOH B . 
J 3 HOH 47 247 10  HOH HOH B . 
J 3 HOH 48 248 70  HOH HOH B . 
J 3 HOH 49 249 131 HOH HOH B . 
J 3 HOH 50 250 86  HOH HOH B . 
J 3 HOH 51 251 65  HOH HOH B . 
J 3 HOH 52 252 112 HOH HOH B . 
J 3 HOH 53 253 179 HOH HOH B . 
J 3 HOH 54 254 77  HOH HOH B . 
J 3 HOH 55 255 53  HOH HOH B . 
J 3 HOH 56 256 40  HOH HOH B . 
J 3 HOH 57 257 17  HOH HOH B . 
J 3 HOH 58 258 39  HOH HOH B . 
J 3 HOH 59 259 13  HOH HOH B . 
J 3 HOH 60 260 62  HOH HOH B . 
J 3 HOH 61 261 61  HOH HOH B . 
J 3 HOH 62 262 111 HOH HOH B . 
J 3 HOH 63 263 116 HOH HOH B . 
J 3 HOH 64 264 75  HOH HOH B . 
J 3 HOH 65 265 176 HOH HOH B . 
J 3 HOH 66 266 127 HOH HOH B . 
J 3 HOH 67 267 121 HOH HOH B . 
J 3 HOH 68 268 173 HOH HOH B . 
J 3 HOH 69 269 141 HOH HOH B . 
J 3 HOH 70 270 1   HOH HOH B . 
J 3 HOH 71 271 12  HOH HOH B . 
J 3 HOH 72 272 164 HOH HOH B . 
J 3 HOH 73 273 165 HOH HOH B . 
J 3 HOH 74 274 67  HOH HOH B . 
J 3 HOH 75 275 87  HOH HOH B . 
J 3 HOH 76 276 32  HOH HOH B . 
J 3 HOH 77 277 146 HOH HOH B . 
J 3 HOH 78 278 96  HOH HOH B . 
J 3 HOH 79 279 158 HOH HOH B . 
J 3 HOH 80 280 171 HOH HOH B . 
J 3 HOH 81 281 124 HOH HOH B . 
J 3 HOH 82 282 14  HOH HOH B . 
J 3 HOH 83 283 172 HOH HOH B . 
J 3 HOH 84 284 88  HOH HOH B . 
J 3 HOH 85 285 147 HOH HOH B . 
J 3 HOH 86 286 125 HOH HOH B . 
J 3 HOH 87 287 90  HOH HOH B . 
J 3 HOH 88 288 85  HOH HOH B . 
J 3 HOH 89 289 162 HOH HOH B . 
J 3 HOH 90 290 142 HOH HOH B . 
J 3 HOH 91 291 136 HOH HOH B . 
J 3 HOH 92 292 180 HOH HOH B . 
J 3 HOH 93 293 161 HOH HOH B . 
J 3 HOH 94 294 120 HOH HOH B . 
J 3 HOH 95 295 109 HOH HOH B . 
# 
loop_
_software.citation_id 
_software.classification 
_software.compiler_name 
_software.compiler_version 
_software.contact_author 
_software.contact_author_email 
_software.date 
_software.description 
_software.dependencies 
_software.hardware 
_software.language 
_software.location 
_software.mods 
_software.name 
_software.os 
_software.os_version 
_software.type 
_software.version 
_software.pdbx_ordinal 
? refinement       ? ? ? ? ? ? ? ? ? ? ? REFMAC   ? ? ? 5.8.0158 1 
? 'data reduction' ? ? ? ? ? ? ? ? ? ? ? HKL-2000 ? ? ? .        2 
? 'data scaling'   ? ? ? ? ? ? ? ? ? ? ? HKL-2000 ? ? ? .        3 
? phasing          ? ? ? ? ? ? ? ? ? ? ? MOLREP   ? ? ? .        4 
# 
_cell.entry_id           5W20 
_cell.length_a           34.190 
_cell.length_b           35.043 
_cell.length_c           41.336 
_cell.angle_alpha        90.00 
_cell.angle_beta         90.00 
_cell.angle_gamma        90.00 
_cell.Z_PDB              8 
_cell.pdbx_unique_axis   ? 
# 
_symmetry.entry_id                         5W20 
_symmetry.space_group_name_H-M             'P 21 21 21' 
_symmetry.pdbx_full_space_group_name_H-M   ? 
_symmetry.cell_setting                     ? 
_symmetry.Int_Tables_number                19 
# 
_exptl.absorpt_coefficient_mu     ? 
_exptl.absorpt_correction_T_max   ? 
_exptl.absorpt_correction_T_min   ? 
_exptl.absorpt_correction_type    ? 
_exptl.absorpt_process_details    ? 
_exptl.entry_id                   5W20 
_exptl.crystals_number            1 
_exptl.details                    ? 
_exptl.method                     'X-RAY DIFFRACTION' 
_exptl.method_details             ? 
# 
_exptl_crystal.colour                      ? 
_exptl_crystal.density_diffrn              ? 
_exptl_crystal.density_Matthews            2.05 
_exptl_crystal.density_method              ? 
_exptl_crystal.density_percent_sol         40.08 
_exptl_crystal.description                 ? 
_exptl_crystal.F_000                       ? 
_exptl_crystal.id                          1 
_exptl_crystal.preparation                 ? 
_exptl_crystal.size_max                    ? 
_exptl_crystal.size_mid                    ? 
_exptl_crystal.size_min                    ? 
_exptl_crystal.size_rad                    ? 
_exptl_crystal.colour_lustre               ? 
_exptl_crystal.colour_modifier             ? 
_exptl_crystal.colour_primary              ? 
_exptl_crystal.density_meas                ? 
_exptl_crystal.density_meas_esd            ? 
_exptl_crystal.density_meas_gt             ? 
_exptl_crystal.density_meas_lt             ? 
_exptl_crystal.density_meas_temp           ? 
_exptl_crystal.density_meas_temp_esd       ? 
_exptl_crystal.density_meas_temp_gt        ? 
_exptl_crystal.density_meas_temp_lt        ? 
_exptl_crystal.pdbx_crystal_image_url      ? 
_exptl_crystal.pdbx_crystal_image_format   ? 
_exptl_crystal.pdbx_mosaicity              ? 
_exptl_crystal.pdbx_mosaicity_esd          ? 
# 
_exptl_crystal_grow.apparatus       ? 
_exptl_crystal_grow.atmosphere      ? 
_exptl_crystal_grow.crystal_id      1 
_exptl_crystal_grow.details         ? 
_exptl_crystal_grow.method          'VAPOR DIFFUSION, HANGING DROP' 
_exptl_crystal_grow.method_ref      ? 
_exptl_crystal_grow.pH              6.5 
_exptl_crystal_grow.pressure        ? 
_exptl_crystal_grow.pressure_esd    ? 
_exptl_crystal_grow.seeding         ? 
_exptl_crystal_grow.seeding_ref     ? 
_exptl_crystal_grow.temp            291 
_exptl_crystal_grow.temp_details    ? 
_exptl_crystal_grow.temp_esd        ? 
_exptl_crystal_grow.time            ? 
_exptl_crystal_grow.pdbx_details    
;Droplets (2 uL) containing oligonucleotide (0.23 mM), sodium cacodylate (25 mM, pH 6.5), magnesium acetate (12.5 mM), and 2-methyl-2,4-pentanediol (MPD, 20% v/v) that were equilibrated against a 1 mL
reservoir of sodium cacodylate (50 mM, pH 6.5), magnesium acetate (25 mM), and MPD (40%)
v/v)
;
_exptl_crystal_grow.pdbx_pH_range   6.5 
# 
_diffrn.ambient_environment    ? 
_diffrn.ambient_temp           100 
_diffrn.ambient_temp_details   ? 
_diffrn.ambient_temp_esd       ? 
_diffrn.crystal_id             1 
_diffrn.crystal_support        ? 
_diffrn.crystal_treatment      ? 
_diffrn.details                ? 
_diffrn.id                     1 
_diffrn.ambient_pressure       ? 
_diffrn.ambient_pressure_esd   ? 
_diffrn.ambient_pressure_gt    ? 
_diffrn.ambient_pressure_lt    ? 
_diffrn.ambient_temp_gt        ? 
_diffrn.ambient_temp_lt        ? 
# 
_diffrn_detector.details                      ? 
_diffrn_detector.detector                     CCD 
_diffrn_detector.diffrn_id                    1 
_diffrn_detector.type                         'MARMOSAIC 225 mm CCD' 
_diffrn_detector.area_resol_mean              ? 
_diffrn_detector.dtime                        ? 
_diffrn_detector.pdbx_frames_total            ? 
_diffrn_detector.pdbx_collection_time_total   ? 
_diffrn_detector.pdbx_collection_date         2015-06-22 
# 
_diffrn_radiation.collimation                      ? 
_diffrn_radiation.diffrn_id                        1 
_diffrn_radiation.filter_edge                      ? 
_diffrn_radiation.inhomogeneity                    ? 
_diffrn_radiation.monochromator                    Si 
_diffrn_radiation.polarisn_norm                    ? 
_diffrn_radiation.polarisn_ratio                   ? 
_diffrn_radiation.probe                            ? 
_diffrn_radiation.type                             ? 
_diffrn_radiation.xray_symbol                      ? 
_diffrn_radiation.wavelength_id                    1 
_diffrn_radiation.pdbx_monochromatic_or_laue_m_l   M 
_diffrn_radiation.pdbx_wavelength_list             ? 
_diffrn_radiation.pdbx_wavelength                  ? 
_diffrn_radiation.pdbx_diffrn_protocol             'SINGLE WAVELENGTH' 
_diffrn_radiation.pdbx_analyzer                    ? 
_diffrn_radiation.pdbx_scattering_type             x-ray 
# 
_diffrn_radiation_wavelength.id           1 
_diffrn_radiation_wavelength.wavelength   0.97625 
_diffrn_radiation_wavelength.wt           1.0 
# 
_diffrn_source.current                     ? 
_diffrn_source.details                     ? 
_diffrn_source.diffrn_id                   1 
_diffrn_source.power                       ? 
_diffrn_source.size                        ? 
_diffrn_source.source                      SYNCHROTRON 
_diffrn_source.target                      ? 
_diffrn_source.type                        'APS BEAMLINE 21-ID-F' 
_diffrn_source.voltage                     ? 
_diffrn_source.take-off_angle              ? 
_diffrn_source.pdbx_wavelength_list        0.97625 
_diffrn_source.pdbx_wavelength             ? 
_diffrn_source.pdbx_synchrotron_beamline   21-ID-F 
_diffrn_source.pdbx_synchrotron_site       APS 
# 
_reflns.B_iso_Wilson_estimate            ? 
_reflns.entry_id                         5W20 
_reflns.data_reduction_details           ? 
_reflns.data_reduction_method            ? 
_reflns.d_resolution_high                1.36 
_reflns.d_resolution_low                 50 
_reflns.details                          ? 
_reflns.limit_h_max                      ? 
_reflns.limit_h_min                      ? 
_reflns.limit_k_max                      ? 
_reflns.limit_k_min                      ? 
_reflns.limit_l_max                      ? 
_reflns.limit_l_min                      ? 
_reflns.number_all                       ? 
_reflns.number_obs                       11019 
_reflns.observed_criterion               ? 
_reflns.observed_criterion_F_max         ? 
_reflns.observed_criterion_F_min         ? 
_reflns.observed_criterion_I_max         ? 
_reflns.observed_criterion_I_min         ? 
_reflns.observed_criterion_sigma_F       ? 
_reflns.observed_criterion_sigma_I       5 
_reflns.percent_possible_obs             99.1 
_reflns.R_free_details                   ? 
_reflns.Rmerge_F_all                     ? 
_reflns.Rmerge_F_obs                     ? 
_reflns.Friedel_coverage                 ? 
_reflns.number_gt                        ? 
_reflns.threshold_expression             ? 
_reflns.pdbx_redundancy                  7.7 
_reflns.pdbx_Rmerge_I_obs                0.073 
_reflns.pdbx_Rmerge_I_all                ? 
_reflns.pdbx_Rsym_value                  ? 
_reflns.pdbx_netI_over_av_sigmaI         ? 
_reflns.pdbx_netI_over_sigmaI            30.57 
_reflns.pdbx_res_netI_over_av_sigmaI_2   ? 
_reflns.pdbx_res_netI_over_sigmaI_2      ? 
_reflns.pdbx_chi_squared                 ? 
_reflns.pdbx_scaling_rejects             ? 
_reflns.pdbx_d_res_high_opt              ? 
_reflns.pdbx_d_res_low_opt               ? 
_reflns.pdbx_d_res_opt_method            ? 
_reflns.phase_calculation_details        ? 
_reflns.pdbx_Rrim_I_all                  ? 
_reflns.pdbx_Rpim_I_all                  0.035 
_reflns.pdbx_d_opt                       ? 
_reflns.pdbx_number_measured_all         ? 
_reflns.pdbx_diffrn_id                   1 
_reflns.pdbx_ordinal                     1 
_reflns.pdbx_CC_half                     ? 
_reflns.pdbx_R_split                     ? 
# 
_reflns_shell.d_res_high                  1.36 
_reflns_shell.d_res_low                   1.41 
_reflns_shell.meanI_over_sigI_all         ? 
_reflns_shell.meanI_over_sigI_obs         ? 
_reflns_shell.number_measured_all         ? 
_reflns_shell.number_measured_obs         ? 
_reflns_shell.number_possible             ? 
_reflns_shell.number_unique_all           ? 
_reflns_shell.number_unique_obs           1002 
_reflns_shell.percent_possible_all        95.0 
_reflns_shell.percent_possible_obs        ? 
_reflns_shell.Rmerge_F_all                ? 
_reflns_shell.Rmerge_F_obs                ? 
_reflns_shell.Rmerge_I_all                ? 
_reflns_shell.Rmerge_I_obs                0.343 
_reflns_shell.meanI_over_sigI_gt          ? 
_reflns_shell.meanI_over_uI_all           ? 
_reflns_shell.meanI_over_uI_gt            ? 
_reflns_shell.number_measured_gt          ? 
_reflns_shell.number_unique_gt            ? 
_reflns_shell.percent_possible_gt         ? 
_reflns_shell.Rmerge_F_gt                 ? 
_reflns_shell.Rmerge_I_gt                 ? 
_reflns_shell.pdbx_redundancy             7.6 
_reflns_shell.pdbx_Rsym_value             ? 
_reflns_shell.pdbx_chi_squared            ? 
_reflns_shell.pdbx_netI_over_sigmaI_all   ? 
_reflns_shell.pdbx_netI_over_sigmaI_obs   ? 
_reflns_shell.pdbx_Rrim_I_all             ? 
_reflns_shell.pdbx_Rpim_I_all             0.133 
_reflns_shell.pdbx_rejects                ? 
_reflns_shell.pdbx_ordinal                1 
_reflns_shell.pdbx_diffrn_id              1 
_reflns_shell.pdbx_CC_half                ? 
_reflns_shell.pdbx_R_split                ? 
# 
_refine.pdbx_refine_id                           'X-RAY DIFFRACTION' 
_refine.entry_id                                 5W20 
_refine.pdbx_diffrn_id                           1 
_refine.pdbx_TLS_residual_ADP_flag               ? 
_refine.ls_number_reflns_obs                     10415 
_refine.ls_number_reflns_all                     ? 
_refine.pdbx_ls_sigma_I                          ? 
_refine.pdbx_ls_sigma_F                          ? 
_refine.pdbx_data_cutoff_high_absF               ? 
_refine.pdbx_data_cutoff_low_absF                ? 
_refine.pdbx_data_cutoff_high_rms_absF           ? 
_refine.ls_d_res_low                             26.73 
_refine.ls_d_res_high                            1.36 
_refine.ls_percent_reflns_obs                    99.47 
_refine.ls_R_factor_obs                          0.14922 
_refine.ls_R_factor_all                          ? 
_refine.ls_R_factor_R_work                       0.14750 
_refine.ls_R_factor_R_free                       0.18090 
_refine.ls_R_factor_R_free_error                 ? 
_refine.ls_R_factor_R_free_error_details         ? 
_refine.ls_percent_reflns_R_free                 5.2 
_refine.ls_number_reflns_R_free                  569 
_refine.ls_number_parameters                     ? 
_refine.ls_number_restraints                     ? 
_refine.occupancy_min                            ? 
_refine.occupancy_max                            ? 
_refine.correlation_coeff_Fo_to_Fc               0.974 
_refine.correlation_coeff_Fo_to_Fc_free          0.963 
_refine.B_iso_mean                               11.216 
_refine.aniso_B[1][1]                            0.33 
_refine.aniso_B[2][2]                            -0.59 
_refine.aniso_B[3][3]                            0.26 
_refine.aniso_B[1][2]                            0.00 
_refine.aniso_B[1][3]                            -0.00 
_refine.aniso_B[2][3]                            0.00 
_refine.solvent_model_details                    MASK 
_refine.solvent_model_param_ksol                 ? 
_refine.solvent_model_param_bsol                 ? 
_refine.pdbx_solvent_vdw_probe_radii             1.20 
_refine.pdbx_solvent_ion_probe_radii             0.80 
_refine.pdbx_solvent_shrinkage_radii             0.80 
_refine.pdbx_ls_cross_valid_method               THROUGHOUT 
_refine.details                                  'HYDROGENS HAVE BEEN ADDED IN THE RIDING POSITIONS' 
_refine.pdbx_starting_model                      ? 
_refine.pdbx_method_to_determine_struct          ? 
_refine.pdbx_isotropic_thermal_model             ? 
_refine.pdbx_stereochemistry_target_values       'MAXIMUM LIKELIHOOD' 
_refine.pdbx_stereochem_target_val_spec_case     ? 
_refine.pdbx_R_Free_selection_details            RANDOM 
_refine.pdbx_overall_ESU_R                       0.058 
_refine.pdbx_overall_ESU_R_Free                  0.062 
_refine.overall_SU_ML                            0.036 
_refine.pdbx_overall_phase_error                 ? 
_refine.overall_SU_B                             0.870 
_refine.overall_SU_R_Cruickshank_DPI             ? 
_refine.pdbx_overall_SU_R_free_Cruickshank_DPI   ? 
_refine.pdbx_overall_SU_R_Blow_DPI               ? 
_refine.pdbx_overall_SU_R_free_Blow_DPI          ? 
# 
_refine_hist.pdbx_refine_id                   'X-RAY DIFFRACTION' 
_refine_hist.cycle_id                         1 
_refine_hist.pdbx_number_atoms_protein        0 
_refine_hist.pdbx_number_atoms_nucleic_acid   400 
_refine_hist.pdbx_number_atoms_ligand         6 
_refine_hist.number_atoms_solvent             179 
_refine_hist.number_atoms_total               585 
_refine_hist.d_res_high                       1.36 
_refine_hist.d_res_low                        26.73 
# 
loop_
_refine_ls_restr.type 
_refine_ls_restr.dev_ideal 
_refine_ls_restr.dev_ideal_target 
_refine_ls_restr.weight 
_refine_ls_restr.number 
_refine_ls_restr.pdbx_refine_id 
_refine_ls_restr.pdbx_restraint_function 
r_bond_refined_d             0.012 0.011  ? 494 'X-RAY DIFFRACTION' ? 
r_bond_other_d               0.002 0.020  ? 237 'X-RAY DIFFRACTION' ? 
r_angle_refined_deg          1.607 1.178  ? 762 'X-RAY DIFFRACTION' ? 
r_angle_other_deg            1.626 3.000  ? 570 'X-RAY DIFFRACTION' ? 
r_dihedral_angle_1_deg       ?     ?      ? ?   'X-RAY DIFFRACTION' ? 
r_dihedral_angle_2_deg       ?     ?      ? ?   'X-RAY DIFFRACTION' ? 
r_dihedral_angle_3_deg       ?     ?      ? ?   'X-RAY DIFFRACTION' ? 
r_dihedral_angle_4_deg       ?     ?      ? ?   'X-RAY DIFFRACTION' ? 
r_chiral_restr               0.090 0.200  ? 68  'X-RAY DIFFRACTION' ? 
r_gen_planes_refined         0.036 0.020  ? 254 'X-RAY DIFFRACTION' ? 
r_gen_planes_other           0.006 0.020  ? 100 'X-RAY DIFFRACTION' ? 
r_nbd_refined                ?     ?      ? ?   'X-RAY DIFFRACTION' ? 
r_nbd_other                  ?     ?      ? ?   'X-RAY DIFFRACTION' ? 
r_nbtor_refined              ?     ?      ? ?   'X-RAY DIFFRACTION' ? 
r_nbtor_other                ?     ?      ? ?   'X-RAY DIFFRACTION' ? 
r_xyhbond_nbd_refined        ?     ?      ? ?   'X-RAY DIFFRACTION' ? 
r_xyhbond_nbd_other          ?     ?      ? ?   'X-RAY DIFFRACTION' ? 
r_metal_ion_refined          ?     ?      ? ?   'X-RAY DIFFRACTION' ? 
r_metal_ion_other            ?     ?      ? ?   'X-RAY DIFFRACTION' ? 
r_symmetry_vdw_refined       ?     ?      ? ?   'X-RAY DIFFRACTION' ? 
r_symmetry_vdw_other         ?     ?      ? ?   'X-RAY DIFFRACTION' ? 
r_symmetry_hbond_refined     ?     ?      ? ?   'X-RAY DIFFRACTION' ? 
r_symmetry_hbond_other       ?     ?      ? ?   'X-RAY DIFFRACTION' ? 
r_symmetry_metal_ion_refined ?     ?      ? ?   'X-RAY DIFFRACTION' ? 
r_symmetry_metal_ion_other   ?     ?      ? ?   'X-RAY DIFFRACTION' ? 
r_mcbond_it                  ?     ?      ? ?   'X-RAY DIFFRACTION' ? 
r_mcbond_other               ?     ?      ? ?   'X-RAY DIFFRACTION' ? 
r_mcangle_it                 ?     ?      ? ?   'X-RAY DIFFRACTION' ? 
r_mcangle_other              ?     ?      ? ?   'X-RAY DIFFRACTION' ? 
r_scbond_it                  1.008 0.892  ? 494 'X-RAY DIFFRACTION' ? 
r_scbond_other               1.005 0.892  ? 493 'X-RAY DIFFRACTION' ? 
r_scangle_it                 ?     ?      ? ?   'X-RAY DIFFRACTION' ? 
r_scangle_other              1.436 1.348  ? 761 'X-RAY DIFFRACTION' ? 
r_long_range_B_refined       4.107 10.586 ? 737 'X-RAY DIFFRACTION' ? 
r_long_range_B_other         3.628 8.981  ? 682 'X-RAY DIFFRACTION' ? 
r_rigid_bond_restr           ?     ?      ? ?   'X-RAY DIFFRACTION' ? 
r_sphericity_free            ?     ?      ? ?   'X-RAY DIFFRACTION' ? 
r_sphericity_bonded          ?     ?      ? ?   'X-RAY DIFFRACTION' ? 
# 
_refine_ls_shell.pdbx_refine_id                   'X-RAY DIFFRACTION' 
_refine_ls_shell.pdbx_total_number_of_bins_used   20 
_refine_ls_shell.d_res_high                       1.364 
_refine_ls_shell.d_res_low                        1.399 
_refine_ls_shell.number_reflns_R_work             743 
_refine_ls_shell.R_factor_R_work                  0.202 
_refine_ls_shell.percent_reflns_obs               98.61 
_refine_ls_shell.R_factor_R_free                  0.285 
_refine_ls_shell.R_factor_R_free_error            ? 
_refine_ls_shell.percent_reflns_R_free            ? 
_refine_ls_shell.number_reflns_R_free             40 
_refine_ls_shell.number_reflns_all                ? 
_refine_ls_shell.R_factor_all                     ? 
# 
_struct.entry_id                     5W20 
_struct.title                        'Crystal Structure of inosine-substituted duplex DNA' 
_struct.pdbx_model_details           ? 
_struct.pdbx_formula_weight          ? 
_struct.pdbx_formula_weight_method   ? 
_struct.pdbx_model_type_details      ? 
_struct.pdbx_CASP_flag               N 
# 
_struct_keywords.entry_id        5W20 
_struct_keywords.text            'Inosine, DNA crystal structure, deoxyinonsine, circular dichroism of modified DNA, DNA' 
_struct_keywords.pdbx_keywords   DNA 
# 
loop_
_struct_asym.id 
_struct_asym.pdbx_blank_PDB_chainid_flag 
_struct_asym.pdbx_modified 
_struct_asym.entity_id 
_struct_asym.details 
A N N 1 ? 
B N N 1 ? 
C N N 2 ? 
D N N 2 ? 
E N N 2 ? 
F N N 2 ? 
G N N 2 ? 
H N N 2 ? 
I N N 3 ? 
J N N 3 ? 
# 
_struct_ref.id                         1 
_struct_ref.db_name                    PDB 
_struct_ref.db_code                    5W20 
_struct_ref.pdbx_db_accession          5W20 
_struct_ref.pdbx_db_isoform            ? 
_struct_ref.entity_id                  1 
_struct_ref.pdbx_seq_one_letter_code   ? 
_struct_ref.pdbx_align_begin           1 
# 
loop_
_struct_ref_seq.align_id 
_struct_ref_seq.ref_id 
_struct_ref_seq.pdbx_PDB_id_code 
_struct_ref_seq.pdbx_strand_id 
_struct_ref_seq.seq_align_beg 
_struct_ref_seq.pdbx_seq_align_beg_ins_code 
_struct_ref_seq.seq_align_end 
_struct_ref_seq.pdbx_seq_align_end_ins_code 
_struct_ref_seq.pdbx_db_accession 
_struct_ref_seq.db_align_beg 
_struct_ref_seq.pdbx_db_align_beg_ins_code 
_struct_ref_seq.db_align_end 
_struct_ref_seq.pdbx_db_align_end_ins_code 
_struct_ref_seq.pdbx_auth_seq_align_beg 
_struct_ref_seq.pdbx_auth_seq_align_end 
1 1 5W20 A 1 ? 10 ? 5W20 1 ? 10 ? 1 10 
2 1 5W20 B 1 ? 10 ? 5W20 1 ? 10 ? 1 10 
# 
_pdbx_struct_assembly.id                   1 
_pdbx_struct_assembly.details              author_and_software_defined_assembly 
_pdbx_struct_assembly.method_details       PISA 
_pdbx_struct_assembly.oligomeric_details   dimeric 
_pdbx_struct_assembly.oligomeric_count     2 
# 
loop_
_pdbx_struct_assembly_prop.biol_id 
_pdbx_struct_assembly_prop.type 
_pdbx_struct_assembly_prop.value 
_pdbx_struct_assembly_prop.details 
1 'ABSA (A^2)' 1370 ? 
1 MORE         -33  ? 
1 'SSA (A^2)'  3930 ? 
# 
_pdbx_struct_assembly_gen.assembly_id       1 
_pdbx_struct_assembly_gen.oper_expression   1 
_pdbx_struct_assembly_gen.asym_id_list      A,B,C,D,E,F,G,H,I,J 
# 
_pdbx_struct_assembly_auth_evidence.id                     1 
_pdbx_struct_assembly_auth_evidence.assembly_id            1 
_pdbx_struct_assembly_auth_evidence.experimental_support   none 
_pdbx_struct_assembly_auth_evidence.details                ? 
# 
_pdbx_struct_oper_list.id                   1 
_pdbx_struct_oper_list.type                 'identity operation' 
_pdbx_struct_oper_list.name                 1_555 
_pdbx_struct_oper_list.symmetry_operation   x,y,z 
_pdbx_struct_oper_list.matrix[1][1]         1.0000000000 
_pdbx_struct_oper_list.matrix[1][2]         0.0000000000 
_pdbx_struct_oper_list.matrix[1][3]         0.0000000000 
_pdbx_struct_oper_list.vector[1]            0.0000000000 
_pdbx_struct_oper_list.matrix[2][1]         0.0000000000 
_pdbx_struct_oper_list.matrix[2][2]         1.0000000000 
_pdbx_struct_oper_list.matrix[2][3]         0.0000000000 
_pdbx_struct_oper_list.vector[2]            0.0000000000 
_pdbx_struct_oper_list.matrix[3][1]         0.0000000000 
_pdbx_struct_oper_list.matrix[3][2]         0.0000000000 
_pdbx_struct_oper_list.matrix[3][3]         1.0000000000 
_pdbx_struct_oper_list.vector[3]            0.0000000000 
# 
loop_
_struct_conn.id 
_struct_conn.conn_type_id 
_struct_conn.pdbx_leaving_atom_flag 
_struct_conn.pdbx_PDB_id 
_struct_conn.ptnr1_label_asym_id 
_struct_conn.ptnr1_label_comp_id 
_struct_conn.ptnr1_label_seq_id 
_struct_conn.ptnr1_label_atom_id 
_struct_conn.pdbx_ptnr1_label_alt_id 
_struct_conn.pdbx_ptnr1_PDB_ins_code 
_struct_conn.pdbx_ptnr1_standard_comp_id 
_struct_conn.ptnr1_symmetry 
_struct_conn.ptnr2_label_asym_id 
_struct_conn.ptnr2_label_comp_id 
_struct_conn.ptnr2_label_seq_id 
_struct_conn.ptnr2_label_atom_id 
_struct_conn.pdbx_ptnr2_label_alt_id 
_struct_conn.pdbx_ptnr2_PDB_ins_code 
_struct_conn.ptnr1_auth_asym_id 
_struct_conn.ptnr1_auth_comp_id 
_struct_conn.ptnr1_auth_seq_id 
_struct_conn.ptnr2_auth_asym_id 
_struct_conn.ptnr2_auth_comp_id 
_struct_conn.ptnr2_auth_seq_id 
_struct_conn.ptnr2_symmetry 
_struct_conn.pdbx_ptnr3_label_atom_id 
_struct_conn.pdbx_ptnr3_label_seq_id 
_struct_conn.pdbx_ptnr3_label_comp_id 
_struct_conn.pdbx_ptnr3_label_asym_id 
_struct_conn.pdbx_ptnr3_label_alt_id 
_struct_conn.pdbx_ptnr3_PDB_ins_code 
_struct_conn.details 
_struct_conn.pdbx_dist_value 
_struct_conn.pdbx_value_order 
_struct_conn.pdbx_role 
metalc1  metalc ? ? C MG  .  MG ? ? ? 1_555 I HOH .  O  ? ? A MG  101 A HOH 206 3_545 ? ? ? ? ? ? ?            2.087 ? ? 
metalc2  metalc ? ? C MG  .  MG ? ? ? 1_555 I HOH .  O  ? ? A MG  101 A HOH 224 1_555 ? ? ? ? ? ? ?            2.016 ? ? 
metalc3  metalc ? ? C MG  .  MG ? ? ? 1_555 I HOH .  O  ? ? A MG  101 A HOH 250 1_555 ? ? ? ? ? ? ?            2.130 ? ? 
metalc4  metalc ? ? C MG  .  MG ? ? ? 1_555 I HOH .  O  ? ? A MG  101 A HOH 260 3_545 ? ? ? ? ? ? ?            2.054 ? ? 
metalc5  metalc ? ? C MG  .  MG ? ? ? 1_555 J HOH .  O  ? ? A MG  101 B HOH 211 1_555 ? ? ? ? ? ? ?            2.080 ? ? 
metalc6  metalc ? ? C MG  .  MG ? ? ? 1_555 J HOH .  O  ? ? A MG  101 B HOH 270 1_555 ? ? ? ? ? ? ?            2.081 ? ? 
metalc7  metalc ? ? D MG  .  MG ? ? ? 1_555 I HOH .  O  ? ? A MG  102 A HOH 212 1_555 ? ? ? ? ? ? ?            2.077 ? ? 
metalc8  metalc ? ? D MG  .  MG ? ? ? 1_555 I HOH .  O  ? ? A MG  102 A HOH 226 1_555 ? ? ? ? ? ? ?            1.895 ? ? 
metalc9  metalc ? ? D MG  .  MG ? ? ? 1_555 I HOH .  O  ? ? A MG  102 A HOH 232 1_555 ? ? ? ? ? ? ?            1.998 ? ? 
metalc10 metalc ? ? D MG  .  MG ? ? ? 1_555 I HOH .  O  ? ? A MG  102 A HOH 284 1_555 ? ? ? ? ? ? ?            2.094 ? ? 
metalc11 metalc ? ? D MG  .  MG ? ? ? 1_555 J HOH .  O  ? ? A MG  102 B HOH 240 3_555 ? ? ? ? ? ? ?            2.037 ? ? 
metalc12 metalc ? ? D MG  .  MG ? ? ? 1_555 J HOH .  O  ? ? A MG  102 B HOH 285 3_555 ? ? ? ? ? ? ?            2.232 ? ? 
metalc13 metalc ? ? E MG  .  MG ? ? ? 1_555 I HOH .  O  ? ? A MG  103 A HOH 202 2_454 ? ? ? ? ? ? ?            2.198 ? ? 
metalc14 metalc ? ? E MG  .  MG ? ? ? 1_555 I HOH .  O  ? ? A MG  103 A HOH 229 1_555 ? ? ? ? ? ? ?            2.162 ? ? 
metalc15 metalc ? ? E MG  .  MG ? ? ? 1_555 I HOH .  O  ? ? A MG  103 A HOH 236 2_454 ? ? ? ? ? ? ?            2.087 ? ? 
metalc16 metalc ? ? E MG  .  MG ? ? ? 1_555 I HOH .  O  ? ? A MG  103 A HOH 271 2_454 ? ? ? ? ? ? ?            2.088 ? ? 
metalc17 metalc ? ? E MG  .  MG ? ? ? 1_555 J HOH .  O  ? ? A MG  103 B HOH 245 3_555 ? ? ? ? ? ? ?            2.021 ? ? 
metalc18 metalc ? ? E MG  .  MG ? ? ? 1_555 J HOH .  O  ? ? A MG  103 B HOH 255 3_555 ? ? ? ? ? ? ?            1.825 ? ? 
metalc19 metalc ? ? I HOH .  O  ? ? ? 1_555 G MG  .  MG ? ? A HOH 223 B MG  102 1_555 ? ? ? ? ? ? ?            2.108 ? ? 
metalc20 metalc ? ? I HOH .  O  ? ? ? 1_555 G MG  .  MG ? ? A HOH 261 B MG  102 1_555 ? ? ? ? ? ? ?            2.069 ? ? 
metalc21 metalc ? ? I HOH .  O  ? ? ? 1_555 G MG  .  MG ? ? A HOH 270 B MG  102 1_555 ? ? ? ? ? ? ?            2.166 ? ? 
metalc22 metalc ? ? F MG  .  MG ? ? ? 1_555 J HOH .  O  ? ? B MG  101 B HOH 225 2_454 ? ? ? ? ? ? ?            2.092 ? ? 
metalc23 metalc ? ? F MG  .  MG ? ? ? 1_555 J HOH .  O  ? ? B MG  101 B HOH 226 1_555 ? ? ? ? ? ? ?            2.121 ? ? 
metalc24 metalc ? ? F MG  .  MG ? ? ? 1_555 J HOH .  O  ? ? B MG  101 B HOH 237 1_555 ? ? ? ? ? ? ?            2.156 ? ? 
metalc25 metalc ? ? F MG  .  MG ? ? ? 1_555 J HOH .  O  ? ? B MG  101 B HOH 257 1_555 ? ? ? ? ? ? ?            2.095 ? ? 
metalc26 metalc ? ? F MG  .  MG ? ? ? 1_555 J HOH .  O  ? ? B MG  101 B HOH 259 2_454 ? ? ? ? ? ? ?            2.085 ? ? 
metalc27 metalc ? ? F MG  .  MG ? ? ? 1_555 J HOH .  O  ? ? B MG  101 B HOH 282 2_454 ? ? ? ? ? ? ?            2.006 ? ? 
metalc28 metalc ? ? G MG  .  MG ? ? ? 1_555 J HOH .  O  ? ? B MG  102 B HOH 244 1_555 ? ? ? ? ? ? ?            2.104 ? ? 
metalc29 metalc ? ? G MG  .  MG ? ? ? 1_555 J HOH .  O  ? ? B MG  102 B HOH 247 1_555 ? ? ? ? ? ? ?            2.045 ? ? 
metalc30 metalc ? ? G MG  .  MG ? ? ? 1_555 J HOH .  O  ? ? B MG  102 B HOH 271 1_555 ? ? ? ? ? ? ?            2.061 ? ? 
metalc31 metalc ? ? H MG  .  MG ? ? ? 1_555 J HOH .  O  ? ? B MG  103 B HOH 246 1_555 ? ? ? ? ? ? ?            2.010 ? ? 
metalc32 metalc ? ? H MG  .  MG ? ? ? 1_555 J HOH .  O  ? ? B MG  103 B HOH 248 1_455 ? ? ? ? ? ? ?            2.102 ? ? 
metalc33 metalc ? ? H MG  .  MG ? ? ? 1_555 J HOH .  O  ? ? B MG  103 B HOH 262 1_555 ? ? ? ? ? ? ?            2.332 ? ? 
metalc34 metalc ? ? H MG  .  MG ? ? ? 1_555 J HOH .  O  ? ? B MG  103 B HOH 268 3_445 ? ? ? ? ? ? ?            2.231 ? ? 
hydrog1  hydrog ? ? A DC  1  N3 ? ? ? 1_555 B DG  10 N1 ? ? A DC  1   B DG  10  1_555 ? ? ? ? ? ? WATSON-CRICK ?     ? ? 
hydrog2  hydrog ? ? A DC  1  N4 ? ? ? 1_555 B DG  10 O6 ? ? A DC  1   B DG  10  1_555 ? ? ? ? ? ? WATSON-CRICK ?     ? ? 
hydrog3  hydrog ? ? A DC  1  O2 ? ? ? 1_555 B DG  10 N2 ? ? A DC  1   B DG  10  1_555 ? ? ? ? ? ? WATSON-CRICK ?     ? ? 
hydrog4  hydrog ? ? A DC  2  N3 ? ? ? 1_555 B DG  9  N1 A ? A DC  2   B DG  9   1_555 ? ? ? ? ? ? WATSON-CRICK ?     ? ? 
hydrog5  hydrog ? ? A DC  2  N3 ? ? ? 1_555 B DG  9  N1 B ? A DC  2   B DG  9   1_555 ? ? ? ? ? ? WATSON-CRICK ?     ? ? 
hydrog6  hydrog ? ? A DC  2  N4 ? ? ? 1_555 B DG  9  O6 A ? A DC  2   B DG  9   1_555 ? ? ? ? ? ? WATSON-CRICK ?     ? ? 
hydrog7  hydrog ? ? A DC  2  N4 ? ? ? 1_555 B DG  9  O6 B ? A DC  2   B DG  9   1_555 ? ? ? ? ? ? WATSON-CRICK ?     ? ? 
hydrog8  hydrog ? ? A DC  2  O2 ? ? ? 1_555 B DG  9  N2 A ? A DC  2   B DG  9   1_555 ? ? ? ? ? ? WATSON-CRICK ?     ? ? 
hydrog9  hydrog ? ? A DC  2  O2 ? ? ? 1_555 B DG  9  N2 B ? A DC  2   B DG  9   1_555 ? ? ? ? ? ? WATSON-CRICK ?     ? ? 
hydrog10 hydrog ? ? A DA  3  N1 ? ? ? 1_555 B DT  8  N3 ? ? A DA  3   B DT  8   1_555 ? ? ? ? ? ? WATSON-CRICK ?     ? ? 
hydrog11 hydrog ? ? A DA  3  N6 ? ? ? 1_555 B DT  8  O4 ? ? A DA  3   B DT  8   1_555 ? ? ? ? ? ? WATSON-CRICK ?     ? ? 
hydrog12 hydrog ? ? A DI  4  N1 ? ? ? 1_555 B DC  7  N3 ? ? A DI  4   B DC  7   1_555 ? ? ? ? ? ? TYPE_29_PAIR ?     ? ? 
hydrog13 hydrog ? ? A DI  4  O6 ? ? ? 1_555 B DC  7  N4 ? ? A DI  4   B DC  7   1_555 ? ? ? ? ? ? TYPE_29_PAIR ?     ? ? 
hydrog14 hydrog ? ? A DI  5  N1 ? ? ? 1_555 B DC  6  N3 ? ? A DI  5   B DC  6   1_555 ? ? ? ? ? ? TYPE_29_PAIR ?     ? ? 
hydrog15 hydrog ? ? A DI  5  O6 ? ? ? 1_555 B DC  6  N4 ? ? A DI  5   B DC  6   1_555 ? ? ? ? ? ? TYPE_29_PAIR ?     ? ? 
hydrog16 hydrog ? ? A DC  6  N3 ? ? ? 1_555 B DI  5  N1 ? ? A DC  6   B DI  5   1_555 ? ? ? ? ? ? TYPE_29_PAIR ?     ? ? 
hydrog17 hydrog ? ? A DC  6  N4 ? ? ? 1_555 B DI  5  O6 ? ? A DC  6   B DI  5   1_555 ? ? ? ? ? ? TYPE_29_PAIR ?     ? ? 
hydrog18 hydrog ? ? A DC  7  N3 ? ? ? 1_555 B DI  4  N1 ? ? A DC  7   B DI  4   1_555 ? ? ? ? ? ? TYPE_29_PAIR ?     ? ? 
hydrog19 hydrog ? ? A DC  7  N4 ? ? ? 1_555 B DI  4  O6 ? ? A DC  7   B DI  4   1_555 ? ? ? ? ? ? TYPE_29_PAIR ?     ? ? 
hydrog20 hydrog ? ? A DT  8  N3 ? ? ? 1_555 B DA  3  N1 ? ? A DT  8   B DA  3   1_555 ? ? ? ? ? ? WATSON-CRICK ?     ? ? 
hydrog21 hydrog ? ? A DT  8  O4 ? ? ? 1_555 B DA  3  N6 ? ? A DT  8   B DA  3   1_555 ? ? ? ? ? ? WATSON-CRICK ?     ? ? 
hydrog22 hydrog ? ? A DG  9  N1 ? ? ? 1_555 B DC  2  N3 ? ? A DG  9   B DC  2   1_555 ? ? ? ? ? ? WATSON-CRICK ?     ? ? 
hydrog23 hydrog ? ? A DG  9  N2 ? ? ? 1_555 B DC  2  O2 ? ? A DG  9   B DC  2   1_555 ? ? ? ? ? ? WATSON-CRICK ?     ? ? 
hydrog24 hydrog ? ? A DG  9  O6 ? ? ? 1_555 B DC  2  N4 ? ? A DG  9   B DC  2   1_555 ? ? ? ? ? ? WATSON-CRICK ?     ? ? 
hydrog25 hydrog ? ? A DG  10 N1 ? ? ? 1_555 B DC  1  N3 ? ? A DG  10  B DC  1   1_555 ? ? ? ? ? ? WATSON-CRICK ?     ? ? 
hydrog26 hydrog ? ? A DG  10 N2 ? ? ? 1_555 B DC  1  O2 ? ? A DG  10  B DC  1   1_555 ? ? ? ? ? ? WATSON-CRICK ?     ? ? 
hydrog27 hydrog ? ? A DG  10 O6 ? ? ? 1_555 B DC  1  N4 ? ? A DG  10  B DC  1   1_555 ? ? ? ? ? ? WATSON-CRICK ?     ? ? 
# 
loop_
_struct_conn_type.id 
_struct_conn_type.criteria 
_struct_conn_type.reference 
metalc ? ? 
hydrog ? ? 
# 
loop_
_pdbx_struct_conn_angle.id 
_pdbx_struct_conn_angle.ptnr1_label_atom_id 
_pdbx_struct_conn_angle.ptnr1_label_alt_id 
_pdbx_struct_conn_angle.ptnr1_label_asym_id 
_pdbx_struct_conn_angle.ptnr1_label_comp_id 
_pdbx_struct_conn_angle.ptnr1_label_seq_id 
_pdbx_struct_conn_angle.ptnr1_auth_atom_id 
_pdbx_struct_conn_angle.ptnr1_auth_asym_id 
_pdbx_struct_conn_angle.ptnr1_auth_comp_id 
_pdbx_struct_conn_angle.ptnr1_auth_seq_id 
_pdbx_struct_conn_angle.ptnr1_PDB_ins_code 
_pdbx_struct_conn_angle.ptnr1_symmetry 
_pdbx_struct_conn_angle.ptnr2_label_atom_id 
_pdbx_struct_conn_angle.ptnr2_label_alt_id 
_pdbx_struct_conn_angle.ptnr2_label_asym_id 
_pdbx_struct_conn_angle.ptnr2_label_comp_id 
_pdbx_struct_conn_angle.ptnr2_label_seq_id 
_pdbx_struct_conn_angle.ptnr2_auth_atom_id 
_pdbx_struct_conn_angle.ptnr2_auth_asym_id 
_pdbx_struct_conn_angle.ptnr2_auth_comp_id 
_pdbx_struct_conn_angle.ptnr2_auth_seq_id 
_pdbx_struct_conn_angle.ptnr2_PDB_ins_code 
_pdbx_struct_conn_angle.ptnr2_symmetry 
_pdbx_struct_conn_angle.ptnr3_label_atom_id 
_pdbx_struct_conn_angle.ptnr3_label_alt_id 
_pdbx_struct_conn_angle.ptnr3_label_asym_id 
_pdbx_struct_conn_angle.ptnr3_label_comp_id 
_pdbx_struct_conn_angle.ptnr3_label_seq_id 
_pdbx_struct_conn_angle.ptnr3_auth_atom_id 
_pdbx_struct_conn_angle.ptnr3_auth_asym_id 
_pdbx_struct_conn_angle.ptnr3_auth_comp_id 
_pdbx_struct_conn_angle.ptnr3_auth_seq_id 
_pdbx_struct_conn_angle.ptnr3_PDB_ins_code 
_pdbx_struct_conn_angle.ptnr3_symmetry 
_pdbx_struct_conn_angle.value 
_pdbx_struct_conn_angle.value_esd 
1  O ? I HOH . ? A HOH 206 ? 3_545 MG ? C MG . ? A MG 101 ? 1_555 O ? I HOH . ? A HOH 224 ? 1_555 95.3  ? 
2  O ? I HOH . ? A HOH 206 ? 3_545 MG ? C MG . ? A MG 101 ? 1_555 O ? I HOH . ? A HOH 250 ? 1_555 88.4  ? 
3  O ? I HOH . ? A HOH 224 ? 1_555 MG ? C MG . ? A MG 101 ? 1_555 O ? I HOH . ? A HOH 250 ? 1_555 87.4  ? 
4  O ? I HOH . ? A HOH 206 ? 3_545 MG ? C MG . ? A MG 101 ? 1_555 O ? I HOH . ? A HOH 260 ? 3_545 90.1  ? 
5  O ? I HOH . ? A HOH 224 ? 1_555 MG ? C MG . ? A MG 101 ? 1_555 O ? I HOH . ? A HOH 260 ? 3_545 88.1  ? 
6  O ? I HOH . ? A HOH 250 ? 1_555 MG ? C MG . ? A MG 101 ? 1_555 O ? I HOH . ? A HOH 260 ? 3_545 175.1 ? 
7  O ? I HOH . ? A HOH 206 ? 3_545 MG ? C MG . ? A MG 101 ? 1_555 O ? J HOH . ? B HOH 211 ? 1_555 173.7 ? 
8  O ? I HOH . ? A HOH 224 ? 1_555 MG ? C MG . ? A MG 101 ? 1_555 O ? J HOH . ? B HOH 211 ? 1_555 90.9  ? 
9  O ? I HOH . ? A HOH 250 ? 1_555 MG ? C MG . ? A MG 101 ? 1_555 O ? J HOH . ? B HOH 211 ? 1_555 90.7  ? 
10 O ? I HOH . ? A HOH 260 ? 3_545 MG ? C MG . ? A MG 101 ? 1_555 O ? J HOH . ? B HOH 211 ? 1_555 91.2  ? 
11 O ? I HOH . ? A HOH 206 ? 3_545 MG ? C MG . ? A MG 101 ? 1_555 O ? J HOH . ? B HOH 270 ? 1_555 88.9  ? 
12 O ? I HOH . ? A HOH 224 ? 1_555 MG ? C MG . ? A MG 101 ? 1_555 O ? J HOH . ? B HOH 270 ? 1_555 175.7 ? 
13 O ? I HOH . ? A HOH 250 ? 1_555 MG ? C MG . ? A MG 101 ? 1_555 O ? J HOH . ? B HOH 270 ? 1_555 91.9  ? 
14 O ? I HOH . ? A HOH 260 ? 3_545 MG ? C MG . ? A MG 101 ? 1_555 O ? J HOH . ? B HOH 270 ? 1_555 92.7  ? 
15 O ? J HOH . ? B HOH 211 ? 1_555 MG ? C MG . ? A MG 101 ? 1_555 O ? J HOH . ? B HOH 270 ? 1_555 84.8  ? 
16 O ? I HOH . ? A HOH 212 ? 1_555 MG ? D MG . ? A MG 102 ? 1_555 O ? I HOH . ? A HOH 226 ? 1_555 91.9  ? 
17 O ? I HOH . ? A HOH 212 ? 1_555 MG ? D MG . ? A MG 102 ? 1_555 O ? I HOH . ? A HOH 232 ? 1_555 86.9  ? 
18 O ? I HOH . ? A HOH 226 ? 1_555 MG ? D MG . ? A MG 102 ? 1_555 O ? I HOH . ? A HOH 232 ? 1_555 92.9  ? 
19 O ? I HOH . ? A HOH 212 ? 1_555 MG ? D MG . ? A MG 102 ? 1_555 O ? I HOH . ? A HOH 284 ? 1_555 176.3 ? 
20 O ? I HOH . ? A HOH 226 ? 1_555 MG ? D MG . ? A MG 102 ? 1_555 O ? I HOH . ? A HOH 284 ? 1_555 91.6  ? 
21 O ? I HOH . ? A HOH 232 ? 1_555 MG ? D MG . ? A MG 102 ? 1_555 O ? I HOH . ? A HOH 284 ? 1_555 91.7  ? 
22 O ? I HOH . ? A HOH 212 ? 1_555 MG ? D MG . ? A MG 102 ? 1_555 O ? J HOH . ? B HOH 240 ? 3_555 84.7  ? 
23 O ? I HOH . ? A HOH 226 ? 1_555 MG ? D MG . ? A MG 102 ? 1_555 O ? J HOH . ? B HOH 240 ? 3_555 97.3  ? 
24 O ? I HOH . ? A HOH 232 ? 1_555 MG ? D MG . ? A MG 102 ? 1_555 O ? J HOH . ? B HOH 240 ? 3_555 167.0 ? 
25 O ? I HOH . ? A HOH 284 ? 1_555 MG ? D MG . ? A MG 102 ? 1_555 O ? J HOH . ? B HOH 240 ? 3_555 96.1  ? 
26 O ? I HOH . ? A HOH 212 ? 1_555 MG ? D MG . ? A MG 102 ? 1_555 O ? J HOH . ? B HOH 285 ? 3_555 90.4  ? 
27 O ? I HOH . ? A HOH 226 ? 1_555 MG ? D MG . ? A MG 102 ? 1_555 O ? J HOH . ? B HOH 285 ? 3_555 175.0 ? 
28 O ? I HOH . ? A HOH 232 ? 1_555 MG ? D MG . ? A MG 102 ? 1_555 O ? J HOH . ? B HOH 285 ? 3_555 82.8  ? 
29 O ? I HOH . ? A HOH 284 ? 1_555 MG ? D MG . ? A MG 102 ? 1_555 O ? J HOH . ? B HOH 285 ? 3_555 86.1  ? 
30 O ? J HOH . ? B HOH 240 ? 3_555 MG ? D MG . ? A MG 102 ? 1_555 O ? J HOH . ? B HOH 285 ? 3_555 87.3  ? 
31 O ? I HOH . ? A HOH 202 ? 2_454 MG ? E MG . ? A MG 103 ? 1_555 O ? I HOH . ? A HOH 229 ? 1_555 81.3  ? 
32 O ? I HOH . ? A HOH 202 ? 2_454 MG ? E MG . ? A MG 103 ? 1_555 O ? I HOH . ? A HOH 236 ? 2_454 92.5  ? 
33 O ? I HOH . ? A HOH 229 ? 1_555 MG ? E MG . ? A MG 103 ? 1_555 O ? I HOH . ? A HOH 236 ? 2_454 169.2 ? 
34 O ? I HOH . ? A HOH 202 ? 2_454 MG ? E MG . ? A MG 103 ? 1_555 O ? I HOH . ? A HOH 271 ? 2_454 85.8  ? 
35 O ? I HOH . ? A HOH 229 ? 1_555 MG ? E MG . ? A MG 103 ? 1_555 O ? I HOH . ? A HOH 271 ? 2_454 102.6 ? 
36 O ? I HOH . ? A HOH 236 ? 2_454 MG ? E MG . ? A MG 103 ? 1_555 O ? I HOH . ? A HOH 271 ? 2_454 85.6  ? 
37 O ? I HOH . ? A HOH 202 ? 2_454 MG ? E MG . ? A MG 103 ? 1_555 O ? J HOH . ? B HOH 245 ? 3_555 168.5 ? 
38 O ? I HOH . ? A HOH 229 ? 1_555 MG ? E MG . ? A MG 103 ? 1_555 O ? J HOH . ? B HOH 245 ? 3_555 95.6  ? 
39 O ? I HOH . ? A HOH 236 ? 2_454 MG ? E MG . ? A MG 103 ? 1_555 O ? J HOH . ? B HOH 245 ? 3_555 92.2  ? 
40 O ? I HOH . ? A HOH 271 ? 2_454 MG ? E MG . ? A MG 103 ? 1_555 O ? J HOH . ? B HOH 245 ? 3_555 84.1  ? 
41 O ? I HOH . ? A HOH 202 ? 2_454 MG ? E MG . ? A MG 103 ? 1_555 O ? J HOH . ? B HOH 255 ? 3_555 102.8 ? 
42 O ? I HOH . ? A HOH 229 ? 1_555 MG ? E MG . ? A MG 103 ? 1_555 O ? J HOH . ? B HOH 255 ? 3_555 78.7  ? 
43 O ? I HOH . ? A HOH 236 ? 2_454 MG ? E MG . ? A MG 103 ? 1_555 O ? J HOH . ? B HOH 255 ? 3_555 94.3  ? 
44 O ? I HOH . ? A HOH 271 ? 2_454 MG ? E MG . ? A MG 103 ? 1_555 O ? J HOH . ? B HOH 255 ? 3_555 171.4 ? 
45 O ? J HOH . ? B HOH 245 ? 3_555 MG ? E MG . ? A MG 103 ? 1_555 O ? J HOH . ? B HOH 255 ? 3_555 87.3  ? 
46 O ? I HOH . ? A HOH 223 ? 1_555 MG ? G MG . ? B MG 102 ? 1_555 O ? I HOH . ? A HOH 261 ? 1_555 86.1  ? 
47 O ? I HOH . ? A HOH 223 ? 1_555 MG ? G MG . ? B MG 102 ? 1_555 O ? I HOH . ? A HOH 270 ? 1_555 93.4  ? 
48 O ? I HOH . ? A HOH 261 ? 1_555 MG ? G MG . ? B MG 102 ? 1_555 O ? I HOH . ? A HOH 270 ? 1_555 86.9  ? 
49 O ? I HOH . ? A HOH 223 ? 1_555 MG ? G MG . ? B MG 102 ? 1_555 O ? J HOH . ? B HOH 244 ? 1_555 90.1  ? 
50 O ? I HOH . ? A HOH 261 ? 1_555 MG ? G MG . ? B MG 102 ? 1_555 O ? J HOH . ? B HOH 244 ? 1_555 171.2 ? 
51 O ? I HOH . ? A HOH 270 ? 1_555 MG ? G MG . ? B MG 102 ? 1_555 O ? J HOH . ? B HOH 244 ? 1_555 85.4  ? 
52 O ? I HOH . ? A HOH 223 ? 1_555 MG ? G MG . ? B MG 102 ? 1_555 O ? J HOH . ? B HOH 247 ? 1_555 88.4  ? 
53 O ? I HOH . ? A HOH 261 ? 1_555 MG ? G MG . ? B MG 102 ? 1_555 O ? J HOH . ? B HOH 247 ? 1_555 96.9  ? 
54 O ? I HOH . ? A HOH 270 ? 1_555 MG ? G MG . ? B MG 102 ? 1_555 O ? J HOH . ? B HOH 247 ? 1_555 175.9 ? 
55 O ? J HOH . ? B HOH 244 ? 1_555 MG ? G MG . ? B MG 102 ? 1_555 O ? J HOH . ? B HOH 247 ? 1_555 90.9  ? 
56 O ? I HOH . ? A HOH 223 ? 1_555 MG ? G MG . ? B MG 102 ? 1_555 O ? J HOH . ? B HOH 271 ? 1_555 174.7 ? 
57 O ? I HOH . ? A HOH 261 ? 1_555 MG ? G MG . ? B MG 102 ? 1_555 O ? J HOH . ? B HOH 271 ? 1_555 90.2  ? 
58 O ? I HOH . ? A HOH 270 ? 1_555 MG ? G MG . ? B MG 102 ? 1_555 O ? J HOH . ? B HOH 271 ? 1_555 90.1  ? 
59 O ? J HOH . ? B HOH 244 ? 1_555 MG ? G MG . ? B MG 102 ? 1_555 O ? J HOH . ? B HOH 271 ? 1_555 94.1  ? 
60 O ? J HOH . ? B HOH 247 ? 1_555 MG ? G MG . ? B MG 102 ? 1_555 O ? J HOH . ? B HOH 271 ? 1_555 88.3  ? 
61 O ? J HOH . ? B HOH 225 ? 2_454 MG ? F MG . ? B MG 101 ? 1_555 O ? J HOH . ? B HOH 226 ? 1_555 89.9  ? 
62 O ? J HOH . ? B HOH 225 ? 2_454 MG ? F MG . ? B MG 101 ? 1_555 O ? J HOH . ? B HOH 237 ? 1_555 93.7  ? 
63 O ? J HOH . ? B HOH 226 ? 1_555 MG ? F MG . ? B MG 101 ? 1_555 O ? J HOH . ? B HOH 237 ? 1_555 86.7  ? 
64 O ? J HOH . ? B HOH 225 ? 2_454 MG ? F MG . ? B MG 101 ? 1_555 O ? J HOH . ? B HOH 257 ? 1_555 176.7 ? 
65 O ? J HOH . ? B HOH 226 ? 1_555 MG ? F MG . ? B MG 101 ? 1_555 O ? J HOH . ? B HOH 257 ? 1_555 87.8  ? 
66 O ? J HOH . ? B HOH 237 ? 1_555 MG ? F MG . ? B MG 101 ? 1_555 O ? J HOH . ? B HOH 257 ? 1_555 88.4  ? 
67 O ? J HOH . ? B HOH 225 ? 2_454 MG ? F MG . ? B MG 101 ? 1_555 O ? J HOH . ? B HOH 259 ? 2_454 89.2  ? 
68 O ? J HOH . ? B HOH 226 ? 1_555 MG ? F MG . ? B MG 101 ? 1_555 O ? J HOH . ? B HOH 259 ? 2_454 174.1 ? 
69 O ? J HOH . ? B HOH 237 ? 1_555 MG ? F MG . ? B MG 101 ? 1_555 O ? J HOH . ? B HOH 259 ? 2_454 87.5  ? 
70 O ? J HOH . ? B HOH 257 ? 1_555 MG ? F MG . ? B MG 101 ? 1_555 O ? J HOH . ? B HOH 259 ? 2_454 93.3  ? 
71 O ? J HOH . ? B HOH 225 ? 2_454 MG ? F MG . ? B MG 101 ? 1_555 O ? J HOH . ? B HOH 282 ? 2_454 90.2  ? 
72 O ? J HOH . ? B HOH 226 ? 1_555 MG ? F MG . ? B MG 101 ? 1_555 O ? J HOH . ? B HOH 282 ? 2_454 93.4  ? 
73 O ? J HOH . ? B HOH 237 ? 1_555 MG ? F MG . ? B MG 101 ? 1_555 O ? J HOH . ? B HOH 282 ? 2_454 176.0 ? 
74 O ? J HOH . ? B HOH 257 ? 1_555 MG ? F MG . ? B MG 101 ? 1_555 O ? J HOH . ? B HOH 282 ? 2_454 87.6  ? 
75 O ? J HOH . ? B HOH 259 ? 2_454 MG ? F MG . ? B MG 101 ? 1_555 O ? J HOH . ? B HOH 282 ? 2_454 92.5  ? 
76 O ? J HOH . ? B HOH 246 ? 1_555 MG ? H MG . ? B MG 103 ? 1_555 O ? J HOH . ? B HOH 248 ? 1_455 86.7  ? 
77 O ? J HOH . ? B HOH 246 ? 1_555 MG ? H MG . ? B MG 103 ? 1_555 O ? J HOH . ? B HOH 262 ? 1_555 92.6  ? 
78 O ? J HOH . ? B HOH 248 ? 1_455 MG ? H MG . ? B MG 103 ? 1_555 O ? J HOH . ? B HOH 262 ? 1_555 93.1  ? 
79 O ? J HOH . ? B HOH 246 ? 1_555 MG ? H MG . ? B MG 103 ? 1_555 O ? J HOH . ? B HOH 268 ? 3_445 167.0 ? 
80 O ? J HOH . ? B HOH 248 ? 1_455 MG ? H MG . ? B MG 103 ? 1_555 O ? J HOH . ? B HOH 268 ? 3_445 93.1  ? 
81 O ? J HOH . ? B HOH 262 ? 1_555 MG ? H MG . ? B MG 103 ? 1_555 O ? J HOH . ? B HOH 268 ? 3_445 74.4  ? 
# 
loop_
_struct_site.id 
_struct_site.pdbx_evidence_code 
_struct_site.pdbx_auth_asym_id 
_struct_site.pdbx_auth_comp_id 
_struct_site.pdbx_auth_seq_id 
_struct_site.pdbx_auth_ins_code 
_struct_site.pdbx_num_residues 
_struct_site.details 
AC1 Software A MG 101 ? 6 'binding site for residue MG A 101' 
AC2 Software A MG 102 ? 6 'binding site for residue MG A 102' 
AC3 Software A MG 103 ? 6 'binding site for residue MG A 103' 
AC4 Software B MG 101 ? 6 'binding site for residue MG B 101' 
AC5 Software B MG 102 ? 6 'binding site for residue MG B 102' 
AC6 Software B MG 103 ? 4 'binding site for residue MG B 103' 
# 
loop_
_struct_site_gen.id 
_struct_site_gen.site_id 
_struct_site_gen.pdbx_num_res 
_struct_site_gen.label_comp_id 
_struct_site_gen.label_asym_id 
_struct_site_gen.label_seq_id 
_struct_site_gen.pdbx_auth_ins_code 
_struct_site_gen.auth_comp_id 
_struct_site_gen.auth_asym_id 
_struct_site_gen.auth_seq_id 
_struct_site_gen.label_atom_id 
_struct_site_gen.label_alt_id 
_struct_site_gen.symmetry 
_struct_site_gen.details 
1  AC1 6 HOH I . ? HOH A 206 . ? 3_545 ? 
2  AC1 6 HOH I . ? HOH A 224 . ? 1_555 ? 
3  AC1 6 HOH I . ? HOH A 250 . ? 1_555 ? 
4  AC1 6 HOH I . ? HOH A 260 . ? 3_545 ? 
5  AC1 6 HOH J . ? HOH B 211 . ? 1_555 ? 
6  AC1 6 HOH J . ? HOH B 270 . ? 1_555 ? 
7  AC2 6 HOH I . ? HOH A 212 . ? 1_555 ? 
8  AC2 6 HOH I . ? HOH A 226 . ? 1_555 ? 
9  AC2 6 HOH I . ? HOH A 232 . ? 1_555 ? 
10 AC2 6 HOH I . ? HOH A 284 . ? 1_555 ? 
11 AC2 6 HOH J . ? HOH B 240 . ? 3_555 ? 
12 AC2 6 HOH J . ? HOH B 285 . ? 3_555 ? 
13 AC3 6 HOH I . ? HOH A 202 . ? 2_454 ? 
14 AC3 6 HOH I . ? HOH A 229 . ? 1_555 ? 
15 AC3 6 HOH I . ? HOH A 236 . ? 2_454 ? 
16 AC3 6 HOH I . ? HOH A 271 . ? 2_454 ? 
17 AC3 6 HOH J . ? HOH B 245 . ? 3_555 ? 
18 AC3 6 HOH J . ? HOH B 255 . ? 3_555 ? 
19 AC4 6 HOH J . ? HOH B 225 . ? 2_454 ? 
20 AC4 6 HOH J . ? HOH B 226 . ? 1_555 ? 
21 AC4 6 HOH J . ? HOH B 237 . ? 1_555 ? 
22 AC4 6 HOH J . ? HOH B 257 . ? 1_555 ? 
23 AC4 6 HOH J . ? HOH B 259 . ? 2_454 ? 
24 AC4 6 HOH J . ? HOH B 282 . ? 2_454 ? 
25 AC5 6 HOH I . ? HOH A 223 . ? 1_555 ? 
26 AC5 6 HOH I . ? HOH A 261 . ? 1_555 ? 
27 AC5 6 HOH I . ? HOH A 270 . ? 1_555 ? 
28 AC5 6 HOH J . ? HOH B 244 . ? 1_555 ? 
29 AC5 6 HOH J . ? HOH B 247 . ? 1_555 ? 
30 AC5 6 HOH J . ? HOH B 271 . ? 1_555 ? 
31 AC6 4 HOH J . ? HOH B 246 . ? 1_555 ? 
32 AC6 4 HOH J . ? HOH B 248 . ? 1_455 ? 
33 AC6 4 HOH J . ? HOH B 262 . ? 1_555 ? 
34 AC6 4 HOH J . ? HOH B 268 . ? 3_445 ? 
# 
_pdbx_validate_close_contact.id               1 
_pdbx_validate_close_contact.PDB_model_num    1 
_pdbx_validate_close_contact.auth_atom_id_1   O 
_pdbx_validate_close_contact.auth_asym_id_1   A 
_pdbx_validate_close_contact.auth_comp_id_1   HOH 
_pdbx_validate_close_contact.auth_seq_id_1    201 
_pdbx_validate_close_contact.PDB_ins_code_1   ? 
_pdbx_validate_close_contact.label_alt_id_1   ? 
_pdbx_validate_close_contact.auth_atom_id_2   O 
_pdbx_validate_close_contact.auth_asym_id_2   A 
_pdbx_validate_close_contact.auth_comp_id_2   HOH 
_pdbx_validate_close_contact.auth_seq_id_2    233 
_pdbx_validate_close_contact.PDB_ins_code_2   ? 
_pdbx_validate_close_contact.label_alt_id_2   ? 
_pdbx_validate_close_contact.dist             2.10 
# 
loop_
_pdbx_validate_symm_contact.id 
_pdbx_validate_symm_contact.PDB_model_num 
_pdbx_validate_symm_contact.auth_atom_id_1 
_pdbx_validate_symm_contact.auth_asym_id_1 
_pdbx_validate_symm_contact.auth_comp_id_1 
_pdbx_validate_symm_contact.auth_seq_id_1 
_pdbx_validate_symm_contact.PDB_ins_code_1 
_pdbx_validate_symm_contact.label_alt_id_1 
_pdbx_validate_symm_contact.site_symmetry_1 
_pdbx_validate_symm_contact.auth_atom_id_2 
_pdbx_validate_symm_contact.auth_asym_id_2 
_pdbx_validate_symm_contact.auth_comp_id_2 
_pdbx_validate_symm_contact.auth_seq_id_2 
_pdbx_validate_symm_contact.PDB_ins_code_2 
_pdbx_validate_symm_contact.label_alt_id_2 
_pdbx_validate_symm_contact.site_symmetry_2 
_pdbx_validate_symm_contact.dist 
1 1 O A HOH 214 ? ? 1_555 O A HOH 238 ? ? 3_455 2.15 
2 1 O A HOH 265 ? ? 1_555 O B HOH 283 ? ? 3_445 2.17 
# 
loop_
_pdbx_validate_planes.id 
_pdbx_validate_planes.PDB_model_num 
_pdbx_validate_planes.auth_comp_id 
_pdbx_validate_planes.auth_asym_id 
_pdbx_validate_planes.auth_seq_id 
_pdbx_validate_planes.PDB_ins_code 
_pdbx_validate_planes.label_alt_id 
_pdbx_validate_planes.rmsd 
_pdbx_validate_planes.type 
1 1 DC A 1 ? ? 0.068 'SIDE CHAIN' 
2 1 DG A 9 ? ? 0.057 'SIDE CHAIN' 
# 
loop_
_chem_comp_atom.comp_id 
_chem_comp_atom.atom_id 
_chem_comp_atom.type_symbol 
_chem_comp_atom.pdbx_aromatic_flag 
_chem_comp_atom.pdbx_stereo_config 
_chem_comp_atom.pdbx_ordinal 
DA  OP3    O  N N 1   
DA  P      P  N N 2   
DA  OP1    O  N N 3   
DA  OP2    O  N N 4   
DA  "O5'"  O  N N 5   
DA  "C5'"  C  N N 6   
DA  "C4'"  C  N R 7   
DA  "O4'"  O  N N 8   
DA  "C3'"  C  N S 9   
DA  "O3'"  O  N N 10  
DA  "C2'"  C  N N 11  
DA  "C1'"  C  N R 12  
DA  N9     N  Y N 13  
DA  C8     C  Y N 14  
DA  N7     N  Y N 15  
DA  C5     C  Y N 16  
DA  C6     C  Y N 17  
DA  N6     N  N N 18  
DA  N1     N  Y N 19  
DA  C2     C  Y N 20  
DA  N3     N  Y N 21  
DA  C4     C  Y N 22  
DA  HOP3   H  N N 23  
DA  HOP2   H  N N 24  
DA  "H5'"  H  N N 25  
DA  "H5''" H  N N 26  
DA  "H4'"  H  N N 27  
DA  "H3'"  H  N N 28  
DA  "HO3'" H  N N 29  
DA  "H2'"  H  N N 30  
DA  "H2''" H  N N 31  
DA  "H1'"  H  N N 32  
DA  H8     H  N N 33  
DA  H61    H  N N 34  
DA  H62    H  N N 35  
DA  H2     H  N N 36  
DC  OP3    O  N N 37  
DC  P      P  N N 38  
DC  OP1    O  N N 39  
DC  OP2    O  N N 40  
DC  "O5'"  O  N N 41  
DC  "C5'"  C  N N 42  
DC  "C4'"  C  N R 43  
DC  "O4'"  O  N N 44  
DC  "C3'"  C  N S 45  
DC  "O3'"  O  N N 46  
DC  "C2'"  C  N N 47  
DC  "C1'"  C  N R 48  
DC  N1     N  N N 49  
DC  C2     C  N N 50  
DC  O2     O  N N 51  
DC  N3     N  N N 52  
DC  C4     C  N N 53  
DC  N4     N  N N 54  
DC  C5     C  N N 55  
DC  C6     C  N N 56  
DC  HOP3   H  N N 57  
DC  HOP2   H  N N 58  
DC  "H5'"  H  N N 59  
DC  "H5''" H  N N 60  
DC  "H4'"  H  N N 61  
DC  "H3'"  H  N N 62  
DC  "HO3'" H  N N 63  
DC  "H2'"  H  N N 64  
DC  "H2''" H  N N 65  
DC  "H1'"  H  N N 66  
DC  H41    H  N N 67  
DC  H42    H  N N 68  
DC  H5     H  N N 69  
DC  H6     H  N N 70  
DG  OP3    O  N N 71  
DG  P      P  N N 72  
DG  OP1    O  N N 73  
DG  OP2    O  N N 74  
DG  "O5'"  O  N N 75  
DG  "C5'"  C  N N 76  
DG  "C4'"  C  N R 77  
DG  "O4'"  O  N N 78  
DG  "C3'"  C  N S 79  
DG  "O3'"  O  N N 80  
DG  "C2'"  C  N N 81  
DG  "C1'"  C  N R 82  
DG  N9     N  Y N 83  
DG  C8     C  Y N 84  
DG  N7     N  Y N 85  
DG  C5     C  Y N 86  
DG  C6     C  N N 87  
DG  O6     O  N N 88  
DG  N1     N  N N 89  
DG  C2     C  N N 90  
DG  N2     N  N N 91  
DG  N3     N  N N 92  
DG  C4     C  Y N 93  
DG  HOP3   H  N N 94  
DG  HOP2   H  N N 95  
DG  "H5'"  H  N N 96  
DG  "H5''" H  N N 97  
DG  "H4'"  H  N N 98  
DG  "H3'"  H  N N 99  
DG  "HO3'" H  N N 100 
DG  "H2'"  H  N N 101 
DG  "H2''" H  N N 102 
DG  "H1'"  H  N N 103 
DG  H8     H  N N 104 
DG  H1     H  N N 105 
DG  H21    H  N N 106 
DG  H22    H  N N 107 
DI  OP3    O  N N 108 
DI  P      P  N N 109 
DI  OP1    O  N N 110 
DI  OP2    O  N N 111 
DI  "O5'"  O  N N 112 
DI  "C5'"  C  N N 113 
DI  "C4'"  C  N R 114 
DI  "O4'"  O  N N 115 
DI  "C3'"  C  N S 116 
DI  "O3'"  O  N N 117 
DI  "C2'"  C  N N 118 
DI  "C1'"  C  N R 119 
DI  N9     N  Y N 120 
DI  C8     C  Y N 121 
DI  N7     N  Y N 122 
DI  C5     C  Y N 123 
DI  C6     C  N N 124 
DI  O6     O  N N 125 
DI  N1     N  N N 126 
DI  C2     C  N N 127 
DI  N3     N  N N 128 
DI  C4     C  Y N 129 
DI  HOP3   H  N N 130 
DI  HOP2   H  N N 131 
DI  "H5'"  H  N N 132 
DI  "H5''" H  N N 133 
DI  "H4'"  H  N N 134 
DI  "H3'"  H  N N 135 
DI  "HO3'" H  N N 136 
DI  "H2'"  H  N N 137 
DI  "H2''" H  N N 138 
DI  "H1'"  H  N N 139 
DI  H8     H  N N 140 
DI  H1     H  N N 141 
DI  H2     H  N N 142 
DT  OP3    O  N N 143 
DT  P      P  N N 144 
DT  OP1    O  N N 145 
DT  OP2    O  N N 146 
DT  "O5'"  O  N N 147 
DT  "C5'"  C  N N 148 
DT  "C4'"  C  N R 149 
DT  "O4'"  O  N N 150 
DT  "C3'"  C  N S 151 
DT  "O3'"  O  N N 152 
DT  "C2'"  C  N N 153 
DT  "C1'"  C  N R 154 
DT  N1     N  N N 155 
DT  C2     C  N N 156 
DT  O2     O  N N 157 
DT  N3     N  N N 158 
DT  C4     C  N N 159 
DT  O4     O  N N 160 
DT  C5     C  N N 161 
DT  C7     C  N N 162 
DT  C6     C  N N 163 
DT  HOP3   H  N N 164 
DT  HOP2   H  N N 165 
DT  "H5'"  H  N N 166 
DT  "H5''" H  N N 167 
DT  "H4'"  H  N N 168 
DT  "H3'"  H  N N 169 
DT  "HO3'" H  N N 170 
DT  "H2'"  H  N N 171 
DT  "H2''" H  N N 172 
DT  "H1'"  H  N N 173 
DT  H3     H  N N 174 
DT  H71    H  N N 175 
DT  H72    H  N N 176 
DT  H73    H  N N 177 
DT  H6     H  N N 178 
HOH O      O  N N 179 
HOH H1     H  N N 180 
HOH H2     H  N N 181 
MG  MG     MG N N 182 
# 
loop_
_chem_comp_bond.comp_id 
_chem_comp_bond.atom_id_1 
_chem_comp_bond.atom_id_2 
_chem_comp_bond.value_order 
_chem_comp_bond.pdbx_aromatic_flag 
_chem_comp_bond.pdbx_stereo_config 
_chem_comp_bond.pdbx_ordinal 
DA  OP3   P      sing N N 1   
DA  OP3   HOP3   sing N N 2   
DA  P     OP1    doub N N 3   
DA  P     OP2    sing N N 4   
DA  P     "O5'"  sing N N 5   
DA  OP2   HOP2   sing N N 6   
DA  "O5'" "C5'"  sing N N 7   
DA  "C5'" "C4'"  sing N N 8   
DA  "C5'" "H5'"  sing N N 9   
DA  "C5'" "H5''" sing N N 10  
DA  "C4'" "O4'"  sing N N 11  
DA  "C4'" "C3'"  sing N N 12  
DA  "C4'" "H4'"  sing N N 13  
DA  "O4'" "C1'"  sing N N 14  
DA  "C3'" "O3'"  sing N N 15  
DA  "C3'" "C2'"  sing N N 16  
DA  "C3'" "H3'"  sing N N 17  
DA  "O3'" "HO3'" sing N N 18  
DA  "C2'" "C1'"  sing N N 19  
DA  "C2'" "H2'"  sing N N 20  
DA  "C2'" "H2''" sing N N 21  
DA  "C1'" N9     sing N N 22  
DA  "C1'" "H1'"  sing N N 23  
DA  N9    C8     sing Y N 24  
DA  N9    C4     sing Y N 25  
DA  C8    N7     doub Y N 26  
DA  C8    H8     sing N N 27  
DA  N7    C5     sing Y N 28  
DA  C5    C6     sing Y N 29  
DA  C5    C4     doub Y N 30  
DA  C6    N6     sing N N 31  
DA  C6    N1     doub Y N 32  
DA  N6    H61    sing N N 33  
DA  N6    H62    sing N N 34  
DA  N1    C2     sing Y N 35  
DA  C2    N3     doub Y N 36  
DA  C2    H2     sing N N 37  
DA  N3    C4     sing Y N 38  
DC  OP3   P      sing N N 39  
DC  OP3   HOP3   sing N N 40  
DC  P     OP1    doub N N 41  
DC  P     OP2    sing N N 42  
DC  P     "O5'"  sing N N 43  
DC  OP2   HOP2   sing N N 44  
DC  "O5'" "C5'"  sing N N 45  
DC  "C5'" "C4'"  sing N N 46  
DC  "C5'" "H5'"  sing N N 47  
DC  "C5'" "H5''" sing N N 48  
DC  "C4'" "O4'"  sing N N 49  
DC  "C4'" "C3'"  sing N N 50  
DC  "C4'" "H4'"  sing N N 51  
DC  "O4'" "C1'"  sing N N 52  
DC  "C3'" "O3'"  sing N N 53  
DC  "C3'" "C2'"  sing N N 54  
DC  "C3'" "H3'"  sing N N 55  
DC  "O3'" "HO3'" sing N N 56  
DC  "C2'" "C1'"  sing N N 57  
DC  "C2'" "H2'"  sing N N 58  
DC  "C2'" "H2''" sing N N 59  
DC  "C1'" N1     sing N N 60  
DC  "C1'" "H1'"  sing N N 61  
DC  N1    C2     sing N N 62  
DC  N1    C6     sing N N 63  
DC  C2    O2     doub N N 64  
DC  C2    N3     sing N N 65  
DC  N3    C4     doub N N 66  
DC  C4    N4     sing N N 67  
DC  C4    C5     sing N N 68  
DC  N4    H41    sing N N 69  
DC  N4    H42    sing N N 70  
DC  C5    C6     doub N N 71  
DC  C5    H5     sing N N 72  
DC  C6    H6     sing N N 73  
DG  OP3   P      sing N N 74  
DG  OP3   HOP3   sing N N 75  
DG  P     OP1    doub N N 76  
DG  P     OP2    sing N N 77  
DG  P     "O5'"  sing N N 78  
DG  OP2   HOP2   sing N N 79  
DG  "O5'" "C5'"  sing N N 80  
DG  "C5'" "C4'"  sing N N 81  
DG  "C5'" "H5'"  sing N N 82  
DG  "C5'" "H5''" sing N N 83  
DG  "C4'" "O4'"  sing N N 84  
DG  "C4'" "C3'"  sing N N 85  
DG  "C4'" "H4'"  sing N N 86  
DG  "O4'" "C1'"  sing N N 87  
DG  "C3'" "O3'"  sing N N 88  
DG  "C3'" "C2'"  sing N N 89  
DG  "C3'" "H3'"  sing N N 90  
DG  "O3'" "HO3'" sing N N 91  
DG  "C2'" "C1'"  sing N N 92  
DG  "C2'" "H2'"  sing N N 93  
DG  "C2'" "H2''" sing N N 94  
DG  "C1'" N9     sing N N 95  
DG  "C1'" "H1'"  sing N N 96  
DG  N9    C8     sing Y N 97  
DG  N9    C4     sing Y N 98  
DG  C8    N7     doub Y N 99  
DG  C8    H8     sing N N 100 
DG  N7    C5     sing Y N 101 
DG  C5    C6     sing N N 102 
DG  C5    C4     doub Y N 103 
DG  C6    O6     doub N N 104 
DG  C6    N1     sing N N 105 
DG  N1    C2     sing N N 106 
DG  N1    H1     sing N N 107 
DG  C2    N2     sing N N 108 
DG  C2    N3     doub N N 109 
DG  N2    H21    sing N N 110 
DG  N2    H22    sing N N 111 
DG  N3    C4     sing N N 112 
DI  OP3   P      sing N N 113 
DI  OP3   HOP3   sing N N 114 
DI  P     OP1    doub N N 115 
DI  P     OP2    sing N N 116 
DI  P     "O5'"  sing N N 117 
DI  OP2   HOP2   sing N N 118 
DI  "O5'" "C5'"  sing N N 119 
DI  "C5'" "C4'"  sing N N 120 
DI  "C5'" "H5'"  sing N N 121 
DI  "C5'" "H5''" sing N N 122 
DI  "C4'" "O4'"  sing N N 123 
DI  "C4'" "C3'"  sing N N 124 
DI  "C4'" "H4'"  sing N N 125 
DI  "O4'" "C1'"  sing N N 126 
DI  "C3'" "O3'"  sing N N 127 
DI  "C3'" "C2'"  sing N N 128 
DI  "C3'" "H3'"  sing N N 129 
DI  "O3'" "HO3'" sing N N 130 
DI  "C2'" "C1'"  sing N N 131 
DI  "C2'" "H2'"  sing N N 132 
DI  "C2'" "H2''" sing N N 133 
DI  "C1'" N9     sing N N 134 
DI  "C1'" "H1'"  sing N N 135 
DI  N9    C8     sing Y N 136 
DI  N9    C4     sing Y N 137 
DI  C8    N7     doub Y N 138 
DI  C8    H8     sing N N 139 
DI  N7    C5     sing Y N 140 
DI  C5    C6     sing N N 141 
DI  C5    C4     doub Y N 142 
DI  C6    O6     doub N N 143 
DI  C6    N1     sing N N 144 
DI  N1    C2     sing N N 145 
DI  N1    H1     sing N N 146 
DI  C2    N3     doub N N 147 
DI  C2    H2     sing N N 148 
DI  N3    C4     sing N N 149 
DT  OP3   P      sing N N 150 
DT  OP3   HOP3   sing N N 151 
DT  P     OP1    doub N N 152 
DT  P     OP2    sing N N 153 
DT  P     "O5'"  sing N N 154 
DT  OP2   HOP2   sing N N 155 
DT  "O5'" "C5'"  sing N N 156 
DT  "C5'" "C4'"  sing N N 157 
DT  "C5'" "H5'"  sing N N 158 
DT  "C5'" "H5''" sing N N 159 
DT  "C4'" "O4'"  sing N N 160 
DT  "C4'" "C3'"  sing N N 161 
DT  "C4'" "H4'"  sing N N 162 
DT  "O4'" "C1'"  sing N N 163 
DT  "C3'" "O3'"  sing N N 164 
DT  "C3'" "C2'"  sing N N 165 
DT  "C3'" "H3'"  sing N N 166 
DT  "O3'" "HO3'" sing N N 167 
DT  "C2'" "C1'"  sing N N 168 
DT  "C2'" "H2'"  sing N N 169 
DT  "C2'" "H2''" sing N N 170 
DT  "C1'" N1     sing N N 171 
DT  "C1'" "H1'"  sing N N 172 
DT  N1    C2     sing N N 173 
DT  N1    C6     sing N N 174 
DT  C2    O2     doub N N 175 
DT  C2    N3     sing N N 176 
DT  N3    C4     sing N N 177 
DT  N3    H3     sing N N 178 
DT  C4    O4     doub N N 179 
DT  C4    C5     sing N N 180 
DT  C5    C7     sing N N 181 
DT  C5    C6     doub N N 182 
DT  C7    H71    sing N N 183 
DT  C7    H72    sing N N 184 
DT  C7    H73    sing N N 185 
DT  C6    H6     sing N N 186 
HOH O     H1     sing N N 187 
HOH O     H2     sing N N 188 
# 
loop_
_ndb_struct_conf_na.entry_id 
_ndb_struct_conf_na.feature 
5W20 'double helix'        
5W20 'b-form double helix' 
# 
loop_
_ndb_struct_na_base_pair.model_number 
_ndb_struct_na_base_pair.i_label_asym_id 
_ndb_struct_na_base_pair.i_label_comp_id 
_ndb_struct_na_base_pair.i_label_seq_id 
_ndb_struct_na_base_pair.i_symmetry 
_ndb_struct_na_base_pair.j_label_asym_id 
_ndb_struct_na_base_pair.j_label_comp_id 
_ndb_struct_na_base_pair.j_label_seq_id 
_ndb_struct_na_base_pair.j_symmetry 
_ndb_struct_na_base_pair.shear 
_ndb_struct_na_base_pair.stretch 
_ndb_struct_na_base_pair.stagger 
_ndb_struct_na_base_pair.buckle 
_ndb_struct_na_base_pair.propeller 
_ndb_struct_na_base_pair.opening 
_ndb_struct_na_base_pair.pair_number 
_ndb_struct_na_base_pair.pair_name 
_ndb_struct_na_base_pair.i_auth_asym_id 
_ndb_struct_na_base_pair.i_auth_seq_id 
_ndb_struct_na_base_pair.i_PDB_ins_code 
_ndb_struct_na_base_pair.j_auth_asym_id 
_ndb_struct_na_base_pair.j_auth_seq_id 
_ndb_struct_na_base_pair.j_PDB_ins_code 
_ndb_struct_na_base_pair.hbond_type_28 
_ndb_struct_na_base_pair.hbond_type_12 
1 A DC 1  1_555 B DG 10 1_555 0.216  -0.105 0.167  -4.973 -13.544 -0.978 1  A_DC1:DG10_B A 1  ? B 10 ? 19 1 
1 A DC 2  1_555 B DG 9  1_555 0.502  0.070  0.050  2.348  -14.016 2.044  2  A_DC2:DG9_B  A 2  ? B 9  ? 19 1 
1 A DA 3  1_555 B DT 8  1_555 0.028  -0.109 0.061  1.916  -7.951  -0.030 3  A_DA3:DT8_B  A 3  ? B 8  ? 20 1 
1 A DI 4  1_555 B DC 7  1_555 -0.426 -0.258 -0.091 -0.950 -19.349 7.612  4  A_DI4:DC7_B  A 4  ? B 7  ? 29 1 
1 A DI 5  1_555 B DC 6  1_555 -0.250 -0.229 0.061  -1.076 -16.226 4.688  5  A_DI5:DC6_B  A 5  ? B 6  ? 29 1 
1 A DC 6  1_555 B DI 5  1_555 0.310  -0.161 -0.110 -0.126 -16.895 7.222  6  A_DC6:DI5_B  A 6  ? B 5  ? 29 1 
1 A DC 7  1_555 B DI 4  1_555 0.254  -0.212 0.115  -9.355 -10.883 9.550  7  A_DC7:DI4_B  A 7  ? B 4  ? 29 1 
1 A DT 8  1_555 B DA 3  1_555 0.018  -0.098 0.110  -4.886 -3.360  1.161  8  A_DT8:DA3_B  A 8  ? B 3  ? 20 1 
1 A DG 9  1_555 B DC 2  1_555 -0.244 -0.120 0.075  -3.135 -12.615 -0.317 9  A_DG9:DC2_B  A 9  ? B 2  ? 19 1 
1 A DG 10 1_555 B DC 1  1_555 -0.245 -0.197 0.101  2.334  -13.570 0.250  10 A_DG10:DC1_B A 10 ? B 1  ? 19 1 
# 
loop_
_ndb_struct_na_base_pair_step.model_number 
_ndb_struct_na_base_pair_step.i_label_asym_id_1 
_ndb_struct_na_base_pair_step.i_label_comp_id_1 
_ndb_struct_na_base_pair_step.i_label_seq_id_1 
_ndb_struct_na_base_pair_step.i_symmetry_1 
_ndb_struct_na_base_pair_step.j_label_asym_id_1 
_ndb_struct_na_base_pair_step.j_label_comp_id_1 
_ndb_struct_na_base_pair_step.j_label_seq_id_1 
_ndb_struct_na_base_pair_step.j_symmetry_1 
_ndb_struct_na_base_pair_step.i_label_asym_id_2 
_ndb_struct_na_base_pair_step.i_label_comp_id_2 
_ndb_struct_na_base_pair_step.i_label_seq_id_2 
_ndb_struct_na_base_pair_step.i_symmetry_2 
_ndb_struct_na_base_pair_step.j_label_asym_id_2 
_ndb_struct_na_base_pair_step.j_label_comp_id_2 
_ndb_struct_na_base_pair_step.j_label_seq_id_2 
_ndb_struct_na_base_pair_step.j_symmetry_2 
_ndb_struct_na_base_pair_step.shift 
_ndb_struct_na_base_pair_step.slide 
_ndb_struct_na_base_pair_step.rise 
_ndb_struct_na_base_pair_step.tilt 
_ndb_struct_na_base_pair_step.roll 
_ndb_struct_na_base_pair_step.twist 
_ndb_struct_na_base_pair_step.x_displacement 
_ndb_struct_na_base_pair_step.y_displacement 
_ndb_struct_na_base_pair_step.helical_rise 
_ndb_struct_na_base_pair_step.inclination 
_ndb_struct_na_base_pair_step.tip 
_ndb_struct_na_base_pair_step.helical_twist 
_ndb_struct_na_base_pair_step.step_number 
_ndb_struct_na_base_pair_step.step_name 
_ndb_struct_na_base_pair_step.i_auth_asym_id_1 
_ndb_struct_na_base_pair_step.i_auth_seq_id_1 
_ndb_struct_na_base_pair_step.i_PDB_ins_code_1 
_ndb_struct_na_base_pair_step.j_auth_asym_id_1 
_ndb_struct_na_base_pair_step.j_auth_seq_id_1 
_ndb_struct_na_base_pair_step.j_PDB_ins_code_1 
_ndb_struct_na_base_pair_step.i_auth_asym_id_2 
_ndb_struct_na_base_pair_step.i_auth_seq_id_2 
_ndb_struct_na_base_pair_step.i_PDB_ins_code_2 
_ndb_struct_na_base_pair_step.j_auth_asym_id_2 
_ndb_struct_na_base_pair_step.j_auth_seq_id_2 
_ndb_struct_na_base_pair_step.j_PDB_ins_code_2 
1 A DC 1 1_555 B DG 10 1_555 A DC 2  1_555 B DG 9 1_555 -0.443 1.296  3.173 3.210  7.044  34.541 1.090  1.204  3.312 11.681 -5.324 
35.372 1 AA_DC1DC2:DG9DG10_BB A 1 ? B 10 ? A 2  ? B 9 ? 
1 A DC 2 1_555 B DG 9  1_555 A DA 3  1_555 B DT 8 1_555 0.156  3.081  3.265 -2.397 -5.913 47.478 4.238  -0.372 2.873 -7.305 2.961  
47.880 2 AA_DC2DA3:DT8DG9_BB  A 2 ? B 9  ? A 3  ? B 8 ? 
1 A DA 3 1_555 B DT 8  1_555 A DI 4  1_555 B DC 7 1_555 0.424  0.109  3.396 -1.331 9.897  28.711 -1.865 -1.089 3.232 19.238 2.587  
30.363 3 AA_DA3DI4:DC7DT8_BB  A 3 ? B 8  ? A 4  ? B 7 ? 
1 A DI 4 1_555 B DC 7  1_555 A DI 5  1_555 B DC 6 1_555 0.343  -0.135 3.159 0.398  3.014  30.823 -0.814 -0.567 3.135 5.653  -0.747 
30.969 4 AA_DI4DI5:DC6DC7_BB  A 4 ? B 7  ? A 5  ? B 6 ? 
1 A DI 5 1_555 B DC 6  1_555 A DC 6  1_555 B DI 5 1_555 -0.290 0.551  3.216 0.638  -7.255 45.734 1.300  0.422  3.095 -9.266 -0.814 
46.279 5 AA_DI5DC6:DI5DC6_BB  A 5 ? B 6  ? A 6  ? B 5 ? 
1 A DC 6 1_555 B DI 5  1_555 A DC 7  1_555 B DI 4 1_555 1.117  0.114  3.343 2.626  5.332  39.171 -0.478 -1.330 3.394 7.898  -3.890 
39.602 6 AA_DC6DC7:DI4DI5_BB  A 6 ? B 5  ? A 7  ? B 4 ? 
1 A DC 7 1_555 B DI 4  1_555 A DT 8  1_555 B DA 3 1_555 -0.591 0.472  3.284 2.092  13.307 25.471 -2.142 1.677  3.087 27.836 -4.377 
28.762 7 AA_DC7DT8:DA3DI4_BB  A 7 ? B 4  ? A 8  ? B 3 ? 
1 A DT 8 1_555 B DA 3  1_555 A DG 9  1_555 B DC 2 1_555 -0.384 3.271  3.238 0.307  -5.659 49.139 4.303  0.480  2.865 -6.779 -0.367 
49.445 8 AA_DT8DG9:DC2DA3_BB  A 8 ? B 3  ? A 9  ? B 2 ? 
1 A DG 9 1_555 B DC 2  1_555 A DG 10 1_555 B DC 1 1_555 0.889  1.537  3.395 -4.899 9.721  29.949 0.864  -2.598 3.525 18.076 9.110  
31.823 9 AA_DG9DG10:DC1DC2_BB A 9 ? B 2  ? A 10 ? B 1 ? 
# 
_atom_sites.entry_id                    5W20 
_atom_sites.fract_transf_matrix[1][1]   -0.00276833 
_atom_sites.fract_transf_matrix[1][2]   -0.01474262 
_atom_sites.fract_transf_matrix[1][3]   0.02510851 
_atom_sites.fract_transf_matrix[2][1]   -0.02752301 
_atom_sites.fract_transf_matrix[2][2]   0.00741894 
_atom_sites.fract_transf_matrix[2][3]   0.00132154 
_atom_sites.fract_transf_matrix[3][1]   -0.00596412 
_atom_sites.fract_transf_matrix[3][2]   -0.01992480 
_atom_sites.fract_transf_matrix[3][3]   -0.01235655 
_atom_sites.fract_transf_vector[1]      -0.234004 
_atom_sites.fract_transf_vector[2]      -0.063982 
_atom_sites.fract_transf_vector[3]      0.265934 
# 
loop_
_atom_type.symbol 
C  
MG 
N  
O  
P  
# 
loop_
_atom_site.group_PDB 
_atom_site.id 
_atom_site.type_symbol 
_atom_site.label_atom_id 
_atom_site.label_alt_id 
_atom_site.label_comp_id 
_atom_site.label_asym_id 
_atom_site.label_entity_id 
_atom_site.label_seq_id 
_atom_site.pdbx_PDB_ins_code 
_atom_site.Cartn_x 
_atom_site.Cartn_y 
_atom_site.Cartn_z 
_atom_site.occupancy 
_atom_site.B_iso_or_equiv 
_atom_site.pdbx_formal_charge 
_atom_site.auth_seq_id 
_atom_site.auth_comp_id 
_atom_site.auth_asym_id 
_atom_site.auth_atom_id 
_atom_site.pdbx_PDB_model_num 
ATOM   1   O  "O5'" . DC  A 1 1  ? -8.193  -5.965  9.873   1.00 20.54 ? 1   DC  A "O5'" 1 
ATOM   2   C  "C5'" . DC  A 1 1  ? -8.965  -6.126  11.055  1.00 16.08 ? 1   DC  A "C5'" 1 
ATOM   3   C  "C4'" . DC  A 1 1  ? -8.077  -5.973  12.263  1.00 12.54 ? 1   DC  A "C4'" 1 
ATOM   4   O  "O4'" . DC  A 1 1  ? -7.172  -7.083  12.364  1.00 11.89 ? 1   DC  A "O4'" 1 
ATOM   5   C  "C3'" . DC  A 1 1  ? -7.210  -4.713  12.262  1.00 12.33 ? 1   DC  A "C3'" 1 
ATOM   6   O  "O3'" . DC  A 1 1  ? -7.284  -4.123  13.530  1.00 11.74 ? 1   DC  A "O3'" 1 
ATOM   7   C  "C2'" . DC  A 1 1  ? -5.822  -5.211  11.964  1.00 11.12 ? 1   DC  A "C2'" 1 
ATOM   8   C  "C1'" . DC  A 1 1  ? -5.830  -6.587  12.505  1.00 10.31 ? 1   DC  A "C1'" 1 
ATOM   9   N  N1    . DC  A 1 1  ? -4.933  -7.503  11.786  1.00 8.99  ? 1   DC  A N1    1 
ATOM   10  C  C2    . DC  A 1 1  ? -3.568  -7.426  12.053  1.00 8.72  ? 1   DC  A C2    1 
ATOM   11  O  O2    . DC  A 1 1  ? -3.156  -6.543  12.816  1.00 11.54 ? 1   DC  A O2    1 
ATOM   12  N  N3    . DC  A 1 1  ? -2.750  -8.376  11.562  1.00 8.12  ? 1   DC  A N3    1 
ATOM   13  C  C4    . DC  A 1 1  ? -3.233  -9.316  10.743  1.00 8.48  ? 1   DC  A C4    1 
ATOM   14  N  N4    . DC  A 1 1  ? -2.394  -10.251 10.300  1.00 8.74  ? 1   DC  A N4    1 
ATOM   15  C  C5    . DC  A 1 1  ? -4.605  -9.353  10.370  1.00 8.16  ? 1   DC  A C5    1 
ATOM   16  C  C6    . DC  A 1 1  ? -5.413  -8.435  10.907  1.00 8.26  ? 1   DC  A C6    1 
ATOM   17  P  P     . DC  A 1 2  ? -7.835  -2.658  13.647  1.00 11.24 ? 2   DC  A P     1 
ATOM   18  O  OP1   . DC  A 1 2  ? -8.059  -2.451  15.063  1.00 14.98 ? 2   DC  A OP1   1 
ATOM   19  O  OP2   . DC  A 1 2  ? -8.929  -2.495  12.717  1.00 13.66 ? 2   DC  A OP2   1 
ATOM   20  O  "O5'" . DC  A 1 2  ? -6.647  -1.770  13.046  1.00 9.42  ? 2   DC  A "O5'" 1 
ATOM   21  C  "C5'" . DC  A 1 2  ? -5.483  -1.527  13.838  1.00 9.10  ? 2   DC  A "C5'" 1 
ATOM   22  C  "C4'" . DC  A 1 2  ? -4.379  -1.073  12.921  1.00 8.50  ? 2   DC  A "C4'" 1 
ATOM   23  O  "O4'" . DC  A 1 2  ? -3.928  -2.212  12.157  1.00 8.87  ? 2   DC  A "O4'" 1 
ATOM   24  C  "C3'" . DC  A 1 2  ? -4.821  -0.028  11.889  1.00 9.33  ? 2   DC  A "C3'" 1 
ATOM   25  O  "O3'" . DC  A 1 2  ? -3.750  0.938   11.738  1.00 9.97  ? 2   DC  A "O3'" 1 
ATOM   26  C  "C2'" . DC  A 1 2  ? -4.945  -0.828  10.596  1.00 8.48  ? 2   DC  A "C2'" 1 
ATOM   27  C  "C1'" . DC  A 1 2  ? -3.807  -1.805  10.795  1.00 8.43  ? 2   DC  A "C1'" 1 
ATOM   28  N  N1    . DC  A 1 2  ? -3.783  -3.020  10.002  1.00 8.75  ? 2   DC  A N1    1 
ATOM   29  C  C2    . DC  A 1 2  ? -2.609  -3.779  10.006  1.00 8.82  ? 2   DC  A C2    1 
ATOM   30  O  O2    . DC  A 1 2  ? -1.622  -3.347  10.608  1.00 9.42  ? 2   DC  A O2    1 
ATOM   31  N  N3    . DC  A 1 2  ? -2.591  -4.975  9.378   1.00 8.82  ? 2   DC  A N3    1 
ATOM   32  C  C4    . DC  A 1 2  ? -3.685  -5.419  8.762   1.00 9.97  ? 2   DC  A C4    1 
ATOM   33  N  N4    . DC  A 1 2  ? -3.621  -6.618  8.168   1.00 11.42 ? 2   DC  A N4    1 
ATOM   34  C  C5    . DC  A 1 2  ? -4.884  -4.647  8.702   1.00 10.21 ? 2   DC  A C5    1 
ATOM   35  C  C6    . DC  A 1 2  ? -4.884  -3.455  9.319   1.00 9.76  ? 2   DC  A C6    1 
ATOM   36  P  P     . DA  A 1 3  ? -3.900  2.352   12.419  1.00 12.66 ? 3   DA  A P     1 
ATOM   37  O  OP1   . DA  A 1 3  ? -4.306  2.190   13.791  1.00 14.79 ? 3   DA  A OP1   1 
ATOM   38  O  OP2   . DA  A 1 3  ? -4.626  3.211   11.529  1.00 14.81 ? 3   DA  A OP2   1 
ATOM   39  O  "O5'" . DA  A 1 3  ? -2.394  2.906   12.387  1.00 10.54 ? 3   DA  A "O5'" 1 
ATOM   40  C  "C5'" . DA  A 1 3  ? -1.410  2.439   13.256  1.00 10.34 ? 3   DA  A "C5'" 1 
ATOM   41  C  "C4'" . DA  A 1 3  ? -0.093  2.388   12.523  1.00 8.82  ? 3   DA  A "C4'" 1 
ATOM   42  O  "O4'" . DA  A 1 3  ? -0.145  1.324   11.537  1.00 9.14  ? 3   DA  A "O4'" 1 
ATOM   43  C  "C3'" . DA  A 1 3  ? 0.290   3.655   11.757  1.00 8.51  ? 3   DA  A "C3'" 1 
ATOM   44  O  "O3'" . DA  A 1 3  ? 1.681   3.858   12.003  1.00 8.91  ? 3   DA  A "O3'" 1 
ATOM   45  C  "C2'" . DA  A 1 3  ? -0.082  3.342   10.325  1.00 7.22  ? 3   DA  A "C2'" 1 
ATOM   46  C  "C1'" . DA  A 1 3  ? 0.056   1.836   10.226  1.00 7.97  ? 3   DA  A "C1'" 1 
ATOM   47  N  N9    . DA  A 1 3  ? -0.956  1.230   9.353   1.00 7.46  ? 3   DA  A N9    1 
ATOM   48  C  C8    . DA  A 1 3  ? -2.208  1.670   9.003   1.00 6.71  ? 3   DA  A C8    1 
ATOM   49  N  N7    . DA  A 1 3  ? -2.883  0.819   8.282   1.00 6.80  ? 3   DA  A N7    1 
ATOM   50  C  C5    . DA  A 1 3  ? -2.017  -0.257  8.137   1.00 6.55  ? 3   DA  A C5    1 
ATOM   51  C  C6    . DA  A 1 3  ? -2.129  -1.472  7.443   1.00 6.19  ? 3   DA  A C6    1 
ATOM   52  N  N6    . DA  A 1 3  ? -3.232  -1.857  6.819   1.00 6.40  ? 3   DA  A N6    1 
ATOM   53  N  N1    . DA  A 1 3  ? -1.063  -2.296  7.439   1.00 6.25  ? 3   DA  A N1    1 
ATOM   54  C  C2    . DA  A 1 3  ? 0.032   -1.928  8.119   1.00 6.16  ? 3   DA  A C2    1 
ATOM   55  N  N3    . DA  A 1 3  ? 0.253   -0.817  8.826   1.00 6.93  ? 3   DA  A N3    1 
ATOM   56  C  C4    . DA  A 1 3  ? -0.813  0.001   8.759   1.00 6.50  ? 3   DA  A C4    1 
ATOM   57  P  P     . DI  A 1 4  ? 2.641   4.807   11.127  1.00 9.39  ? 4   DI  A P     1 
ATOM   58  O  OP1   . DI  A 1 4  ? 3.779   5.122   11.975  1.00 11.97 ? 4   DI  A OP1   1 
ATOM   59  O  OP2   . DI  A 1 4  ? 1.901   5.854   10.420  1.00 9.27  ? 4   DI  A OP2   1 
ATOM   60  O  "O5'" . DI  A 1 4  ? 3.171   3.826   9.977   1.00 9.63  ? 4   DI  A "O5'" 1 
ATOM   61  C  "C5'" . DI  A 1 4  ? 3.865   2.631   10.314  1.00 9.19  ? 4   DI  A "C5'" 1 
ATOM   62  C  "C4'" . DI  A 1 4  ? 4.277   1.911   9.050   1.00 8.80  ? 4   DI  A "C4'" 1 
ATOM   63  O  "O4'" . DI  A 1 4  ? 3.066   1.409   8.419   1.00 9.23  ? 4   DI  A "O4'" 1 
ATOM   64  C  "C3'" . DI  A 1 4  ? 4.967   2.795   8.012   1.00 9.29  ? 4   DI  A "C3'" 1 
ATOM   65  O  "O3'" . DI  A 1 4  ? 6.195   2.120   7.667   1.00 9.12  ? 4   DI  A "O3'" 1 
ATOM   66  C  "C2'" . DI  A 1 4  ? 3.967   2.876   6.877   1.00 8.90  ? 4   DI  A "C2'" 1 
ATOM   67  C  "C1'" . DI  A 1 4  ? 3.179   1.615   7.038   1.00 8.29  ? 4   DI  A "C1'" 1 
ATOM   68  N  N9    . DI  A 1 4  ? 1.833   1.649   6.506   1.00 8.21  ? 4   DI  A N9    1 
ATOM   69  C  C8    . DI  A 1 4  ? 0.853   2.588   6.732   1.00 8.13  ? 4   DI  A C8    1 
ATOM   70  N  N7    . DI  A 1 4  ? -0.284  2.286   6.159   1.00 7.27  ? 4   DI  A N7    1 
ATOM   71  C  C5    . DI  A 1 4  ? -0.059  1.038   5.588   1.00 6.90  ? 4   DI  A C5    1 
ATOM   72  C  C6    . DI  A 1 4  ? -0.921  0.196   4.836   1.00 6.76  ? 4   DI  A C6    1 
ATOM   73  O  O6    . DI  A 1 4  ? -2.139  0.350   4.587   1.00 7.62  ? 4   DI  A O6    1 
ATOM   74  N  N1    . DI  A 1 4  ? -0.279  -0.984  4.461   1.00 6.46  ? 4   DI  A N1    1 
ATOM   75  C  C2    . DI  A 1 4  ? 1.018   -1.311  4.759   1.00 7.38  ? 4   DI  A C2    1 
ATOM   76  N  N3    . DI  A 1 4  ? 1.840   -0.519  5.419   1.00 7.08  ? 4   DI  A N3    1 
ATOM   77  C  C4    . DI  A 1 4  ? 1.244   0.637   5.791   1.00 6.91  ? 4   DI  A C4    1 
ATOM   78  P  P     . DI  A 1 5  ? 7.232   2.735   6.658   1.00 9.93  ? 5   DI  A P     1 
ATOM   79  O  OP1   . DI  A 1 5  ? 8.528   2.150   7.059   1.00 10.58 ? 5   DI  A OP1   1 
ATOM   80  O  OP2   . DI  A 1 5  ? 7.046   4.181   6.600   1.00 10.86 ? 5   DI  A OP2   1 
ATOM   81  O  "O5'" . DI  A 1 5  ? 6.758   2.173   5.241   1.00 9.59  ? 5   DI  A "O5'" 1 
ATOM   82  C  "C5'" . DI  A 1 5  ? 6.858   0.774   5.016   1.00 8.62  ? 5   DI  A "C5'" 1 
ATOM   83  C  "C4'" . DI  A 1 5  ? 6.271   0.469   3.664   1.00 9.15  ? 5   DI  A "C4'" 1 
ATOM   84  O  "O4'" . DI  A 1 5  ? 4.814   0.586   3.739   1.00 8.03  ? 5   DI  A "O4'" 1 
ATOM   85  C  "C3'" . DI  A 1 5  ? 6.727   1.431   2.556   1.00 8.90  ? 5   DI  A "C3'" 1 
ATOM   86  O  "O3'" . DI  A 1 5  ? 6.872   0.609   1.370   1.00 9.44  ? 5   DI  A "O3'" 1 
ATOM   87  C  "C2'" . DI  A 1 5  ? 5.517   2.320   2.360   1.00 7.22  ? 5   DI  A "C2'" 1 
ATOM   88  C  "C1'" . DI  A 1 5  ? 4.423   1.281   2.576   1.00 8.10  ? 5   DI  A "C1'" 1 
ATOM   89  N  N9    . DI  A 1 5  ? 3.063   1.773   2.754   1.00 7.67  ? 5   DI  A N9    1 
ATOM   90  C  C8    . DI  A 1 5  ? 2.651   2.986   3.247   1.00 7.88  ? 5   DI  A C8    1 
ATOM   91  N  N7    . DI  A 1 5  ? 1.365   3.185   3.107   1.00 8.23  ? 5   DI  A N7    1 
ATOM   92  C  C5    . DI  A 1 5  ? 0.903   2.032   2.485   1.00 6.92  ? 5   DI  A C5    1 
ATOM   93  C  C6    . DI  A 1 5  ? -0.401  1.686   2.036   1.00 6.95  ? 5   DI  A C6    1 
ATOM   94  O  O6    . DI  A 1 5  ? -1.476  2.304   2.204   1.00 7.61  ? 5   DI  A O6    1 
ATOM   95  N  N1    . DI  A 1 5  ? -0.406  0.448   1.389   1.00 6.64  ? 5   DI  A N1    1 
ATOM   96  C  C2    . DI  A 1 5  ? 0.682   -0.372  1.253   1.00 6.66  ? 5   DI  A C2    1 
ATOM   97  N  N3    . DI  A 1 5  ? 1.900   -0.051  1.643   1.00 6.44  ? 5   DI  A N3    1 
ATOM   98  C  C4    . DI  A 1 5  ? 1.936   1.151   2.258   1.00 6.88  ? 5   DI  A C4    1 
ATOM   99  P  P     . DC  A 1 6  ? 7.984   0.828   0.259   1.00 9.07  ? 6   DC  A P     1 
ATOM   100 O  OP1   . DC  A 1 6  ? 9.327   0.593   0.837   1.00 11.93 ? 6   DC  A OP1   1 
ATOM   101 O  OP2   . DC  A 1 6  ? 7.675   2.116   -0.420  1.00 13.49 ? 6   DC  A OP2   1 
ATOM   102 O  "O5'" . DC  A 1 6  ? 7.586   -0.324  -0.733  1.00 8.89  ? 6   DC  A "O5'" 1 
ATOM   103 C  "C5'" . DC  A 1 6  ? 7.409   -1.673  -0.219  1.00 9.44  ? 6   DC  A "C5'" 1 
ATOM   104 C  "C4'" . DC  A 1 6  ? 6.233   -2.316  -0.917  1.00 9.17  ? 6   DC  A "C4'" 1 
ATOM   105 O  "O4'" . DC  A 1 6  ? 5.017   -1.597  -0.598  1.00 9.21  ? 6   DC  A "O4'" 1 
ATOM   106 C  "C3'" . DC  A 1 6  ? 6.291   -2.363  -2.443  1.00 8.35  ? 6   DC  A "C3'" 1 
ATOM   107 O  "O3'" . DC  A 1 6  ? 5.681   -3.617  -2.813  1.00 10.65 ? 6   DC  A "O3'" 1 
ATOM   108 C  "C2'" . DC  A 1 6  ? 5.358   -1.231  -2.873  1.00 8.15  ? 6   DC  A "C2'" 1 
ATOM   109 C  "C1'" . DC  A 1 6  ? 4.310   -1.220  -1.791  1.00 8.89  ? 6   DC  A "C1'" 1 
ATOM   110 N  N1    . DC  A 1 6  ? 3.676   0.085   -1.519  1.00 8.23  ? 6   DC  A N1    1 
ATOM   111 C  C2    . DC  A 1 6  ? 2.284   0.236   -1.612  1.00 7.67  ? 6   DC  A C2    1 
ATOM   112 O  O2    . DC  A 1 6  ? 1.595   -0.716  -1.991  1.00 8.08  ? 6   DC  A O2    1 
ATOM   113 N  N3    . DC  A 1 6  ? 1.733   1.423   -1.316  1.00 7.06  ? 6   DC  A N3    1 
ATOM   114 C  C4    . DC  A 1 6  ? 2.496   2.438   -0.928  1.00 7.90  ? 6   DC  A C4    1 
ATOM   115 N  N4    . DC  A 1 6  ? 1.896   3.579   -0.578  1.00 8.51  ? 6   DC  A N4    1 
ATOM   116 C  C5    . DC  A 1 6  ? 3.914   2.329   -0.856  1.00 7.49  ? 6   DC  A C5    1 
ATOM   117 C  C6    . DC  A 1 6  ? 4.456   1.143   -1.149  1.00 8.42  ? 6   DC  A C6    1 
ATOM   118 P  P     . DC  A 1 7  ? 5.858   -4.243  -4.239  1.00 11.23 ? 7   DC  A P     1 
ATOM   119 O  OP1   . DC  A 1 7  ? 5.565   -5.705  -4.103  1.00 13.64 ? 7   DC  A OP1   1 
ATOM   120 O  OP2   . DC  A 1 7  ? 7.106   -3.813  -4.821  1.00 12.11 ? 7   DC  A OP2   1 
ATOM   121 O  "O5'" . DC  A 1 7  ? 4.729   -3.538  -5.120  1.00 9.59  ? 7   DC  A "O5'" 1 
ATOM   122 C  "C5'" . DC  A 1 7  ? 3.370   -3.875  -4.876  1.00 8.10  ? 7   DC  A "C5'" 1 
ATOM   123 C  "C4'" . DC  A 1 7  ? 2.488   -2.876  -5.573  1.00 6.88  ? 7   DC  A "C4'" 1 
ATOM   124 O  "O4'" . DC  A 1 7  ? 2.559   -1.627  -4.893  1.00 7.00  ? 7   DC  A "O4'" 1 
ATOM   125 C  "C3'" . DC  A 1 7  ? 2.852   -2.559  -7.032  1.00 6.60  ? 7   DC  A "C3'" 1 
ATOM   126 O  "O3'" . DC  A 1 7  ? 2.017   -3.389  -7.844  1.00 7.23  ? 7   DC  A "O3'" 1 
ATOM   127 C  "C2'" . DC  A 1 7  ? 2.563   -1.067  -7.172  1.00 6.84  ? 7   DC  A "C2'" 1 
ATOM   128 C  "C1'" . DC  A 1 7  ? 1.988   -0.693  -5.807  1.00 6.57  ? 7   DC  A "C1'" 1 
ATOM   129 N  N1    . DC  A 1 7  ? 2.367   0.641   -5.367  1.00 6.82  ? 7   DC  A N1    1 
ATOM   130 C  C2    . DC  A 1 7  ? 1.359   1.579   -5.047  1.00 6.26  ? 7   DC  A C2    1 
ATOM   131 O  O2    . DC  A 1 7  ? 0.171   1.297   -5.280  1.00 7.88  ? 7   DC  A O2    1 
ATOM   132 N  N3    . DC  A 1 7  ? 1.717   2.768   -4.517  1.00 6.07  ? 7   DC  A N3    1 
ATOM   133 C  C4    . DC  A 1 7  ? 2.992   3.011   -4.219  1.00 7.24  ? 7   DC  A C4    1 
ATOM   134 N  N4    . DC  A 1 7  ? 3.292   4.196   -3.670  1.00 7.79  ? 7   DC  A N4    1 
ATOM   135 C  C5    . DC  A 1 7  ? 4.038   2.109   -4.586  1.00 6.70  ? 7   DC  A C5    1 
ATOM   136 C  C6    . DC  A 1 7  ? 3.676   0.913   -5.074  1.00 6.09  ? 7   DC  A C6    1 
ATOM   137 P  P     . DT  A 1 8  ? 2.210   -3.456  -9.429  1.00 8.34  ? 8   DT  A P     1 
ATOM   138 O  OP1   . DT  A 1 8  ? 1.608   -4.723  -9.879  1.00 10.41 ? 8   DT  A OP1   1 
ATOM   139 O  OP2   . DT  A 1 8  ? 3.613   -3.156  -9.808  1.00 8.99  ? 8   DT  A OP2   1 
ATOM   140 O  "O5'" . DT  A 1 8  ? 1.367   -2.226  -9.953  1.00 7.10  ? 8   DT  A "O5'" 1 
ATOM   141 C  "C5'" . DT  A 1 8  ? -0.061  -2.209  -9.785  1.00 6.79  ? 8   DT  A "C5'" 1 
ATOM   142 C  "C4'" . DT  A 1 8  ? -0.598  -0.915  -10.360 1.00 6.74  ? 8   DT  A "C4'" 1 
ATOM   143 O  "O4'" . DT  A 1 8  ? -0.140  0.219   -9.546  1.00 7.03  ? 8   DT  A "O4'" 1 
ATOM   144 C  "C3'" . DT  A 1 8  ? -0.100  -0.610  -11.787 1.00 7.05  ? 8   DT  A "C3'" 1 
ATOM   145 O  "O3'" . DT  A 1 8  ? -1.175  -0.056  -12.582 1.00 7.87  ? 8   DT  A "O3'" 1 
ATOM   146 C  "C2'" . DT  A 1 8  ? 0.900   0.525   -11.593 1.00 7.23  ? 8   DT  A "C2'" 1 
ATOM   147 C  "C1'" . DT  A 1 8  ? 0.282   1.263   -10.429 1.00 7.26  ? 8   DT  A "C1'" 1 
ATOM   148 N  N1    . DT  A 1 8  ? 1.160   2.149   -9.658  1.00 7.40  ? 8   DT  A N1    1 
ATOM   149 C  C2    . DT  A 1 8  ? 0.573   3.221   -9.021  1.00 7.42  ? 8   DT  A C2    1 
ATOM   150 O  O2    . DT  A 1 8  ? -0.593  3.560   -9.214  1.00 7.87  ? 8   DT  A O2    1 
ATOM   151 N  N3    . DT  A 1 8  ? 1.422   3.942   -8.219  1.00 7.03  ? 8   DT  A N3    1 
ATOM   152 C  C4    . DT  A 1 8  ? 2.746   3.664   -7.944  1.00 6.83  ? 8   DT  A C4    1 
ATOM   153 O  O4    . DT  A 1 8  ? 3.373   4.388   -7.175  1.00 7.19  ? 8   DT  A O4    1 
ATOM   154 C  C5    . DT  A 1 8  ? 3.290   2.513   -8.628  1.00 7.11  ? 8   DT  A C5    1 
ATOM   155 C  C7    . DT  A 1 8  ? 4.728   2.172   -8.436  1.00 8.81  ? 8   DT  A C7    1 
ATOM   156 C  C6    . DT  A 1 8  ? 2.474   1.804   -9.414  1.00 6.77  ? 8   DT  A C6    1 
ATOM   157 P  P     . DG  A 1 9  ? -1.977  -1.033  -13.568 1.00 8.72  ? 9   DG  A P     1 
ATOM   158 O  OP1   . DG  A 1 9  ? -2.319  -2.317  -12.829 1.00 9.87  ? 9   DG  A OP1   1 
ATOM   159 O  OP2   . DG  A 1 9  ? -1.220  -1.141  -14.852 1.00 11.25 ? 9   DG  A OP2   1 
ATOM   160 O  "O5'" . DG  A 1 9  ? -3.280  -0.195  -13.868 1.00 9.09  ? 9   DG  A "O5'" 1 
ATOM   161 C  "C5'" . DG  A 1 9  ? -4.258  -0.014  -12.883 1.00 8.75  ? 9   DG  A "C5'" 1 
ATOM   162 C  "C4'" . DG  A 1 9  ? -4.967  1.308   -13.079 1.00 9.44  ? 9   DG  A "C4'" 1 
ATOM   163 O  "O4'" . DG  A 1 9  ? -4.090  2.411   -12.751 1.00 10.39 ? 9   DG  A "O4'" 1 
ATOM   164 C  "C3'" . DG  A 1 9  ? -5.473  1.612   -14.484 1.00 11.42 ? 9   DG  A "C3'" 1 
ATOM   165 O  "O3'" . DG  A 1 9  ? -6.647  2.375   -14.244 1.00 12.31 ? 9   DG  A "O3'" 1 
ATOM   166 C  "C2'" . DG  A 1 9  ? -4.361  2.446   -15.113 1.00 9.91  ? 9   DG  A "C2'" 1 
ATOM   167 C  "C1'" . DG  A 1 9  ? -3.737  3.155   -13.923 1.00 10.31 ? 9   DG  A "C1'" 1 
ATOM   168 N  N9    . DG  A 1 9  ? -2.290  3.303   -13.913 1.00 9.54  ? 9   DG  A N9    1 
ATOM   169 C  C8    . DG  A 1 9  ? -1.347  2.505   -14.509 1.00 10.20 ? 9   DG  A C8    1 
ATOM   170 N  N7    . DG  A 1 9  ? -0.130  2.796   -14.146 1.00 9.11  ? 9   DG  A N7    1 
ATOM   171 C  C5    . DG  A 1 9  ? -0.285  3.811   -13.209 1.00 8.50  ? 9   DG  A C5    1 
ATOM   172 C  C6    . DG  A 1 9  ? 0.692   4.548   -12.469 1.00 8.61  ? 9   DG  A C6    1 
ATOM   173 O  O6    . DG  A 1 9  ? 1.905   4.344   -12.383 1.00 9.73  ? 9   DG  A O6    1 
ATOM   174 N  N1    . DG  A 1 9  ? 0.099   5.500   -11.652 1.00 9.11  ? 9   DG  A N1    1 
ATOM   175 C  C2    . DG  A 1 9  ? -1.250  5.745   -11.582 1.00 9.21  ? 9   DG  A C2    1 
ATOM   176 N  N2    . DG  A 1 9  ? -1.633  6.681   -10.715 1.00 10.55 ? 9   DG  A N2    1 
ATOM   177 N  N3    . DG  A 1 9  ? -2.165  5.077   -12.276 1.00 8.72  ? 9   DG  A N3    1 
ATOM   178 C  C4    . DG  A 1 9  ? -1.608  4.158   -13.085 1.00 9.51  ? 9   DG  A C4    1 
ATOM   179 P  P     . DG  A 1 10 ? -7.695  2.672   -15.445 1.00 16.06 ? 10  DG  A P     1 
ATOM   180 O  OP1   . DG  A 1 10 ? -9.067  2.786   -14.840 1.00 20.29 ? 10  DG  A OP1   1 
ATOM   181 O  OP2   . DG  A 1 10 ? -7.378  1.802   -16.575 1.00 17.62 ? 10  DG  A OP2   1 
ATOM   182 O  "O5'" . DG  A 1 10 ? -7.228  4.073   -15.972 1.00 12.89 ? 10  DG  A "O5'" 1 
ATOM   183 C  "C5'" . DG  A 1 10 ? -7.324  5.214   -15.137 1.00 12.74 ? 10  DG  A "C5'" 1 
ATOM   184 C  "C4'" . DG  A 1 10 ? -6.479  6.291   -15.742 1.00 12.06 ? 10  DG  A "C4'" 1 
ATOM   185 O  "O4'" . DG  A 1 10 ? -5.104  5.934   -15.552 1.00 12.26 ? 10  DG  A "O4'" 1 
ATOM   186 C  "C3'" . DG  A 1 10 ? -6.643  6.420   -17.251 1.00 12.98 ? 10  DG  A "C3'" 1 
ATOM   187 O  "O3'" . DG  A 1 10 ? -7.534  7.497   -17.532 1.00 16.77 ? 10  DG  A "O3'" 1 
ATOM   188 C  "C2'" . DG  A 1 10 ? -5.221  6.596   -17.777 1.00 13.99 ? 10  DG  A "C2'" 1 
ATOM   189 C  "C1'" . DG  A 1 10 ? -4.344  6.571   -16.545 1.00 12.49 ? 10  DG  A "C1'" 1 
ATOM   190 N  N9    . DG  A 1 10 ? -3.076  5.867   -16.682 1.00 12.86 ? 10  DG  A N9    1 
ATOM   191 C  C8    . DG  A 1 10 ? -2.785  4.749   -17.431 1.00 11.90 ? 10  DG  A C8    1 
ATOM   192 N  N7    . DG  A 1 10 ? -1.533  4.379   -17.336 1.00 10.83 ? 10  DG  A N7    1 
ATOM   193 C  C5    . DG  A 1 10 ? -0.961  5.324   -16.495 1.00 10.68 ? 10  DG  A C5    1 
ATOM   194 C  C6    . DG  A 1 10 ? 0.391   5.485   -16.060 1.00 10.57 ? 10  DG  A C6    1 
ATOM   195 O  O6    . DG  A 1 10 ? 1.372   4.778   -16.310 1.00 11.25 ? 10  DG  A O6    1 
ATOM   196 N  N1    . DG  A 1 10 ? 0.526   6.570   -15.208 1.00 11.75 ? 10  DG  A N1    1 
ATOM   197 C  C2    . DG  A 1 10 ? -0.488  7.412   -14.836 1.00 11.32 ? 10  DG  A C2    1 
ATOM   198 N  N2    . DG  A 1 10 ? -0.157  8.392   -13.998 1.00 13.41 ? 10  DG  A N2    1 
ATOM   199 N  N3    . DG  A 1 10 ? -1.745  7.292   -15.249 1.00 11.37 ? 10  DG  A N3    1 
ATOM   200 C  C4    . DG  A 1 10 ? -1.905  6.240   -16.072 1.00 11.36 ? 10  DG  A C4    1 
ATOM   201 O  "O5'" . DC  B 1 1  ? 7.245   8.749   -10.100 1.00 12.43 ? 1   DC  B "O5'" 1 
ATOM   202 C  "C5'" . DC  B 1 1  ? 7.758   9.963   -10.693 1.00 10.62 ? 1   DC  B "C5'" 1 
ATOM   203 C  "C4'" . DC  B 1 1  ? 6.646   10.747  -11.347 1.00 10.94 ? 1   DC  B "C4'" 1 
ATOM   204 O  "O4'" . DC  B 1 1  ? 6.251   10.089  -12.562 1.00 10.60 ? 1   DC  B "O4'" 1 
ATOM   205 C  "C3'" . DC  B 1 1  ? 5.361   10.910  -10.534 1.00 10.65 ? 1   DC  B "C3'" 1 
ATOM   206 O  "O3'" . DC  B 1 1  ? 4.828   12.221  -10.765 1.00 13.18 ? 1   DC  B "O3'" 1 
ATOM   207 C  "C2'" . DC  B 1 1  ? 4.388   9.923   -11.150 1.00 11.32 ? 1   DC  B "C2'" 1 
ATOM   208 C  "C1'" . DC  B 1 1  ? 4.864   9.804   -12.573 1.00 10.23 ? 1   DC  B "C1'" 1 
ATOM   209 N  N1    . DC  B 1 1  ? 4.660   8.488   -13.185 1.00 9.54  ? 1   DC  B N1    1 
ATOM   210 C  C2    . DC  B 1 1  ? 3.389   8.192   -13.651 1.00 10.24 ? 1   DC  B C2    1 
ATOM   211 O  O2    . DC  B 1 1  ? 2.493   9.048   -13.531 1.00 11.59 ? 1   DC  B O2    1 
ATOM   212 N  N3    . DC  B 1 1  ? 3.171   7.008   -14.260 1.00 10.16 ? 1   DC  B N3    1 
ATOM   213 C  C4    . DC  B 1 1  ? 4.153   6.104   -14.335 1.00 9.26  ? 1   DC  B C4    1 
ATOM   214 N  N4    . DC  B 1 1  ? 3.914   4.978   -14.995 1.00 9.82  ? 1   DC  B N4    1 
ATOM   215 C  C5    . DC  B 1 1  ? 5.449   6.359   -13.804 1.00 9.14  ? 1   DC  B C5    1 
ATOM   216 C  C6    . DC  B 1 1  ? 5.651   7.537   -13.218 1.00 9.23  ? 1   DC  B C6    1 
ATOM   217 P  P     . DC  B 1 2  ? 4.850   13.316  -9.643  1.00 12.87 ? 2   DC  B P     1 
ATOM   218 O  OP1   . DC  B 1 2  ? 4.494   14.606  -10.289 1.00 16.92 ? 2   DC  B OP1   1 
ATOM   219 O  OP2   . DC  B 1 2  ? 6.059   13.162  -8.858  1.00 15.50 ? 2   DC  B OP2   1 
ATOM   220 O  "O5'" . DC  B 1 2  ? 3.690   12.909  -8.617  1.00 11.09 ? 2   DC  B "O5'" 1 
ATOM   221 C  "C5'" . DC  B 1 2  ? 2.360   13.235  -8.939  1.00 10.55 ? 2   DC  B "C5'" 1 
ATOM   222 C  "C4'" . DC  B 1 2  ? 1.432   12.252  -8.264  1.00 9.61  ? 2   DC  B "C4'" 1 
ATOM   223 O  "O4'" . DC  B 1 2  ? 1.565   10.961  -8.887  1.00 9.44  ? 2   DC  B "O4'" 1 
ATOM   224 C  "C3'" . DC  B 1 2  ? 1.685   12.023  -6.767  1.00 9.13  ? 2   DC  B "C3'" 1 
ATOM   225 O  "O3'" . DC  B 1 2  ? 0.420   11.890  -6.090  1.00 10.32 ? 2   DC  B "O3'" 1 
ATOM   226 C  "C2'" . DC  B 1 2  ? 2.354   10.664  -6.715  1.00 8.94  ? 2   DC  B "C2'" 1 
ATOM   227 C  "C1'" . DC  B 1 2  ? 1.646   9.970   -7.832  1.00 9.50  ? 2   DC  B "C1'" 1 
ATOM   228 N  N1    . DC  B 1 2  ? 2.241   8.761   -8.415  1.00 8.08  ? 2   DC  B N1    1 
ATOM   229 C  C2    . DC  B 1 2  ? 1.427   8.024   -9.259  1.00 9.81  ? 2   DC  B C2    1 
ATOM   230 O  O2    . DC  B 1 2  ? 0.263   8.394   -9.425  1.00 9.79  ? 2   DC  B O2    1 
ATOM   231 N  N3    . DC  B 1 2  ? 1.946   6.983   -9.945  1.00 9.00  ? 2   DC  B N3    1 
ATOM   232 C  C4    . DC  B 1 2  ? 3.208   6.608   -9.734  1.00 9.17  ? 2   DC  B C4    1 
ATOM   233 N  N4    . DC  B 1 2  ? 3.686   5.597   -10.454 1.00 8.58  ? 2   DC  B N4    1 
ATOM   234 C  C5    . DC  B 1 2  ? 4.056   7.305   -8.825  1.00 8.75  ? 2   DC  B C5    1 
ATOM   235 C  C6    . DC  B 1 2  ? 3.533   8.367   -8.185  1.00 8.40  ? 2   DC  B C6    1 
ATOM   236 P  P     . DA  B 1 3  ? -0.084  12.971  -5.060  1.00 10.62 ? 3   DA  B P     1 
ATOM   237 O  OP1   . DA  B 1 3  ? 0.026   14.306  -5.706  1.00 13.22 ? 3   DA  B OP1   1 
ATOM   238 O  OP2   . DA  B 1 3  ? 0.594   12.722  -3.786  1.00 11.94 ? 3   DA  B OP2   1 
ATOM   239 O  "O5'" . DA  B 1 3  ? -1.601  12.554  -4.884  1.00 9.72  ? 3   DA  B "O5'" 1 
ATOM   240 C  "C5'" . DA  B 1 3  ? -2.546  12.759  -5.947  1.00 9.31  ? 3   DA  B "C5'" 1 
ATOM   241 C  "C4'" . DA  B 1 3  ? -3.663  11.739  -5.887  1.00 9.09  ? 3   DA  B "C4'" 1 
ATOM   242 O  "O4'" . DA  B 1 3  ? -3.110  10.442  -6.236  1.00 10.79 ? 3   DA  B "O4'" 1 
ATOM   243 C  "C3'" . DA  B 1 3  ? -4.367  11.559  -4.548  1.00 10.24 ? 3   DA  B "C3'" 1 
ATOM   244 O  "O3'" . DA  B 1 3  ? -5.734  11.243  -4.840  1.00 9.89  ? 3   DA  B "O3'" 1 
ATOM   245 C  "C2'" . DA  B 1 3  ? -3.618  10.398  -3.920  1.00 8.95  ? 3   DA  B "C2'" 1 
ATOM   246 C  "C1'" . DA  B 1 3  ? -3.104  9.601   -5.104  1.00 9.46  ? 3   DA  B "C1'" 1 
ATOM   247 N  N9    . DA  B 1 3  ? -1.759  9.083   -4.974  1.00 8.47  ? 3   DA  B N9    1 
ATOM   248 C  C8    . DA  B 1 3  ? -0.732  9.485   -4.160  1.00 8.48  ? 3   DA  B C8    1 
ATOM   249 N  N7    . DA  B 1 3  ? 0.372   8.794   -4.320  1.00 7.69  ? 3   DA  B N7    1 
ATOM   250 C  C5    . DA  B 1 3  ? 0.043   7.868   -5.300  1.00 6.74  ? 3   DA  B C5    1 
ATOM   251 C  C6    . DA  B 1 3  ? 0.787   6.864   -5.934  1.00 7.02  ? 3   DA  B C6    1 
ATOM   252 N  N6    . DA  B 1 3  ? 2.066   6.608   -5.659  1.00 6.95  ? 3   DA  B N6    1 
ATOM   253 N  N1    . DA  B 1 3  ? 0.175   6.135   -6.881  1.00 7.05  ? 3   DA  B N1    1 
ATOM   254 C  C2    . DA  B 1 3  ? -1.113  6.397   -7.162  1.00 7.26  ? 3   DA  B C2    1 
ATOM   255 N  N3    . DA  B 1 3  ? -1.922  7.322   -6.631  1.00 7.10  ? 3   DA  B N3    1 
ATOM   256 C  C4    . DA  B 1 3  ? -1.267  8.038   -5.711  1.00 7.08  ? 3   DA  B C4    1 
ATOM   257 P  P     . DI  B 1 4  ? -6.770  10.838  -3.689  1.00 9.88  ? 4   DI  B P     1 
ATOM   258 O  OP1   . DI  B 1 4  ? -8.137  11.156  -4.219  1.00 11.04 ? 4   DI  B OP1   1 
ATOM   259 O  OP2   . DI  B 1 4  ? -6.321  11.315  -2.394  1.00 9.92  ? 4   DI  B OP2   1 
ATOM   260 O  "O5'" . DI  B 1 4  ? -6.655  9.260   -3.669  1.00 9.90  ? 4   DI  B "O5'" 1 
ATOM   261 C  "C5'" . DI  B 1 4  ? -7.069  8.529   -4.808  1.00 9.92  ? 4   DI  B "C5'" 1 
ATOM   262 C  "C4'" . DI  B 1 4  ? -6.785  7.064   -4.579  1.00 9.54  ? 4   DI  B "C4'" 1 
ATOM   263 O  "O4'" . DI  B 1 4  ? -5.359  6.810   -4.535  1.00 8.74  ? 4   DI  B "O4'" 1 
ATOM   264 C  "C3'" . DI  B 1 4  ? -7.339  6.512   -3.259  1.00 8.82  ? 4   DI  B "C3'" 1 
ATOM   265 O  "O3'" . DI  B 1 4  ? -7.746  5.173   -3.545  1.00 9.39  ? 4   DI  B "O3'" 1 
ATOM   266 C  "C2'" . DI  B 1 4  ? -6.122  6.458   -2.370  1.00 8.56  ? 4   DI  B "C2'" 1 
ATOM   267 C  "C1'" . DI  B 1 4  ? -5.087  6.041   -3.389  1.00 8.82  ? 4   DI  B "C1'" 1 
ATOM   268 N  N9    . DI  B 1 4  ? -3.711  6.268   -3.015  1.00 8.23  ? 4   DI  B N9    1 
ATOM   269 C  C8    . DI  B 1 4  ? -3.179  7.215   -2.169  1.00 8.99  ? 4   DI  B C8    1 
ATOM   270 N  N7    . DI  B 1 4  ? -1.883  7.115   -2.049  1.00 7.79  ? 4   DI  B N7    1 
ATOM   271 C  C5    . DI  B 1 4  ? -1.546  6.039   -2.866  1.00 7.05  ? 4   DI  B C5    1 
ATOM   272 C  C6    . DI  B 1 4  ? -0.284  5.464   -3.158  1.00 7.04  ? 4   DI  B C6    1 
ATOM   273 O  O6    . DI  B 1 4  ? 0.823   5.751   -2.673  1.00 7.94  ? 4   DI  B O6    1 
ATOM   274 N  N1    . DI  B 1 4  ? -0.414  4.336   -3.962  1.00 7.32  ? 4   DI  B N1    1 
ATOM   275 C  C2    . DI  B 1 4  ? -1.583  3.905   -4.531  1.00 7.31  ? 4   DI  B C2    1 
ATOM   276 N  N3    . DI  B 1 4  ? -2.761  4.440   -4.279  1.00 7.50  ? 4   DI  B N3    1 
ATOM   277 C  C4    . DI  B 1 4  ? -2.665  5.514   -3.468  1.00 8.12  ? 4   DI  B C4    1 
ATOM   278 P  P     . DI  B 1 5  ? -8.844  4.386   -2.686  1.00 9.75  ? 5   DI  B P     1 
ATOM   279 O  OP1   . DI  B 1 5  ? -10.174 4.759   -3.187  1.00 11.21 ? 5   DI  B OP1   1 
ATOM   280 O  OP2   . DI  B 1 5  ? -8.548  4.520   -1.273  1.00 11.31 ? 5   DI  B OP2   1 
ATOM   281 O  "O5'" . DI  B 1 5  ? -8.473  2.897   -3.104  1.00 8.08  ? 5   DI  B "O5'" 1 
ATOM   282 C  "C5'" . DI  B 1 5  ? -8.402  2.553   -4.473  1.00 8.04  ? 5   DI  B "C5'" 1 
ATOM   283 C  "C4'" . DI  B 1 5  ? -7.699  1.228   -4.605  1.00 7.58  ? 5   DI  B "C4'" 1 
ATOM   284 O  "O4'" . DI  B 1 5  ? -6.288  1.430   -4.399  1.00 8.10  ? 5   DI  B "O4'" 1 
ATOM   285 C  "C3'" . DI  B 1 5  ? -8.160  0.189   -3.588  1.00 7.90  ? 5   DI  B "C3'" 1 
ATOM   286 O  "O3'" . DI  B 1 5  ? -8.196  -1.041  -4.324  1.00 10.01 ? 5   DI  B "O3'" 1 
ATOM   287 C  "C2'" . DI  B 1 5  ? -7.103  0.235   -2.508  1.00 7.62  ? 5   DI  B "C2'" 1 
ATOM   288 C  "C1'" . DI  B 1 5  ? -5.835  0.671   -3.269  1.00 6.65  ? 5   DI  B "C1'" 1 
ATOM   289 N  N9    . DI  B 1 5  ? -4.936  1.523   -2.504  1.00 7.22  ? 5   DI  B N9    1 
ATOM   290 C  C8    . DI  B 1 5  ? -5.264  2.658   -1.798  1.00 7.04  ? 5   DI  B C8    1 
ATOM   291 N  N7    . DI  B 1 5  ? -4.222  3.261   -1.285  1.00 7.89  ? 5   DI  B N7    1 
ATOM   292 C  C5    . DI  B 1 5  ? -3.146  2.455   -1.635  1.00 6.85  ? 5   DI  B C5    1 
ATOM   293 C  C6    . DI  B 1 5  ? -1.759  2.594   -1.347  1.00 6.94  ? 5   DI  B C6    1 
ATOM   294 O  O6    . DI  B 1 5  ? -1.188  3.486   -0.703  1.00 8.21  ? 5   DI  B O6    1 
ATOM   295 N  N1    . DI  B 1 5  ? -1.019  1.542   -1.883  1.00 6.68  ? 5   DI  B N1    1 
ATOM   296 C  C2    . DI  B 1 5  ? -1.531  0.535   -2.652  1.00 7.21  ? 5   DI  B C2    1 
ATOM   297 N  N3    . DI  B 1 5  ? -2.818  0.408   -2.949  1.00 7.52  ? 5   DI  B N3    1 
ATOM   298 C  C4    . DI  B 1 5  ? -3.565  1.379   -2.385  1.00 6.97  ? 5   DI  B C4    1 
ATOM   299 P  P     . DC  B 1 6  ? -8.630  -2.427  -3.657  1.00 9.16  ? 6   DC  B P     1 
ATOM   300 O  OP1   . DC  B 1 6  ? -9.308  -3.210  -4.717  1.00 10.57 ? 6   DC  B OP1   1 
ATOM   301 O  OP2   . DC  B 1 6  ? -9.352  -2.179  -2.397  1.00 9.65  ? 6   DC  B OP2   1 
ATOM   302 O  "O5'" . DC  B 1 6  ? -7.253  -3.109  -3.277  1.00 8.51  ? 6   DC  B "O5'" 1 
ATOM   303 C  "C5'" . DC  B 1 6  ? -6.332  -3.370  -4.343  1.00 7.89  ? 6   DC  B "C5'" 1 
ATOM   304 C  "C4'" . DC  B 1 6  ? -5.015  -3.808  -3.761  1.00 7.44  ? 6   DC  B "C4'" 1 
ATOM   305 O  "O4'" . DC  B 1 6  ? -4.502  -2.729  -2.980  1.00 8.48  ? 6   DC  B "O4'" 1 
ATOM   306 C  "C3'" . DC  B 1 6  ? -5.092  -5.002  -2.807  1.00 8.55  ? 6   DC  B "C3'" 1 
ATOM   307 O  "O3'" . DC  B 1 6  ? -4.357  -6.053  -3.410  1.00 8.84  ? 6   DC  B "O3'" 1 
ATOM   308 C  "C2'" . DC  B 1 6  ? -4.519  -4.500  -1.483  1.00 8.64  ? 6   DC  B "C2'" 1 
ATOM   309 C  "C1'" . DC  B 1 6  ? -3.808  -3.214  -1.843  1.00 8.06  ? 6   DC  B "C1'" 1 
ATOM   310 N  N1    . DC  B 1 6  ? -3.892  -2.169  -0.831  1.00 7.31  ? 6   DC  B N1    1 
ATOM   311 C  C2    . DC  B 1 6  ? -2.726  -1.598  -0.316  1.00 7.94  ? 6   DC  B C2    1 
ATOM   312 O  O2    . DC  B 1 6  ? -1.637  -2.039  -0.680  1.00 8.08  ? 6   DC  B O2    1 
ATOM   313 N  N3    . DC  B 1 6  ? -2.821  -0.492  0.445   1.00 7.21  ? 6   DC  B N3    1 
ATOM   314 C  C4    . DC  B 1 6  ? -4.017  -0.070  0.851   1.00 7.13  ? 6   DC  B C4    1 
ATOM   315 N  N4    . DC  B 1 6  ? -4.063  1.006   1.619   1.00 7.68  ? 6   DC  B N4    1 
ATOM   316 C  C5    . DC  B 1 6  ? -5.226  -0.683  0.397   1.00 6.63  ? 6   DC  B C5    1 
ATOM   317 C  C6    . DC  B 1 6  ? -5.117  -1.713  -0.433  1.00 6.55  ? 6   DC  B C6    1 
ATOM   318 P  P     . DC  B 1 7  ? -4.171  -7.512  -2.761  1.00 9.44  ? 7   DC  B P     1 
ATOM   319 O  OP1   . DC  B 1 7  ? -3.867  -8.441  -3.874  1.00 10.17 ? 7   DC  B OP1   1 
ATOM   320 O  OP2   . DC  B 1 7  ? -5.324  -7.799  -1.863  1.00 9.46  ? 7   DC  B OP2   1 
ATOM   321 O  "O5'" . DC  B 1 7  ? -2.887  -7.367  -1.824  1.00 9.64  ? 7   DC  B "O5'" 1 
ATOM   322 C  "C5'" . DC  B 1 7  ? -1.628  -6.974  -2.371  1.00 8.20  ? 7   DC  B "C5'" 1 
ATOM   323 C  "C4'" . DC  B 1 7  ? -0.682  -6.677  -1.233  1.00 8.54  ? 7   DC  B "C4'" 1 
ATOM   324 O  "O4'" . DC  B 1 7  ? -1.167  -5.496  -0.542  1.00 8.52  ? 7   DC  B "O4'" 1 
ATOM   325 C  "C3'" . DC  B 1 7  ? -0.568  -7.759  -0.151  1.00 8.52  ? 7   DC  B "C3'" 1 
ATOM   326 O  "O3'" . DC  B 1 7  ? 0.755   -8.273  -0.221  1.00 9.52  ? 7   DC  B "O3'" 1 
ATOM   327 C  "C2'" . DC  B 1 7  ? -0.824  -7.023  1.168   1.00 8.02  ? 7   DC  B "C2'" 1 
ATOM   328 C  "C1'" . DC  B 1 7  ? -0.692  -5.553  0.782   1.00 7.69  ? 7   DC  B "C1'" 1 
ATOM   329 N  N1    . DC  B 1 7  ? -1.533  -4.644  1.583   1.00 7.82  ? 7   DC  B N1    1 
ATOM   330 C  C2    . DC  B 1 7  ? -0.957  -3.573  2.262   1.00 8.08  ? 7   DC  B C2    1 
ATOM   331 O  O2    . DC  B 1 7  ? 0.279   -3.468  2.288   1.00 8.99  ? 7   DC  B O2    1 
ATOM   332 N  N3    . DC  B 1 7  ? -1.757  -2.692  2.908   1.00 6.85  ? 7   DC  B N3    1 
ATOM   333 C  C4    . DC  B 1 7  ? -3.081  -2.810  2.835   1.00 7.09  ? 7   DC  B C4    1 
ATOM   334 N  N4    . DC  B 1 7  ? -3.810  -1.909  3.478   1.00 7.07  ? 7   DC  B N4    1 
ATOM   335 C  C5    . DC  B 1 7  ? -3.700  -3.903  2.164   1.00 7.67  ? 7   DC  B C5    1 
ATOM   336 C  C6    . DC  B 1 7  ? -2.897  -4.783  1.547   1.00 7.10  ? 7   DC  B C6    1 
ATOM   337 P  P     A DT  B 1 8  ? 1.064   -9.661  0.627   0.55 9.65  ? 8   DT  B P     1 
ATOM   338 P  P     B DT  B 1 8  ? 1.321   -9.488  0.565   0.45 10.42 ? 8   DT  B P     1 
ATOM   339 O  OP1   A DT  B 1 8  ? 2.143   -10.384 -0.097  0.55 9.39  ? 8   DT  B OP1   1 
ATOM   340 O  OP1   B DT  B 1 8  ? 2.513   -9.968  -0.162  0.45 10.19 ? 8   DT  B OP1   1 
ATOM   341 O  OP2   A DT  B 1 8  ? -0.201  -10.382 0.924   0.55 10.82 ? 8   DT  B OP2   1 
ATOM   342 O  OP2   B DT  B 1 8  ? 0.223   -10.398 0.876   0.45 9.37  ? 8   DT  B OP2   1 
ATOM   343 O  "O5'" A DT  B 1 8  ? 1.542   -9.092  2.042   0.55 9.40  ? 8   DT  B "O5'" 1 
ATOM   344 O  "O5'" B DT  B 1 8  ? 1.752   -8.866  1.960   0.45 9.80  ? 8   DT  B "O5'" 1 
ATOM   345 C  "C5'" A DT  B 1 8  ? 2.712   -8.282  2.152   0.55 9.86  ? 8   DT  B "C5'" 1 
ATOM   346 C  "C5'" B DT  B 1 8  ? 2.913   -8.080  2.125   0.45 10.46 ? 8   DT  B "C5'" 1 
ATOM   347 C  "C4'" A DT  B 1 8  ? 2.951   -7.966  3.611   0.55 9.23  ? 8   DT  B "C4'" 1 
ATOM   348 C  "C4'" B DT  B 1 8  ? 3.064   -7.816  3.601   0.45 10.36 ? 8   DT  B "C4'" 1 
ATOM   349 O  "O4'" . DT  B 1 8  ? 2.030   -6.910  4.036   1.00 9.47  ? 8   DT  B "O4'" 1 
ATOM   350 C  "C3'" A DT  B 1 8  ? 2.717   -9.160  4.562   0.55 9.42  ? 8   DT  B "C3'" 1 
ATOM   351 C  "C3'" B DT  B 1 8  ? 2.928   -9.041  4.499   0.45 11.22 ? 8   DT  B "C3'" 1 
ATOM   352 O  "O3'" A DT  B 1 8  ? 3.621   -9.199  5.681   0.55 7.62  ? 8   DT  B "O3'" 1 
ATOM   353 O  "O3'" B DT  B 1 8  ? 3.997   -8.907  5.425   0.45 10.88 ? 8   DT  B "O3'" 1 
ATOM   354 C  "C2'" A DT  B 1 8  ? 1.359   -8.867  5.152   0.55 8.84  ? 8   DT  B "C2'" 1 
ATOM   355 C  "C2'" B DT  B 1 8  ? 1.566   -8.857  5.170   0.45 9.85  ? 8   DT  B "C2'" 1 
ATOM   356 C  "C1'" A DT  B 1 8  ? 1.437   -7.351  5.260   0.55 8.98  ? 8   DT  B "C1'" 1 
ATOM   357 C  "C1'" B DT  B 1 8  ? 1.487   -7.342  5.253   0.45 9.46  ? 8   DT  B "C1'" 1 
ATOM   358 N  N1    . DT  B 1 8  ? 0.172   -6.657  5.411   1.00 7.95  ? 8   DT  B N1    1 
ATOM   359 C  C2    . DT  B 1 8  ? 0.171   -5.439  6.068   1.00 7.52  ? 8   DT  B C2    1 
ATOM   360 O  O2    . DT  B 1 8  ? 1.160   -4.957  6.583   1.00 7.93  ? 8   DT  B O2    1 
ATOM   361 N  N3    . DT  B 1 8  ? -1.033  -4.811  6.099   1.00 7.38  ? 8   DT  B N3    1 
ATOM   362 C  C4    . DT  B 1 8  ? -2.212  -5.247  5.536   1.00 7.20  ? 8   DT  B C4    1 
ATOM   363 O  O4    . DT  B 1 8  ? -3.209  -4.560  5.627   1.00 8.23  ? 8   DT  B O4    1 
ATOM   364 C  C5    . DT  B 1 8  ? -2.146  -6.537  4.872   1.00 7.16  ? 8   DT  B C5    1 
ATOM   365 C  C7    . DT  B 1 8  ? -3.390  -7.126  4.281   1.00 7.57  ? 8   DT  B C7    1 
ATOM   366 C  C6    . DT  B 1 8  ? -0.969  -7.160  4.834   1.00 7.73  ? 8   DT  B C6    1 
ATOM   367 P  P     A DG  B 1 9  ? 4.824   -10.237 5.747   0.55 6.47  ? 9   DG  B P     1 
ATOM   368 P  P     B DG  B 1 9  ? 5.385   -9.645  5.176   0.45 13.68 ? 9   DG  B P     1 
ATOM   369 O  OP1   A DG  B 1 9  ? 5.545   -10.201 4.460   0.55 7.20  ? 9   DG  B OP1   1 
ATOM   370 O  OP1   B DG  B 1 9  ? 6.177   -8.873  4.201   0.45 14.94 ? 9   DG  B OP1   1 
ATOM   371 O  OP2   A DG  B 1 9  ? 4.299   -11.517 6.278   0.55 8.98  ? 9   DG  B OP2   1 
ATOM   372 O  OP2   B DG  B 1 9  ? 5.099   -11.072 4.950   0.45 15.42 ? 9   DG  B OP2   1 
ATOM   373 O  "O5'" A DG  B 1 9  ? 5.721   -9.598  6.872   0.55 7.41  ? 9   DG  B "O5'" 1 
ATOM   374 O  "O5'" B DG  B 1 9  ? 6.089   -9.407  6.581   0.45 11.92 ? 9   DG  B "O5'" 1 
ATOM   375 C  "C5'" A DG  B 1 9  ? 6.493   -8.429  6.635   0.55 7.41  ? 9   DG  B "C5'" 1 
ATOM   376 C  "C5'" B DG  B 1 9  ? 6.527   -8.108  6.978   0.45 10.78 ? 9   DG  B "C5'" 1 
ATOM   377 C  "C4'" A DG  B 1 9  ? 6.729   -7.632  7.903   0.55 7.77  ? 9   DG  B "C4'" 1 
ATOM   378 C  "C4'" B DG  B 1 9  ? 6.128   -7.842  8.412   0.45 9.56  ? 9   DG  B "C4'" 1 
ATOM   379 O  "O4'" A DG  B 1 9  ? 5.482   -7.098  8.425   0.55 7.92  ? 9   DG  B "O4'" 1 
ATOM   380 O  "O4'" B DG  B 1 9  ? 4.701   -7.607  8.497   0.45 8.18  ? 9   DG  B "O4'" 1 
ATOM   381 C  "C3'" A DG  B 1 9  ? 7.348   -8.407  9.062   0.55 7.96  ? 9   DG  B "C3'" 1 
ATOM   382 C  "C3'" B DG  B 1 9  ? 6.409   -8.997  9.371   0.45 8.54  ? 9   DG  B "C3'" 1 
ATOM   383 O  "O3'" A DG  B 1 9  ? 8.143   -7.435  9.777   0.55 8.35  ? 9   DG  B "O3'" 1 
ATOM   384 O  "O3'" B DG  B 1 9  ? 6.701   -8.486  10.670  0.45 8.96  ? 9   DG  B "O3'" 1 
ATOM   385 C  "C2'" A DG  B 1 9  ? 6.133   -8.893  9.832   0.55 8.60  ? 9   DG  B "C2'" 1 
ATOM   386 C  "C2'" B DG  B 1 9  ? 5.059   -9.684  9.490   0.45 8.07  ? 9   DG  B "C2'" 1 
ATOM   387 C  "C1'" A DG  B 1 9  ? 5.080   -7.797  9.609   0.55 8.28  ? 9   DG  B "C1'" 1 
ATOM   388 C  "C1'" B DG  B 1 9  ? 4.136   -8.497  9.463   0.45 7.80  ? 9   DG  B "C1'" 1 
ATOM   389 N  N9    A DG  B 1 9  ? 3.697   -8.227  9.408   0.55 7.53  ? 9   DG  B N9    1 
ATOM   390 N  N9    B DG  B 1 9  ? 2.757   -8.746  9.072   0.45 7.67  ? 9   DG  B N9    1 
ATOM   391 C  C8    A DG  B 1 9  ? 3.253   -9.443  8.948   0.55 8.42  ? 9   DG  B C8    1 
ATOM   392 C  C8    B DG  B 1 9  ? 2.229   -9.851  8.441   0.45 7.94  ? 9   DG  B C8    1 
ATOM   393 N  N7    A DG  B 1 9  ? 1.964   -9.472  8.737   0.55 8.03  ? 9   DG  B N7    1 
ATOM   394 N  N7    B DG  B 1 9  ? 0.975   -9.698  8.113   0.45 8.06  ? 9   DG  B N7    1 
ATOM   395 C  C5    A DG  B 1 9  ? 1.534   -8.190  9.063   0.55 8.13  ? 9   DG  B C5    1 
ATOM   396 C  C5    B DG  B 1 9  ? 0.654   -8.423  8.564   0.45 7.62  ? 9   DG  B C5    1 
ATOM   397 C  C6    A DG  B 1 9  ? 0.235   -7.632  9.056   0.55 8.85  ? 9   DG  B C6    1 
ATOM   398 C  C6    B DG  B 1 9  ? -0.584  -7.727  8.549   0.45 7.68  ? 9   DG  B C6    1 
ATOM   399 O  O6    A DG  B 1 9  ? -0.817  -8.152  8.690   0.55 9.25  ? 9   DG  B O6    1 
ATOM   400 O  O6    B DG  B 1 9  ? -1.664  -8.079  8.050   0.45 7.51  ? 9   DG  B O6    1 
ATOM   401 N  N1    A DG  B 1 9  ? 0.237   -6.313  9.510   0.55 8.23  ? 9   DG  B N1    1 
ATOM   402 N  N1    B DG  B 1 9  ? -0.469  -6.471  9.135   0.45 7.55  ? 9   DG  B N1    1 
ATOM   403 C  C2    A DG  B 1 9  ? 1.358   -5.615  9.892   0.55 8.60  ? 9   DG  B C2    1 
ATOM   404 C  C2    B DG  B 1 9  ? 0.682   -5.955  9.680   0.45 8.41  ? 9   DG  B C2    1 
ATOM   405 N  N2    A DG  B 1 9  ? 1.167   -4.344  10.298  0.55 7.89  ? 9   DG  B N2    1 
ATOM   406 N  N2    B DG  B 1 9  ? 0.593   -4.722  10.199  0.45 9.06  ? 9   DG  B N2    1 
ATOM   407 N  N3    A DG  B 1 9  ? 2.578   -6.124  9.887   0.55 8.27  ? 9   DG  B N3    1 
ATOM   408 N  N3    B DG  B 1 9  ? 1.829   -6.612  9.738   0.45 7.93  ? 9   DG  B N3    1 
ATOM   409 C  C4    A DG  B 1 9  ? 2.592   -7.404  9.458   0.55 8.02  ? 9   DG  B C4    1 
ATOM   410 C  C4    B DG  B 1 9  ? 1.739   -7.833  9.175   0.45 7.59  ? 9   DG  B C4    1 
ATOM   411 P  P     A DG  B 1 10 ? 8.987   -7.823  11.093  0.55 9.47  ? 10  DG  B P     1 
ATOM   412 P  P     B DG  B 1 10 ? 8.205   -8.358  11.156  0.45 8.38  ? 10  DG  B P     1 
ATOM   413 O  OP1   A DG  B 1 10 ? 10.200  -6.971  11.062  0.55 9.45  ? 10  DG  B OP1   1 
ATOM   414 O  OP1   B DG  B 1 10 ? 8.956   -7.571  10.147  0.45 10.58 ? 10  DG  B OP1   1 
ATOM   415 O  OP2   A DG  B 1 10 ? 9.119   -9.296  11.164  0.55 10.07 ? 10  DG  B OP2   1 
ATOM   416 O  OP2   B DG  B 1 10 ? 8.694   -9.685  11.568  0.45 8.93  ? 10  DG  B OP2   1 
ATOM   417 O  "O5'" A DG  B 1 10 ? 8.010   -7.407  12.277  0.55 8.82  ? 10  DG  B "O5'" 1 
ATOM   418 O  "O5'" B DG  B 1 10 ? 8.077   -7.500  12.487  0.45 8.89  ? 10  DG  B "O5'" 1 
ATOM   419 C  "C5'" A DG  B 1 10 ? 7.637   -6.029  12.462  0.55 8.33  ? 10  DG  B "C5'" 1 
ATOM   420 C  "C5'" B DG  B 1 10 ? 7.639   -6.130  12.454  0.45 8.37  ? 10  DG  B "C5'" 1 
ATOM   421 C  "C4'" A DG  B 1 10 ? 6.557   -5.889  13.510  0.55 9.03  ? 10  DG  B "C4'" 1 
ATOM   422 C  "C4'" B DG  B 1 10 ? 6.572   -5.907  13.498  0.45 9.07  ? 10  DG  B "C4'" 1 
ATOM   423 O  "O4'" . DG  B 1 10 ? 5.345   -6.487  12.993  1.00 9.26  ? 10  DG  B "O4'" 1 
ATOM   424 C  "C3'" . DG  B 1 10 ? 6.843   -6.590  14.845  1.00 9.51  ? 10  DG  B "C3'" 1 
ATOM   425 O  "O3'" . DG  B 1 10 ? 6.540   -5.725  15.924  1.00 9.83  ? 10  DG  B "O3'" 1 
ATOM   426 C  "C2'" . DG  B 1 10 ? 5.909   -7.788  14.828  1.00 9.17  ? 10  DG  B "C2'" 1 
ATOM   427 C  "C1'" . DG  B 1 10 ? 4.742   -7.239  14.030  1.00 8.60  ? 10  DG  B "C1'" 1 
ATOM   428 N  N9    . DG  B 1 10 ? 3.888   -8.236  13.417  1.00 7.99  ? 10  DG  B N9    1 
ATOM   429 C  C8    . DG  B 1 10 ? 4.227   -9.493  12.995  1.00 8.59  ? 10  DG  B C8    1 
ATOM   430 N  N7    . DG  B 1 10 ? 3.243   -10.115 12.399  1.00 7.95  ? 10  DG  B N7    1 
ATOM   431 C  C5    . DG  B 1 10 ? 2.181   -9.219  12.461  1.00 7.38  ? 10  DG  B C5    1 
ATOM   432 C  C6    . DG  B 1 10 ? 0.829   -9.360  12.046  1.00 7.58  ? 10  DG  B C6    1 
ATOM   433 O  O6    . DG  B 1 10 ? 0.290   -10.312 11.473  1.00 9.48  ? 10  DG  B O6    1 
ATOM   434 N  N1    . DG  B 1 10 ? 0.079   -8.219  12.354  1.00 7.07  ? 10  DG  B N1    1 
ATOM   435 C  C2    . DG  B 1 10 ? 0.569   -7.095  12.959  1.00 8.16  ? 10  DG  B C2    1 
ATOM   436 N  N2    . DG  B 1 10 ? -0.298  -6.078  13.127  1.00 8.92  ? 10  DG  B N2    1 
ATOM   437 N  N3    . DG  B 1 10 ? 1.816   -6.962  13.367  1.00 8.39  ? 10  DG  B N3    1 
ATOM   438 C  C4    . DG  B 1 10 ? 2.556   -8.064  13.106  1.00 7.97  ? 10  DG  B C4    1 
HETATM 439 MG MG    . MG  C 2 .  ? 4.440   -3.619  3.024   1.00 10.84 ? 101 MG  A MG    1 
HETATM 440 MG MG    . MG  D 2 .  ? -4.046  4.212   4.930   1.00 9.83  ? 102 MG  A MG    1 
HETATM 441 MG MG    . MG  E 2 .  ? -7.272  6.614   12.921  1.00 20.31 ? 103 MG  A MG    1 
HETATM 442 MG MG    . MG  F 2 .  ? 1.289   9.155   -0.051  1.00 10.70 ? 101 MG  B MG    1 
HETATM 443 MG MG    . MG  G 2 .  ? -3.513  -0.289  -7.096  1.00 9.13  ? 102 MG  B MG    1 
HETATM 444 MG MG    . MG  H 2 .  ? 8.159   15.315  -12.504 0.70 16.00 ? 103 MG  B MG    1 
HETATM 445 O  O     . HOH I 3 .  ? -5.887  2.841   9.700   1.00 36.44 ? 201 HOH A O     1 
HETATM 446 O  O     . HOH I 3 .  ? 1.498   -5.540  -12.224 1.00 21.76 ? 202 HOH A O     1 
HETATM 447 O  O     . HOH I 3 .  ? -7.897  -8.260  8.826   1.00 22.68 ? 203 HOH A O     1 
HETATM 448 O  O     . HOH I 3 .  ? 8.387   0.157   8.634   1.00 28.46 ? 204 HOH A O     1 
HETATM 449 O  O     . HOH I 3 .  ? 1.550   3.611   -18.565 0.50 23.34 ? 205 HOH A O     1 
HETATM 450 O  O     . HOH I 3 .  ? -11.259 -2.936  11.716  1.00 11.27 ? 206 HOH A O     1 
HETATM 451 O  O     . HOH I 3 .  ? 0.396   -2.770  -16.020 1.00 22.72 ? 207 HOH A O     1 
HETATM 452 O  O     . HOH I 3 .  ? 7.172   4.625   0.006   1.00 19.85 ? 208 HOH A O     1 
HETATM 453 O  O     . HOH I 3 .  ? 4.183   3.366   13.869  1.00 25.41 ? 209 HOH A O     1 
HETATM 454 O  O     . HOH I 3 .  ? -3.391  -3.008  -10.531 1.00 8.41  ? 210 HOH A O     1 
HETATM 455 O  O     . HOH I 3 .  ? -0.302  -6.048  -8.585  1.00 17.74 ? 211 HOH A O     1 
HETATM 456 O  O     . HOH I 3 .  ? -4.062  2.137   5.018   1.00 15.36 ? 212 HOH A O     1 
HETATM 457 O  O     . HOH I 3 .  ? -3.362  1.154   16.064  1.00 27.17 ? 213 HOH A O     1 
HETATM 458 O  O     . HOH I 3 .  ? -3.506  8.303   -13.514 1.00 35.74 ? 214 HOH A O     1 
HETATM 459 O  O     . HOH I 3 .  ? -8.228  -0.196  16.497  1.00 23.78 ? 215 HOH A O     1 
HETATM 460 O  O     . HOH I 3 .  ? -0.171  5.332   3.590   1.00 14.33 ? 216 HOH A O     1 
HETATM 461 O  O     . HOH I 3 .  ? 0.484   -3.158  -2.037  1.00 15.55 ? 217 HOH A O     1 
HETATM 462 O  O     . HOH I 3 .  ? -2.126  -0.413  -17.274 1.00 24.93 ? 218 HOH A O     1 
HETATM 463 O  O     . HOH I 3 .  ? 5.812   5.133   -6.300  1.00 15.62 ? 219 HOH A O     1 
HETATM 464 O  O     . HOH I 3 .  ? 6.892   5.857   8.712   1.00 18.90 ? 220 HOH A O     1 
HETATM 465 O  O     . HOH I 3 .  ? -0.953  -4.656  -12.809 1.00 17.79 ? 221 HOH A O     1 
HETATM 466 O  O     . HOH I 3 .  ? 7.416   2.341   -3.123  1.00 20.09 ? 222 HOH A O     1 
HETATM 467 O  O     . HOH I 3 .  ? -1.594  0.575   -7.227  1.00 8.34  ? 223 HOH A O     1 
HETATM 468 O  O     . HOH I 3 .  ? 3.760   -2.212  1.751   1.00 9.87  ? 224 HOH A O     1 
HETATM 469 O  O     . HOH I 3 .  ? -3.126  2.821   -9.935  1.00 14.26 ? 225 HOH A O     1 
HETATM 470 O  O     . HOH I 3 .  ? -3.167  4.196   3.252   1.00 13.95 ? 226 HOH A O     1 
HETATM 471 O  O     . HOH I 3 .  ? -3.492  -4.760  14.876  1.00 16.86 ? 227 HOH A O     1 
HETATM 472 O  O     . HOH I 3 .  ? 3.483   2.233   -13.176 1.00 14.07 ? 228 HOH A O     1 
HETATM 473 O  O     . HOH I 3 .  ? -6.902  4.611   12.196  1.00 28.98 ? 229 HOH A O     1 
HETATM 474 O  O     . HOH I 3 .  ? 3.843   7.613   13.155  1.00 12.41 ? 230 HOH A O     1 
HETATM 475 O  O     . HOH I 3 .  ? 6.440   4.909   11.286  1.00 19.43 ? 231 HOH A O     1 
HETATM 476 O  O     . HOH I 3 .  ? -2.327  4.134   5.945   1.00 16.00 ? 232 HOH A O     1 
HETATM 477 O  O     . HOH I 3 .  ? -5.455  1.802   7.929   1.00 16.18 ? 233 HOH A O     1 
HETATM 478 O  O     . HOH I 3 .  ? -8.978  -0.668  10.620  1.00 15.17 ? 234 HOH A O     1 
HETATM 479 O  O     . HOH I 3 .  ? 10.661  1.990   5.267   1.00 17.40 ? 235 HOH A O     1 
HETATM 480 O  O     . HOH I 3 .  ? 4.294   -4.215  -12.302 1.00 17.82 ? 236 HOH A O     1 
HETATM 481 O  O     . HOH I 3 .  ? 3.022   8.179   9.343   1.00 10.43 ? 237 HOH A O     1 
HETATM 482 O  O     . HOH I 3 .  ? 10.906  -0.378  -1.274  1.00 19.59 ? 238 HOH A O     1 
HETATM 483 O  O     . HOH I 3 .  ? 9.703   -2.780  -5.148  1.00 29.51 ? 239 HOH A O     1 
HETATM 484 O  O     . HOH I 3 .  ? 1.366   5.643   7.657   1.00 14.33 ? 240 HOH A O     1 
HETATM 485 O  O     . HOH I 3 .  ? -0.661  -1.335  12.391  1.00 18.29 ? 241 HOH A O     1 
HETATM 486 O  O     . HOH I 3 .  ? -0.765  1.817   -18.299 1.00 30.58 ? 242 HOH A O     1 
HETATM 487 O  O     . HOH I 3 .  ? -5.970  -7.769  6.998   1.00 20.37 ? 243 HOH A O     1 
HETATM 488 O  O     . HOH I 3 .  ? 3.231   -6.627  -2.709  1.00 20.40 ? 244 HOH A O     1 
HETATM 489 O  O     . HOH I 3 .  ? 2.471   -0.945  10.680  0.50 15.46 ? 245 HOH A O     1 
HETATM 490 O  O     . HOH I 3 .  ? 6.138   4.712   -3.448  1.00 14.78 ? 246 HOH A O     1 
HETATM 491 O  O     . HOH I 3 .  ? 1.334   0.209   -15.150 1.00 24.24 ? 247 HOH A O     1 
HETATM 492 O  O     . HOH I 3 .  ? 3.864   5.619   0.133   1.00 22.39 ? 248 HOH A O     1 
HETATM 493 O  O     . HOH I 3 .  ? -3.576  -12.370 8.644   1.00 26.17 ? 249 HOH A O     1 
HETATM 494 O  O     . HOH I 3 .  ? 4.226   -2.177  4.576   1.00 11.41 ? 250 HOH A O     1 
HETATM 495 O  O     . HOH I 3 .  ? -4.256  7.993   -10.172 1.00 27.22 ? 251 HOH A O     1 
HETATM 496 O  O     . HOH I 3 .  ? 5.051   5.099   4.571   1.00 16.91 ? 252 HOH A O     1 
HETATM 497 O  O     . HOH I 3 .  ? 3.171   -1.495  9.246   1.00 20.95 ? 253 HOH A O     1 
HETATM 498 O  O     . HOH I 3 .  ? -10.384 6.299   -17.460 1.00 29.38 ? 254 HOH A O     1 
HETATM 499 O  O     . HOH I 3 .  ? -5.322  2.680   -18.737 1.00 27.32 ? 255 HOH A O     1 
HETATM 500 O  O     . HOH I 3 .  ? 6.280   -1.033  -6.265  1.00 21.41 ? 256 HOH A O     1 
HETATM 501 O  O     . HOH I 3 .  ? -2.215  9.903   -11.876 0.50 19.36 ? 257 HOH A O     1 
HETATM 502 O  O     . HOH I 3 .  ? -3.240  4.801   8.911   1.00 18.92 ? 258 HOH A O     1 
HETATM 503 O  O     . HOH I 3 .  ? -10.746 -3.740  9.251   1.00 24.90 ? 259 HOH A O     1 
HETATM 504 O  O     . HOH I 3 .  ? -11.766 -0.508  13.279  1.00 14.57 ? 260 HOH A O     1 
HETATM 505 O  O     . HOH I 3 .  ? -3.785  0.359   -9.041  1.00 9.05  ? 261 HOH A O     1 
HETATM 506 O  O     . HOH I 3 .  ? 7.217   2.021   11.231  1.00 35.00 ? 262 HOH A O     1 
HETATM 507 O  O     . HOH I 3 .  ? -9.875  0.891   14.058  1.00 29.65 ? 263 HOH A O     1 
HETATM 508 O  O     . HOH I 3 .  ? -4.695  -0.521  -17.847 1.00 32.55 ? 264 HOH A O     1 
HETATM 509 O  O     . HOH I 3 .  ? 9.852   -0.815  -3.738  1.00 27.50 ? 265 HOH A O     1 
HETATM 510 O  O     . HOH I 3 .  ? -1.626  -1.637  15.128  1.00 33.63 ? 266 HOH A O     1 
HETATM 511 O  O     . HOH I 3 .  ? 3.177   0.522   13.342  0.50 22.07 ? 267 HOH A O     1 
HETATM 512 O  O     . HOH I 3 .  ? 4.313   7.527   -1.880  0.50 16.60 ? 268 HOH A O     1 
HETATM 513 O  O     . HOH I 3 .  ? 1.821   7.102   3.382   1.00 24.82 ? 269 HOH A O     1 
HETATM 514 O  O     . HOH I 3 .  ? -2.863  -2.174  -7.941  1.00 9.54  ? 270 HOH A O     1 
HETATM 515 O  O     . HOH I 3 .  ? 2.116   -3.142  -13.770 1.00 24.23 ? 271 HOH A O     1 
HETATM 516 O  O     . HOH I 3 .  ? 4.720   -2.563  7.429   1.00 28.23 ? 272 HOH A O     1 
HETATM 517 O  O     . HOH I 3 .  ? -1.811  7.147   9.352   1.00 18.54 ? 273 HOH A O     1 
HETATM 518 O  O     . HOH I 3 .  ? -0.680  -5.815  -5.824  1.00 19.22 ? 274 HOH A O     1 
HETATM 519 O  O     . HOH I 3 .  ? -3.227  5.594   -21.015 1.00 31.54 ? 275 HOH A O     1 
HETATM 520 O  O     . HOH I 3 .  ? -7.826  -1.732  8.628   1.00 24.87 ? 276 HOH A O     1 
HETATM 521 O  O     . HOH I 3 .  ? 0.005   -8.692  -9.423  1.00 26.87 ? 277 HOH A O     1 
HETATM 522 O  O     . HOH I 3 .  ? -1.011  6.564   6.954   1.00 24.23 ? 278 HOH A O     1 
HETATM 523 O  O     . HOH I 3 .  ? 3.454   -0.842  -13.633 1.00 19.38 ? 279 HOH A O     1 
HETATM 524 O  O     . HOH I 3 .  ? 3.333   6.616   6.038   1.00 18.96 ? 280 HOH A O     1 
HETATM 525 O  O     . HOH I 3 .  ? 1.307   -7.182  -4.623  1.00 21.74 ? 281 HOH A O     1 
HETATM 526 O  O     . HOH I 3 .  ? 8.121   5.990   13.045  1.00 27.80 ? 282 HOH A O     1 
HETATM 527 O  O     . HOH I 3 .  ? 7.529   0.904   -5.141  1.00 29.24 ? 283 HOH A O     1 
HETATM 528 O  O     . HOH I 3 .  ? -4.049  6.305   4.975   1.00 14.67 ? 284 HOH A O     1 
HETATM 529 O  O     . HOH J 3 .  ? 10.992  -5.952  10.720  0.45 10.87 ? 201 HOH B O     1 
HETATM 530 O  O     . HOH J 3 .  ? 6.706   -8.676  2.581   0.55 16.77 ? 202 HOH B O     1 
HETATM 531 O  O     . HOH J 3 .  ? 4.160   -4.868  10.896  0.70 26.26 ? 203 HOH B O     1 
HETATM 532 O  O     . HOH J 3 .  ? 4.082   -8.771  -1.406  1.00 23.33 ? 204 HOH B O     1 
HETATM 533 O  O     . HOH J 3 .  ? 0.198   -12.039 8.245   1.00 31.07 ? 205 HOH B O     1 
HETATM 534 O  O     . HOH J 3 .  ? 7.323   -11.073 13.102  1.00 17.33 ? 206 HOH B O     1 
HETATM 535 O  O     . HOH J 3 .  ? -2.089  -10.234 6.826   1.00 26.76 ? 207 HOH B O     1 
HETATM 536 O  O     . HOH J 3 .  ? -1.459  -10.047 3.085   1.00 15.90 ? 208 HOH B O     1 
HETATM 537 O  O     . HOH J 3 .  ? -1.528  -12.169 -0.372  1.00 18.73 ? 209 HOH B O     1 
HETATM 538 O  O     . HOH J 3 .  ? 7.909   8.582   -7.602  1.00 22.72 ? 210 HOH B O     1 
HETATM 539 O  O     . HOH J 3 .  ? 2.504   -4.302  3.355   1.00 9.74  ? 211 HOH B O     1 
HETATM 540 O  O     . HOH J 3 .  ? -11.256 -4.933  -4.481  1.00 32.52 ? 212 HOH B O     1 
HETATM 541 O  O     . HOH J 3 .  ? -2.139  -10.261 -4.667  1.00 22.59 ? 213 HOH B O     1 
HETATM 542 O  O     . HOH J 3 .  ? 2.929   11.728  -3.044  1.00 15.89 ? 214 HOH B O     1 
HETATM 543 O  O     . HOH J 3 .  ? 2.564   16.353  -10.763 1.00 29.16 ? 215 HOH B O     1 
HETATM 544 O  O     . HOH J 3 .  ? -10.756 7.087   -4.315  1.00 10.59 ? 216 HOH B O     1 
HETATM 545 O  O     . HOH J 3 .  ? 3.188   -3.258  6.867   0.50 15.03 ? 217 HOH B O     1 
HETATM 546 O  O     . HOH J 3 .  ? 3.768   -12.620 11.649  1.00 17.60 ? 218 HOH B O     1 
HETATM 547 O  O     . HOH J 3 .  ? -5.912  13.898  -1.869  1.00 23.34 ? 219 HOH B O     1 
HETATM 548 O  O     . HOH J 3 .  ? 6.464   -13.243 5.697   1.00 33.07 ? 220 HOH B O     1 
HETATM 549 O  O     . HOH J 3 .  ? 0.948   -12.848 10.932  1.00 24.17 ? 221 HOH B O     1 
HETATM 550 O  O     . HOH J 3 .  ? -0.174  12.987  -1.233  1.00 15.06 ? 222 HOH B O     1 
HETATM 551 O  O     . HOH J 3 .  ? 2.022   -11.399 -2.577  1.00 30.66 ? 223 HOH B O     1 
HETATM 552 O  O     . HOH J 3 .  ? -0.729  15.039  -8.184  1.00 21.77 ? 224 HOH B O     1 
HETATM 553 O  O     . HOH J 3 .  ? -5.769  -10.235 -4.528  1.00 13.43 ? 225 HOH B O     1 
HETATM 554 O  O     . HOH J 3 .  ? 1.119   7.060   -0.332  1.00 11.27 ? 226 HOH B O     1 
HETATM 555 O  O     . HOH J 3 .  ? -9.958  13.063  -3.610  1.00 11.69 ? 227 HOH B O     1 
HETATM 556 O  O     . HOH J 3 .  ? -8.746  -3.765  -7.307  1.00 18.02 ? 228 HOH B O     1 
HETATM 557 O  O     . HOH J 3 .  ? -0.174  10.830  -10.964 1.00 20.10 ? 229 HOH B O     1 
HETATM 558 O  O     . HOH J 3 .  ? 2.370   -4.449  14.241  1.00 20.05 ? 230 HOH B O     1 
HETATM 559 O  O     . HOH J 3 .  ? -8.050  13.153  -6.069  1.00 20.25 ? 231 HOH B O     1 
HETATM 560 O  O     . HOH J 3 .  ? 10.478  -5.354  8.868   1.00 26.06 ? 232 HOH B O     1 
HETATM 561 O  O     . HOH J 3 .  ? -4.477  6.929   -7.550  1.00 21.55 ? 233 HOH B O     1 
HETATM 562 O  O     . HOH J 3 .  ? -7.943  -7.625  -2.671  1.00 27.94 ? 234 HOH B O     1 
HETATM 563 O  O     . HOH J 3 .  ? -9.494  -3.888  -0.248  1.00 20.01 ? 235 HOH B O     1 
HETATM 564 O  O     . HOH J 3 .  ? 3.949   -5.369  6.927   1.00 16.25 ? 236 HOH B O     1 
HETATM 565 O  O     . HOH J 3 .  ? -0.713  9.297   -0.837  1.00 11.20 ? 237 HOH B O     1 
HETATM 566 O  O     . HOH J 3 .  ? -5.909  -4.842  5.126   1.00 14.73 ? 238 HOH B O     1 
HETATM 567 O  O     . HOH J 3 .  ? 1.673   11.623  -12.963 1.00 20.60 ? 239 HOH B O     1 
HETATM 568 O  O     . HOH J 3 .  ? 8.204   -11.916 10.015  1.00 15.75 ? 240 HOH B O     1 
HETATM 569 O  O     . HOH J 3 .  ? -8.326  6.667   0.456   1.00 18.53 ? 241 HOH B O     1 
HETATM 570 O  O     . HOH J 3 .  ? -1.034  5.691   0.966   1.00 12.83 ? 242 HOH B O     1 
HETATM 571 O  O     . HOH J 3 .  ? -4.984  9.562   -0.716  1.00 12.90 ? 243 HOH B O     1 
HETATM 572 O  O     . HOH J 3 .  ? -3.005  -1.139  -5.240  1.00 9.29  ? 244 HOH B O     1 
HETATM 573 O  O     . HOH J 3 .  ? 4.207   -12.231 0.009   1.00 28.08 ? 245 HOH B O     1 
HETATM 574 O  O     . HOH J 3 .  ? 6.158   15.426  -12.350 1.00 19.57 ? 246 HOH B O     1 
HETATM 575 O  O     . HOH J 3 .  ? -4.156  1.420   -6.175  1.00 11.15 ? 247 HOH B O     1 
HETATM 576 O  O     . HOH J 3 .  ? 4.619   -3.708  15.787  1.00 15.30 ? 248 HOH B O     1 
HETATM 577 O  O     . HOH J 3 .  ? -1.731  16.234  -4.670  1.00 23.50 ? 249 HOH B O     1 
HETATM 578 O  O     . HOH J 3 .  ? -3.272  -7.101  -6.274  1.00 23.82 ? 250 HOH B O     1 
HETATM 579 O  O     . HOH J 3 .  ? -1.947  10.071  -8.781  1.00 17.93 ? 251 HOH B O     1 
HETATM 580 O  O     . HOH J 3 .  ? -4.646  4.960   0.930   1.00 14.70 ? 252 HOH B O     1 
HETATM 581 O  O     . HOH J 3 .  ? 2.441   15.676  -5.102  1.00 34.32 ? 253 HOH B O     1 
HETATM 582 O  O     . HOH J 3 .  ? 10.305  -8.230  7.724   1.00 19.04 ? 254 HOH B O     1 
HETATM 583 O  O     . HOH J 3 .  ? 3.929   -12.301 2.651   1.00 33.09 ? 255 HOH B O     1 
HETATM 584 O  O     . HOH J 3 .  ? -9.952  9.377   -2.909  1.00 14.31 ? 256 HOH B O     1 
HETATM 585 O  O     . HOH J 3 .  ? 2.007   9.279   -2.015  1.00 12.08 ? 257 HOH B O     1 
HETATM 586 O  O     . HOH J 3 .  ? -4.757  -7.444  0.930   1.00 14.21 ? 258 HOH B O     1 
HETATM 587 O  O     . HOH J 3 .  ? -5.803  -10.635 -1.622  1.00 12.22 ? 259 HOH B O     1 
HETATM 588 O  O     . HOH J 3 .  ? 5.968   11.171  -6.763  1.00 28.03 ? 260 HOH B O     1 
HETATM 589 O  O     . HOH J 3 .  ? 4.224   8.013   -4.228  1.00 22.32 ? 261 HOH B O     1 
HETATM 590 O  O     . HOH J 3 .  ? 8.361   14.215  -10.458 1.00 29.64 ? 262 HOH B O     1 
HETATM 591 O  O     . HOH J 3 .  ? 6.138   2.927   -14.568 1.00 19.83 ? 263 HOH B O     1 
HETATM 592 O  O     . HOH J 3 .  ? 11.257  -4.664  12.829  1.00 17.21 ? 264 HOH B O     1 
HETATM 593 O  O     . HOH J 3 .  ? 5.497   -12.433 9.032   1.00 26.09 ? 265 HOH B O     1 
HETATM 594 O  O     . HOH J 3 .  ? -4.174  3.999   -7.064  1.00 24.67 ? 266 HOH B O     1 
HETATM 595 O  O     . HOH J 3 .  ? 3.490   13.723  -13.223 1.00 20.28 ? 267 HOH B O     1 
HETATM 596 O  O     . HOH J 3 .  ? -12.349 -3.588  -2.504  1.00 33.63 ? 268 HOH B O     1 
HETATM 597 O  O     . HOH J 3 .  ? -5.868  14.603  -5.705  1.00 33.34 ? 269 HOH B O     1 
HETATM 598 O  O     . HOH J 3 .  ? 4.993   -5.097  4.380   1.00 11.07 ? 270 HOH B O     1 
HETATM 599 O  O     . HOH J 3 .  ? -5.456  -0.975  -7.047  1.00 9.30  ? 271 HOH B O     1 
HETATM 600 O  O     . HOH J 3 .  ? -1.208  -3.302  -4.611  1.00 24.17 ? 272 HOH B O     1 
HETATM 601 O  O     . HOH J 3 .  ? 0.187   -4.751  -3.956  0.50 22.35 ? 273 HOH B O     1 
HETATM 602 O  O     . HOH J 3 .  ? -7.552  0.802   -7.900  1.00 16.53 ? 274 HOH B O     1 
HETATM 603 O  O     . HOH J 3 .  ? -4.061  -4.726  -6.959  1.00 17.38 ? 275 HOH B O     1 
HETATM 604 O  O     . HOH J 3 .  ? 2.577   -4.834  -0.587  1.00 16.38 ? 276 HOH B O     1 
HETATM 605 O  O     . HOH J 3 .  ? -6.988  3.388   -7.701  1.00 24.41 ? 277 HOH B O     1 
HETATM 606 O  O     . HOH J 3 .  ? -3.921  -9.870  2.004   1.00 19.63 ? 278 HOH B O     1 
HETATM 607 O  O     . HOH J 3 .  ? 7.349   -2.233  14.024  1.00 31.89 ? 279 HOH B O     1 
HETATM 608 O  O     . HOH J 3 .  ? -4.399  15.159  -3.491  1.00 35.52 ? 280 HOH B O     1 
HETATM 609 O  O     . HOH J 3 .  ? -9.572  6.855   -6.787  1.00 21.23 ? 281 HOH B O     1 
HETATM 610 O  O     . HOH J 3 .  ? -8.319  -10.320 -3.141  1.00 13.79 ? 282 HOH B O     1 
HETATM 611 O  O     . HOH J 3 .  ? -3.717  10.230  -10.312 1.00 24.89 ? 283 HOH B O     1 
HETATM 612 O  O     . HOH J 3 .  ? -10.197 0.758   -7.455  1.00 23.70 ? 284 HOH B O     1 
HETATM 613 O  O     . HOH J 3 .  ? 8.680   -12.633 7.194   1.00 22.74 ? 285 HOH B O     1 
HETATM 614 O  O     . HOH J 3 .  ? -2.827  10.872  0.078   1.00 20.30 ? 286 HOH B O     1 
HETATM 615 O  O     . HOH J 3 .  ? -1.289  -11.702 5.015   1.00 26.08 ? 287 HOH B O     1 
HETATM 616 O  O     . HOH J 3 .  ? 0.427   -9.860  -4.264  1.00 26.41 ? 288 HOH B O     1 
HETATM 617 O  O     . HOH J 3 .  ? -8.286  -9.582  1.049   1.00 27.41 ? 289 HOH B O     1 
HETATM 618 O  O     . HOH J 3 .  ? -2.565  11.775  -10.670 0.50 22.58 ? 290 HOH B O     1 
HETATM 619 O  O     . HOH J 3 .  ? -3.013  7.510   2.383   1.00 26.48 ? 291 HOH B O     1 
HETATM 620 O  O     . HOH J 3 .  ? 5.988   1.014   -16.310 1.00 29.96 ? 292 HOH B O     1 
HETATM 621 O  O     . HOH J 3 .  ? -5.632  7.588   1.103   1.00 21.05 ? 293 HOH B O     1 
HETATM 622 O  O     . HOH J 3 .  ? -6.682  -6.194  2.635   1.00 20.38 ? 294 HOH B O     1 
HETATM 623 O  O     . HOH J 3 .  ? 5.056   10.729  -4.421  1.00 21.42 ? 295 HOH B O     1 
# 
